data_2C2C
# 
_entry.id   2C2C 
# 
_audit_conform.dict_name       mmcif_pdbx.dic 
_audit_conform.dict_version    5.397 
_audit_conform.dict_location   http://mmcif.pdb.org/dictionaries/ascii/mmcif_pdbx.dic 
# 
loop_
_database_2.database_id 
_database_2.database_code 
_database_2.pdbx_database_accession 
_database_2.pdbx_DOI 
PDB   2C2C         pdb_00002c2c 10.2210/pdb2c2c/pdb 
WWPDB D_1000177882 ?            ?                   
# 
loop_
_pdbx_audit_revision_history.ordinal 
_pdbx_audit_revision_history.data_content_type 
_pdbx_audit_revision_history.major_revision 
_pdbx_audit_revision_history.minor_revision 
_pdbx_audit_revision_history.revision_date 
1 'Structure model' 1 0 1984-02-02 
2 'Structure model' 1 1 2008-03-24 
3 'Structure model' 1 2 2011-07-13 
4 'Structure model' 1 3 2017-11-29 
5 'Structure model' 2 0 2021-03-03 
6 'Structure model' 2 1 2024-10-23 
# 
_pdbx_audit_revision_details.ordinal             1 
_pdbx_audit_revision_details.revision_ordinal    1 
_pdbx_audit_revision_details.data_content_type   'Structure model' 
_pdbx_audit_revision_details.provider            repository 
_pdbx_audit_revision_details.type                'Initial release' 
_pdbx_audit_revision_details.description         ? 
_pdbx_audit_revision_details.details             ? 
# 
loop_
_pdbx_audit_revision_group.ordinal 
_pdbx_audit_revision_group.revision_ordinal 
_pdbx_audit_revision_group.data_content_type 
_pdbx_audit_revision_group.group 
1  2 'Structure model' 'Version format compliance' 
2  3 'Structure model' 'Version format compliance' 
3  4 'Structure model' 'Derived calculations'      
4  4 'Structure model' Other                       
5  5 'Structure model' Advisory                    
6  5 'Structure model' 'Atomic model'              
7  5 'Structure model' 'Data collection'           
8  5 'Structure model' 'Database references'       
9  5 'Structure model' 'Derived calculations'      
10 5 'Structure model' 'Non-polymer description'   
11 5 'Structure model' 'Structure summary'         
12 6 'Structure model' 'Data collection'           
13 6 'Structure model' 'Database references'       
14 6 'Structure model' 'Structure summary'         
# 
loop_
_pdbx_audit_revision_category.ordinal 
_pdbx_audit_revision_category.revision_ordinal 
_pdbx_audit_revision_category.data_content_type 
_pdbx_audit_revision_category.category 
1  4 'Structure model' pdbx_database_status        
2  4 'Structure model' struct_conf                 
3  4 'Structure model' struct_conf_type            
4  5 'Structure model' atom_site                   
5  5 'Structure model' chem_comp                   
6  5 'Structure model' database_PDB_caveat         
7  5 'Structure model' entity                      
8  5 'Structure model' pdbx_distant_solvent_atoms  
9  5 'Structure model' pdbx_entity_nonpoly         
10 5 'Structure model' pdbx_nonpoly_scheme         
11 5 'Structure model' pdbx_struct_conn_angle      
12 5 'Structure model' pdbx_validate_close_contact 
13 5 'Structure model' struct_conn                 
14 5 'Structure model' struct_ref_seq_dif          
15 5 'Structure model' struct_site                 
16 6 'Structure model' chem_comp_atom              
17 6 'Structure model' chem_comp_bond              
18 6 'Structure model' database_2                  
19 6 'Structure model' pdbx_entry_details          
20 6 'Structure model' pdbx_modification_feature   
# 
loop_
_pdbx_audit_revision_item.ordinal 
_pdbx_audit_revision_item.revision_ordinal 
_pdbx_audit_revision_item.data_content_type 
_pdbx_audit_revision_item.item 
1  4 'Structure model' '_pdbx_database_status.process_site'          
2  5 'Structure model' '_atom_site.B_iso_or_equiv'                   
3  5 'Structure model' '_atom_site.Cartn_x'                          
4  5 'Structure model' '_atom_site.Cartn_y'                          
5  5 'Structure model' '_atom_site.Cartn_z'                          
6  5 'Structure model' '_atom_site.auth_atom_id'                     
7  5 'Structure model' '_atom_site.auth_comp_id'                     
8  5 'Structure model' '_atom_site.label_atom_id'                    
9  5 'Structure model' '_atom_site.label_comp_id'                    
10 5 'Structure model' '_atom_site.type_symbol'                      
11 5 'Structure model' '_chem_comp.formula'                          
12 5 'Structure model' '_chem_comp.formula_weight'                   
13 5 'Structure model' '_chem_comp.id'                               
14 5 'Structure model' '_chem_comp.name'                             
15 5 'Structure model' '_chem_comp.pdbx_synonyms'                    
16 5 'Structure model' '_entity.formula_weight'                      
17 5 'Structure model' '_entity.pdbx_description'                    
18 5 'Structure model' '_pdbx_entity_nonpoly.comp_id'                
19 5 'Structure model' '_pdbx_entity_nonpoly.name'                   
20 5 'Structure model' '_pdbx_nonpoly_scheme.mon_id'                 
21 5 'Structure model' '_pdbx_nonpoly_scheme.pdb_mon_id'             
22 5 'Structure model' '_pdbx_struct_conn_angle.ptnr1_auth_comp_id'  
23 5 'Structure model' '_pdbx_struct_conn_angle.ptnr1_label_comp_id' 
24 5 'Structure model' '_pdbx_struct_conn_angle.ptnr2_auth_comp_id'  
25 5 'Structure model' '_pdbx_struct_conn_angle.ptnr2_label_comp_id' 
26 5 'Structure model' '_pdbx_struct_conn_angle.ptnr3_auth_comp_id'  
27 5 'Structure model' '_pdbx_struct_conn_angle.ptnr3_label_comp_id' 
28 5 'Structure model' '_pdbx_validate_close_contact.auth_comp_id_2' 
29 5 'Structure model' '_struct_conn.pdbx_leaving_atom_flag'         
30 5 'Structure model' '_struct_conn.ptnr1_auth_comp_id'             
31 5 'Structure model' '_struct_conn.ptnr1_auth_seq_id'              
32 5 'Structure model' '_struct_conn.ptnr1_label_asym_id'            
33 5 'Structure model' '_struct_conn.ptnr1_label_atom_id'            
34 5 'Structure model' '_struct_conn.ptnr1_label_comp_id'            
35 5 'Structure model' '_struct_conn.ptnr1_label_seq_id'             
36 5 'Structure model' '_struct_conn.ptnr2_auth_comp_id'             
37 5 'Structure model' '_struct_conn.ptnr2_auth_seq_id'              
38 5 'Structure model' '_struct_conn.ptnr2_label_asym_id'            
39 5 'Structure model' '_struct_conn.ptnr2_label_atom_id'            
40 5 'Structure model' '_struct_conn.ptnr2_label_comp_id'            
41 5 'Structure model' '_struct_conn.ptnr2_label_seq_id'             
42 5 'Structure model' '_struct_ref_seq_dif.details'                 
43 5 'Structure model' '_struct_site.details'                        
44 5 'Structure model' '_struct_site.pdbx_auth_asym_id'              
45 5 'Structure model' '_struct_site.pdbx_auth_comp_id'              
46 5 'Structure model' '_struct_site.pdbx_auth_seq_id'               
47 6 'Structure model' '_database_2.pdbx_DOI'                        
48 6 'Structure model' '_database_2.pdbx_database_accession'         
# 
loop_
_database_PDB_caveat.id 
_database_PDB_caveat.text 
1 'THR A 39 HAS WRONG CHIRALITY AT ATOM CB'  
2 'THR A 110 HAS WRONG CHIRALITY AT ATOM CB' 
3 'LYS A 112 HAS WRONG CHIRALITY AT ATOM CA' 
# 
_pdbx_database_PDB_obs_spr.id               SPRSDE 
_pdbx_database_PDB_obs_spr.date             1984-02-02 
_pdbx_database_PDB_obs_spr.pdb_id           2C2C 
_pdbx_database_PDB_obs_spr.replace_pdb_id   1C2C 
_pdbx_database_PDB_obs_spr.details          ? 
# 
_pdbx_database_status.status_code                     REL 
_pdbx_database_status.entry_id                        2C2C 
_pdbx_database_status.recvd_initial_deposition_date   1983-11-03 
_pdbx_database_status.deposit_site                    ? 
_pdbx_database_status.process_site                    BNL 
_pdbx_database_status.status_code_sf                  REL 
_pdbx_database_status.status_code_mr                  ? 
_pdbx_database_status.SG_entry                        ? 
_pdbx_database_status.pdb_format_compatible           Y 
_pdbx_database_status.status_code_cs                  ? 
_pdbx_database_status.methods_development_category    ? 
_pdbx_database_status.status_code_nmr_data            ? 
# 
loop_
_audit_author.name 
_audit_author.pdbx_ordinal 
'Bhatia, G.'   1 
'Finzel, B.C.' 2 
'Kraut, J.'    3 
# 
loop_
_citation.id 
_citation.title 
_citation.journal_abbrev 
_citation.journal_volume 
_citation.page_first 
_citation.page_last 
_citation.year 
_citation.journal_id_ASTM 
_citation.country 
_citation.journal_id_ISSN 
_citation.journal_id_CSD 
_citation.book_publisher 
_citation.pdbx_database_id_PubMed 
_citation.pdbx_database_id_DOI 
primary 'Refinement of the Crystal Structure of Oxidized Rhodospirillum Rubrum Cytochrome C2' Thesis       ?   ?    ? 1981 ?      
US ?         0914 ? -1 ? 
1       'The Structure of Oxidized Cytochrome C2 of Rhodospirillum Rubrum'                    J.Biol.Chem. 248 3910 ? 1973 JBCHA3 
US 0021-9258 0071 ? ?  ? 
# 
loop_
_citation_author.citation_id 
_citation_author.name 
_citation_author.ordinal 
_citation_author.identifier_ORCID 
primary 'Bhatia, G.E.'  1 ? 
1       'Salemme, F.R.' 2 ? 
1       'Freer, S.T.'   3 ? 
1       'Xuong, N.H.'   4 ? 
1       'Alden, R.A.'   5 ? 
1       'Kraut, J.'     6 ? 
# 
loop_
_entity.id 
_entity.type 
_entity.src_method 
_entity.pdbx_description 
_entity.formula_weight 
_entity.pdbx_number_of_molecules 
_entity.pdbx_ec 
_entity.pdbx_mutation 
_entity.pdbx_fragment 
_entity.details 
1 polymer     man 'CYTOCHROME C2' 12260.898 1  ? ? ? ? 
2 non-polymer syn 'HEME C'        618.503   1  ? ? ? ? 
3 water       nat water           18.015    87 ? ? ? ? 
# 
_entity_poly.entity_id                      1 
_entity_poly.type                           'polypeptide(L)' 
_entity_poly.nstd_linkage                   no 
_entity_poly.nstd_monomer                   no 
_entity_poly.pdbx_seq_one_letter_code       
;EGDAAAGEKVSKKCLACHTFDQGGANKVGPNLFGVFENTAAHKDNYAYSESYTEMKAKGLTWTEANLAAYVKNPKAFVLE
KSGDPKAKSKMTFKLTKDDEIENVIAYLKTLK
;
_entity_poly.pdbx_seq_one_letter_code_can   
;EGDAAAGEKVSKKCLACHTFDQGGANKVGPNLFGVFENTAAHKDNYAYSESYTEMKAKGLTWTEANLAAYVKNPKAFVLE
KSGDPKAKSKMTFKLTKDDEIENVIAYLKTLK
;
_entity_poly.pdbx_strand_id                 A 
_entity_poly.pdbx_target_identifier         ? 
# 
loop_
_pdbx_entity_nonpoly.entity_id 
_pdbx_entity_nonpoly.name 
_pdbx_entity_nonpoly.comp_id 
2 'HEME C' HEC 
3 water    HOH 
# 
loop_
_entity_poly_seq.entity_id 
_entity_poly_seq.num 
_entity_poly_seq.mon_id 
_entity_poly_seq.hetero 
1 1   GLU n 
1 2   GLY n 
1 3   ASP n 
1 4   ALA n 
1 5   ALA n 
1 6   ALA n 
1 7   GLY n 
1 8   GLU n 
1 9   LYS n 
1 10  VAL n 
1 11  SER n 
1 12  LYS n 
1 13  LYS n 
1 14  CYS n 
1 15  LEU n 
1 16  ALA n 
1 17  CYS n 
1 18  HIS n 
1 19  THR n 
1 20  PHE n 
1 21  ASP n 
1 22  GLN n 
1 23  GLY n 
1 24  GLY n 
1 25  ALA n 
1 26  ASN n 
1 27  LYS n 
1 28  VAL n 
1 29  GLY n 
1 30  PRO n 
1 31  ASN n 
1 32  LEU n 
1 33  PHE n 
1 34  GLY n 
1 35  VAL n 
1 36  PHE n 
1 37  GLU n 
1 38  ASN n 
1 39  THR n 
1 40  ALA n 
1 41  ALA n 
1 42  HIS n 
1 43  LYS n 
1 44  ASP n 
1 45  ASN n 
1 46  TYR n 
1 47  ALA n 
1 48  TYR n 
1 49  SER n 
1 50  GLU n 
1 51  SER n 
1 52  TYR n 
1 53  THR n 
1 54  GLU n 
1 55  MET n 
1 56  LYS n 
1 57  ALA n 
1 58  LYS n 
1 59  GLY n 
1 60  LEU n 
1 61  THR n 
1 62  TRP n 
1 63  THR n 
1 64  GLU n 
1 65  ALA n 
1 66  ASN n 
1 67  LEU n 
1 68  ALA n 
1 69  ALA n 
1 70  TYR n 
1 71  VAL n 
1 72  LYS n 
1 73  ASN n 
1 74  PRO n 
1 75  LYS n 
1 76  ALA n 
1 77  PHE n 
1 78  VAL n 
1 79  LEU n 
1 80  GLU n 
1 81  LYS n 
1 82  SER n 
1 83  GLY n 
1 84  ASP n 
1 85  PRO n 
1 86  LYS n 
1 87  ALA n 
1 88  LYS n 
1 89  SER n 
1 90  LYS n 
1 91  MET n 
1 92  THR n 
1 93  PHE n 
1 94  LYS n 
1 95  LEU n 
1 96  THR n 
1 97  LYS n 
1 98  ASP n 
1 99  ASP n 
1 100 GLU n 
1 101 ILE n 
1 102 GLU n 
1 103 ASN n 
1 104 VAL n 
1 105 ILE n 
1 106 ALA n 
1 107 TYR n 
1 108 LEU n 
1 109 LYS n 
1 110 THR n 
1 111 LEU n 
1 112 LYS n 
# 
_entity_src_gen.entity_id                          1 
_entity_src_gen.pdbx_src_id                        1 
_entity_src_gen.pdbx_alt_source_flag               sample 
_entity_src_gen.pdbx_seq_type                      ? 
_entity_src_gen.pdbx_beg_seq_num                   ? 
_entity_src_gen.pdbx_end_seq_num                   ? 
_entity_src_gen.gene_src_common_name               ? 
_entity_src_gen.gene_src_genus                     Rhodospirillum 
_entity_src_gen.pdbx_gene_src_gene                 ? 
_entity_src_gen.gene_src_species                   ? 
_entity_src_gen.gene_src_strain                    ? 
_entity_src_gen.gene_src_tissue                    ? 
_entity_src_gen.gene_src_tissue_fraction           ? 
_entity_src_gen.gene_src_details                   ? 
_entity_src_gen.pdbx_gene_src_fragment             ? 
_entity_src_gen.pdbx_gene_src_scientific_name      'Rhodospirillum rubrum' 
_entity_src_gen.pdbx_gene_src_ncbi_taxonomy_id     1085 
_entity_src_gen.pdbx_gene_src_variant              ? 
_entity_src_gen.pdbx_gene_src_cell_line            ? 
_entity_src_gen.pdbx_gene_src_atcc                 ? 
_entity_src_gen.pdbx_gene_src_organ                ? 
_entity_src_gen.pdbx_gene_src_organelle            ? 
_entity_src_gen.pdbx_gene_src_cell                 ? 
_entity_src_gen.pdbx_gene_src_cellular_location    ? 
_entity_src_gen.host_org_common_name               ? 
_entity_src_gen.pdbx_host_org_scientific_name      ? 
_entity_src_gen.pdbx_host_org_ncbi_taxonomy_id     ? 
_entity_src_gen.host_org_genus                     ? 
_entity_src_gen.pdbx_host_org_gene                 ? 
_entity_src_gen.pdbx_host_org_organ                ? 
_entity_src_gen.host_org_species                   ? 
_entity_src_gen.pdbx_host_org_tissue               ? 
_entity_src_gen.pdbx_host_org_tissue_fraction      ? 
_entity_src_gen.pdbx_host_org_strain               ? 
_entity_src_gen.pdbx_host_org_variant              ? 
_entity_src_gen.pdbx_host_org_cell_line            ? 
_entity_src_gen.pdbx_host_org_atcc                 ? 
_entity_src_gen.pdbx_host_org_culture_collection   ? 
_entity_src_gen.pdbx_host_org_cell                 ? 
_entity_src_gen.pdbx_host_org_organelle            ? 
_entity_src_gen.pdbx_host_org_cellular_location    ? 
_entity_src_gen.pdbx_host_org_vector_type          ? 
_entity_src_gen.pdbx_host_org_vector               ? 
_entity_src_gen.host_org_details                   ? 
_entity_src_gen.expression_system_id               ? 
_entity_src_gen.plasmid_name                       ? 
_entity_src_gen.plasmid_details                    ? 
_entity_src_gen.pdbx_description                   ? 
# 
loop_
_chem_comp.id 
_chem_comp.type 
_chem_comp.mon_nstd_flag 
_chem_comp.name 
_chem_comp.pdbx_synonyms 
_chem_comp.formula 
_chem_comp.formula_weight 
ALA 'L-peptide linking' y ALANINE         ? 'C3 H7 N O2'       89.093  
ASN 'L-peptide linking' y ASPARAGINE      ? 'C4 H8 N2 O3'      132.118 
ASP 'L-peptide linking' y 'ASPARTIC ACID' ? 'C4 H7 N O4'       133.103 
CYS 'L-peptide linking' y CYSTEINE        ? 'C3 H7 N O2 S'     121.158 
GLN 'L-peptide linking' y GLUTAMINE       ? 'C5 H10 N2 O3'     146.144 
GLU 'L-peptide linking' y 'GLUTAMIC ACID' ? 'C5 H9 N O4'       147.129 
GLY 'peptide linking'   y GLYCINE         ? 'C2 H5 N O2'       75.067  
HEC non-polymer         . 'HEME C'        ? 'C34 H34 Fe N4 O4' 618.503 
HIS 'L-peptide linking' y HISTIDINE       ? 'C6 H10 N3 O2 1'   156.162 
HOH non-polymer         . WATER           ? 'H2 O'             18.015  
ILE 'L-peptide linking' y ISOLEUCINE      ? 'C6 H13 N O2'      131.173 
LEU 'L-peptide linking' y LEUCINE         ? 'C6 H13 N O2'      131.173 
LYS 'L-peptide linking' y LYSINE          ? 'C6 H15 N2 O2 1'   147.195 
MET 'L-peptide linking' y METHIONINE      ? 'C5 H11 N O2 S'    149.211 
PHE 'L-peptide linking' y PHENYLALANINE   ? 'C9 H11 N O2'      165.189 
PRO 'L-peptide linking' y PROLINE         ? 'C5 H9 N O2'       115.130 
SER 'L-peptide linking' y SERINE          ? 'C3 H7 N O3'       105.093 
THR 'L-peptide linking' y THREONINE       ? 'C4 H9 N O3'       119.119 
TRP 'L-peptide linking' y TRYPTOPHAN      ? 'C11 H12 N2 O2'    204.225 
TYR 'L-peptide linking' y TYROSINE        ? 'C9 H11 N O3'      181.189 
VAL 'L-peptide linking' y VALINE          ? 'C5 H11 N O2'      117.146 
# 
loop_
_pdbx_poly_seq_scheme.asym_id 
_pdbx_poly_seq_scheme.entity_id 
_pdbx_poly_seq_scheme.seq_id 
_pdbx_poly_seq_scheme.mon_id 
_pdbx_poly_seq_scheme.ndb_seq_num 
_pdbx_poly_seq_scheme.pdb_seq_num 
_pdbx_poly_seq_scheme.auth_seq_num 
_pdbx_poly_seq_scheme.pdb_mon_id 
_pdbx_poly_seq_scheme.auth_mon_id 
_pdbx_poly_seq_scheme.pdb_strand_id 
_pdbx_poly_seq_scheme.pdb_ins_code 
_pdbx_poly_seq_scheme.hetero 
A 1 1   GLU 1   1   1   GLU GLU A . n 
A 1 2   GLY 2   2   2   GLY GLY A . n 
A 1 3   ASP 3   3   3   ASP ASP A . n 
A 1 4   ALA 4   4   4   ALA ALA A . n 
A 1 5   ALA 5   5   5   ALA ALA A . n 
A 1 6   ALA 6   6   6   ALA ALA A . n 
A 1 7   GLY 7   7   7   GLY GLY A . n 
A 1 8   GLU 8   8   8   GLU GLU A . n 
A 1 9   LYS 9   9   9   LYS LYS A . n 
A 1 10  VAL 10  10  10  VAL VAL A . n 
A 1 11  SER 11  11  11  SER SER A . n 
A 1 12  LYS 12  12  12  LYS LYS A . n 
A 1 13  LYS 13  13  13  LYS LYS A . n 
A 1 14  CYS 14  14  14  CYS CYS A . n 
A 1 15  LEU 15  15  15  LEU LEU A . n 
A 1 16  ALA 16  16  16  ALA ALA A . n 
A 1 17  CYS 17  17  17  CYS CYS A . n 
A 1 18  HIS 18  18  18  HIS HIS A . n 
A 1 19  THR 19  19  19  THR THR A . n 
A 1 20  PHE 20  20  20  PHE PHE A . n 
A 1 21  ASP 21  21  21  ASP ASP A . n 
A 1 22  GLN 22  22  22  GLN GLN A . n 
A 1 23  GLY 23  23  23  GLY GLY A . n 
A 1 24  GLY 24  24  24  GLY GLY A . n 
A 1 25  ALA 25  25  25  ALA ALA A . n 
A 1 26  ASN 26  26  26  ASN ASN A . n 
A 1 27  LYS 27  27  27  LYS LYS A . n 
A 1 28  VAL 28  28  28  VAL VAL A . n 
A 1 29  GLY 29  29  29  GLY GLY A . n 
A 1 30  PRO 30  30  30  PRO PRO A . n 
A 1 31  ASN 31  31  31  ASN ASN A . n 
A 1 32  LEU 32  32  32  LEU LEU A . n 
A 1 33  PHE 33  33  33  PHE PHE A . n 
A 1 34  GLY 34  34  34  GLY GLY A . n 
A 1 35  VAL 35  35  35  VAL VAL A . n 
A 1 36  PHE 36  36  36  PHE PHE A . n 
A 1 37  GLU 37  37  37  GLU GLU A . n 
A 1 38  ASN 38  38  38  ASN ASN A . n 
A 1 39  THR 39  39  39  THR THR A . n 
A 1 40  ALA 40  40  40  ALA ALA A . n 
A 1 41  ALA 41  41  41  ALA ALA A . n 
A 1 42  HIS 42  42  42  HIS HIS A . n 
A 1 43  LYS 43  43  43  LYS LYS A . n 
A 1 44  ASP 44  44  44  ASP ASP A . n 
A 1 45  ASN 45  45  45  ASN ASN A . n 
A 1 46  TYR 46  46  46  TYR TYR A . n 
A 1 47  ALA 47  47  47  ALA ALA A . n 
A 1 48  TYR 48  48  48  TYR TYR A . n 
A 1 49  SER 49  49  49  SER SER A . n 
A 1 50  GLU 50  50  50  GLU GLU A . n 
A 1 51  SER 51  51  51  SER SER A . n 
A 1 52  TYR 52  52  52  TYR TYR A . n 
A 1 53  THR 53  53  53  THR THR A . n 
A 1 54  GLU 54  54  54  GLU GLU A . n 
A 1 55  MET 55  55  55  MET MET A . n 
A 1 56  LYS 56  56  56  LYS LYS A . n 
A 1 57  ALA 57  57  57  ALA ALA A . n 
A 1 58  LYS 58  58  58  LYS LYS A . n 
A 1 59  GLY 59  59  59  GLY GLY A . n 
A 1 60  LEU 60  60  60  LEU LEU A . n 
A 1 61  THR 61  61  61  THR THR A . n 
A 1 62  TRP 62  62  62  TRP TRP A . n 
A 1 63  THR 63  63  63  THR THR A . n 
A 1 64  GLU 64  64  64  GLU GLU A . n 
A 1 65  ALA 65  65  65  ALA ALA A . n 
A 1 66  ASN 66  66  66  ASN ASN A . n 
A 1 67  LEU 67  67  67  LEU LEU A . n 
A 1 68  ALA 68  68  68  ALA ALA A . n 
A 1 69  ALA 69  69  69  ALA ALA A . n 
A 1 70  TYR 70  70  70  TYR TYR A . n 
A 1 71  VAL 71  71  71  VAL VAL A . n 
A 1 72  LYS 72  72  72  LYS LYS A . n 
A 1 73  ASN 73  73  73  ASN ASN A . n 
A 1 74  PRO 74  74  74  PRO PRO A . n 
A 1 75  LYS 75  75  75  LYS LYS A . n 
A 1 76  ALA 76  76  76  ALA ALA A . n 
A 1 77  PHE 77  77  77  PHE PHE A . n 
A 1 78  VAL 78  78  78  VAL VAL A . n 
A 1 79  LEU 79  79  79  LEU LEU A . n 
A 1 80  GLU 80  80  80  GLU GLU A . n 
A 1 81  LYS 81  81  81  LYS LYS A . n 
A 1 82  SER 82  82  82  SER SER A . n 
A 1 83  GLY 83  83  83  GLY GLY A . n 
A 1 84  ASP 84  84  84  ASP ASP A . n 
A 1 85  PRO 85  85  85  PRO PRO A . n 
A 1 86  LYS 86  86  86  LYS LYS A . n 
A 1 87  ALA 87  87  87  ALA ALA A . n 
A 1 88  LYS 88  88  88  LYS LYS A . n 
A 1 89  SER 89  89  89  SER SER A . n 
A 1 90  LYS 90  90  90  LYS LYS A . n 
A 1 91  MET 91  91  91  MET MET A . n 
A 1 92  THR 92  92  92  THR THR A . n 
A 1 93  PHE 93  93  93  PHE PHE A . n 
A 1 94  LYS 94  94  94  LYS LYS A . n 
A 1 95  LEU 95  95  95  LEU LEU A . n 
A 1 96  THR 96  96  96  THR THR A . n 
A 1 97  LYS 97  97  97  LYS LYS A . n 
A 1 98  ASP 98  98  98  ASP ASP A . n 
A 1 99  ASP 99  99  99  ASP ASP A . n 
A 1 100 GLU 100 100 100 GLU GLU A . n 
A 1 101 ILE 101 101 101 ILE ILE A . n 
A 1 102 GLU 102 102 102 GLU GLU A . n 
A 1 103 ASN 103 103 103 ASN ASN A . n 
A 1 104 VAL 104 104 104 VAL VAL A . n 
A 1 105 ILE 105 105 105 ILE ILE A . n 
A 1 106 ALA 106 106 106 ALA ALA A . n 
A 1 107 TYR 107 107 107 TYR TYR A . n 
A 1 108 LEU 108 108 108 LEU LEU A . n 
A 1 109 LYS 109 109 109 LYS LYS A . n 
A 1 110 THR 110 110 110 THR THR A . n 
A 1 111 LEU 111 111 111 LEU LEU A . n 
A 1 112 LYS 112 112 112 LYS LYS A . n 
# 
loop_
_pdbx_nonpoly_scheme.asym_id 
_pdbx_nonpoly_scheme.entity_id 
_pdbx_nonpoly_scheme.mon_id 
_pdbx_nonpoly_scheme.ndb_seq_num 
_pdbx_nonpoly_scheme.pdb_seq_num 
_pdbx_nonpoly_scheme.auth_seq_num 
_pdbx_nonpoly_scheme.pdb_mon_id 
_pdbx_nonpoly_scheme.auth_mon_id 
_pdbx_nonpoly_scheme.pdb_strand_id 
_pdbx_nonpoly_scheme.pdb_ins_code 
B 2 HEC 1  113 1   HEC HEM A . 
C 3 HOH 1  120 120 HOH HOH A . 
C 3 HOH 2  121 121 HOH HOH A . 
C 3 HOH 3  122 122 HOH HOH A . 
C 3 HOH 4  123 123 HOH HOH A . 
C 3 HOH 5  124 124 HOH HOH A . 
C 3 HOH 6  125 125 HOH HOH A . 
C 3 HOH 7  126 126 HOH HOH A . 
C 3 HOH 8  127 127 HOH HOH A . 
C 3 HOH 9  128 128 HOH HOH A . 
C 3 HOH 10 129 129 HOH HOH A . 
C 3 HOH 11 130 130 HOH HOH A . 
C 3 HOH 12 131 131 HOH HOH A . 
C 3 HOH 13 132 132 HOH HOH A . 
C 3 HOH 14 133 133 HOH HOH A . 
C 3 HOH 15 134 134 HOH HOH A . 
C 3 HOH 16 135 135 HOH HOH A . 
C 3 HOH 17 136 136 HOH HOH A . 
C 3 HOH 18 137 137 HOH HOH A . 
C 3 HOH 19 138 138 HOH HOH A . 
C 3 HOH 20 139 139 HOH HOH A . 
C 3 HOH 21 140 140 HOH HOH A . 
C 3 HOH 22 141 141 HOH HOH A . 
C 3 HOH 23 142 142 HOH HOH A . 
C 3 HOH 24 143 143 HOH HOH A . 
C 3 HOH 25 144 144 HOH HOH A . 
C 3 HOH 26 145 145 HOH HOH A . 
C 3 HOH 27 146 146 HOH HOH A . 
C 3 HOH 28 147 147 HOH HOH A . 
C 3 HOH 29 148 148 HOH HOH A . 
C 3 HOH 30 149 149 HOH HOH A . 
C 3 HOH 31 150 150 HOH HOH A . 
C 3 HOH 32 151 151 HOH HOH A . 
C 3 HOH 33 152 152 HOH HOH A . 
C 3 HOH 34 153 153 HOH HOH A . 
C 3 HOH 35 154 154 HOH HOH A . 
C 3 HOH 36 155 155 HOH HOH A . 
C 3 HOH 37 156 156 HOH HOH A . 
C 3 HOH 38 157 157 HOH HOH A . 
C 3 HOH 39 158 158 HOH HOH A . 
C 3 HOH 40 159 159 HOH HOH A . 
C 3 HOH 41 160 160 HOH HOH A . 
C 3 HOH 42 161 161 HOH HOH A . 
C 3 HOH 43 162 162 HOH HOH A . 
C 3 HOH 44 163 163 HOH HOH A . 
C 3 HOH 45 164 164 HOH HOH A . 
C 3 HOH 46 165 165 HOH HOH A . 
C 3 HOH 47 166 166 HOH HOH A . 
C 3 HOH 48 167 167 HOH HOH A . 
C 3 HOH 49 168 168 HOH HOH A . 
C 3 HOH 50 169 169 HOH HOH A . 
C 3 HOH 51 170 170 HOH HOH A . 
C 3 HOH 52 171 171 HOH HOH A . 
C 3 HOH 53 172 172 HOH HOH A . 
C 3 HOH 54 173 173 HOH HOH A . 
C 3 HOH 55 174 174 HOH HOH A . 
C 3 HOH 56 175 175 HOH HOH A . 
C 3 HOH 57 176 176 HOH HOH A . 
C 3 HOH 58 177 177 HOH HOH A . 
C 3 HOH 59 178 178 HOH HOH A . 
C 3 HOH 60 179 179 HOH HOH A . 
C 3 HOH 61 180 180 HOH HOH A . 
C 3 HOH 62 181 181 HOH HOH A . 
C 3 HOH 63 182 182 HOH HOH A . 
C 3 HOH 64 183 183 HOH HOH A . 
C 3 HOH 65 184 184 HOH HOH A . 
C 3 HOH 66 185 185 HOH HOH A . 
C 3 HOH 67 186 186 HOH HOH A . 
C 3 HOH 68 187 187 HOH HOH A . 
C 3 HOH 69 188 188 HOH HOH A . 
C 3 HOH 70 189 189 HOH HOH A . 
C 3 HOH 71 190 190 HOH HOH A . 
C 3 HOH 72 191 191 HOH HOH A . 
C 3 HOH 73 192 192 HOH HOH A . 
C 3 HOH 74 193 193 HOH HOH A . 
C 3 HOH 75 194 194 HOH HOH A . 
C 3 HOH 76 195 195 HOH HOH A . 
C 3 HOH 77 196 196 HOH HOH A . 
C 3 HOH 78 197 197 HOH HOH A . 
C 3 HOH 79 198 198 HOH HOH A . 
C 3 HOH 80 199 199 HOH HOH A . 
C 3 HOH 81 200 200 HOH HOH A . 
C 3 HOH 82 201 201 HOH HOH A . 
C 3 HOH 83 202 202 HOH HOH A . 
C 3 HOH 84 203 203 HOH HOH A . 
C 3 HOH 85 204 204 HOH HOH A . 
C 3 HOH 86 205 205 HOH HOH A . 
C 3 HOH 87 206 206 HOH HOH A . 
# 
loop_
_pdbx_unobs_or_zero_occ_atoms.id 
_pdbx_unobs_or_zero_occ_atoms.PDB_model_num 
_pdbx_unobs_or_zero_occ_atoms.polymer_flag 
_pdbx_unobs_or_zero_occ_atoms.occupancy_flag 
_pdbx_unobs_or_zero_occ_atoms.auth_asym_id 
_pdbx_unobs_or_zero_occ_atoms.auth_comp_id 
_pdbx_unobs_or_zero_occ_atoms.auth_seq_id 
_pdbx_unobs_or_zero_occ_atoms.PDB_ins_code 
_pdbx_unobs_or_zero_occ_atoms.auth_atom_id 
_pdbx_unobs_or_zero_occ_atoms.label_alt_id 
_pdbx_unobs_or_zero_occ_atoms.label_asym_id 
_pdbx_unobs_or_zero_occ_atoms.label_comp_id 
_pdbx_unobs_or_zero_occ_atoms.label_seq_id 
_pdbx_unobs_or_zero_occ_atoms.label_atom_id 
1  1 Y 1 A GLU 1   ? CG  ? A GLU 1   CG  
2  1 Y 1 A GLU 1   ? CD  ? A GLU 1   CD  
3  1 Y 1 A GLU 1   ? OE1 ? A GLU 1   OE1 
4  1 Y 1 A GLU 1   ? OE2 ? A GLU 1   OE2 
5  1 Y 1 A LYS 12  ? CE  ? A LYS 12  CE  
6  1 Y 1 A LYS 12  ? NZ  ? A LYS 12  NZ  
7  1 Y 1 A LYS 75  ? CG  ? A LYS 75  CG  
8  1 Y 1 A LYS 75  ? CD  ? A LYS 75  CD  
9  1 Y 1 A LYS 75  ? CE  ? A LYS 75  CE  
10 1 Y 1 A LYS 75  ? NZ  ? A LYS 75  NZ  
11 1 Y 1 A GLU 80  ? OE1 ? A GLU 80  OE1 
12 1 Y 1 A GLU 80  ? OE2 ? A GLU 80  OE2 
13 1 Y 1 A LYS 86  ? CD  ? A LYS 86  CD  
14 1 Y 1 A LYS 86  ? CE  ? A LYS 86  CE  
15 1 Y 1 A LYS 86  ? NZ  ? A LYS 86  NZ  
16 1 Y 1 A LYS 88  ? CG  ? A LYS 88  CG  
17 1 Y 1 A LYS 88  ? CD  ? A LYS 88  CD  
18 1 Y 1 A LYS 88  ? CE  ? A LYS 88  CE  
19 1 Y 1 A LYS 88  ? NZ  ? A LYS 88  NZ  
20 1 Y 1 A THR 92  ? OG1 ? A THR 92  OG1 
21 1 Y 1 A THR 92  ? CG2 ? A THR 92  CG2 
22 1 Y 1 A GLU 102 ? CG  ? A GLU 102 CG  
23 1 Y 1 A GLU 102 ? CD  ? A GLU 102 CD  
24 1 Y 1 A GLU 102 ? OE1 ? A GLU 102 OE1 
25 1 Y 1 A GLU 102 ? OE2 ? A GLU 102 OE2 
26 1 Y 1 A LYS 112 ? CG  ? A LYS 112 CG  
27 1 Y 1 A LYS 112 ? CD  ? A LYS 112 CD  
28 1 Y 1 A LYS 112 ? CE  ? A LYS 112 CE  
29 1 Y 1 A LYS 112 ? NZ  ? A LYS 112 NZ  
# 
_software.name             PROLSQ 
_software.classification   refinement 
_software.version          . 
_software.citation_id      ? 
_software.pdbx_ordinal     1 
# 
_cell.entry_id           2C2C 
_cell.length_a           32.220 
_cell.length_b           37.360 
_cell.length_c           84.620 
_cell.angle_alpha        90.00 
_cell.angle_beta         90.00 
_cell.angle_gamma        90.00 
_cell.Z_PDB              4 
_cell.pdbx_unique_axis   ? 
# 
_symmetry.entry_id                         2C2C 
_symmetry.space_group_name_H-M             'P 21 21 21' 
_symmetry.pdbx_full_space_group_name_H-M   ? 
_symmetry.cell_setting                     ? 
_symmetry.Int_Tables_number                19 
# 
_exptl.entry_id          2C2C 
_exptl.method            'X-RAY DIFFRACTION' 
_exptl.crystals_number   ? 
# 
_exptl_crystal.id                    1 
_exptl_crystal.density_meas          ? 
_exptl_crystal.density_Matthews      2.08 
_exptl_crystal.density_percent_sol   40.76 
_exptl_crystal.description           ? 
# 
_refine.entry_id                                 2C2C 
_refine.ls_number_reflns_obs                     ? 
_refine.ls_number_reflns_all                     ? 
_refine.pdbx_ls_sigma_I                          ? 
_refine.pdbx_ls_sigma_F                          ? 
_refine.pdbx_data_cutoff_high_absF               ? 
_refine.pdbx_data_cutoff_low_absF                ? 
_refine.pdbx_data_cutoff_high_rms_absF           ? 
_refine.ls_d_res_low                             ? 
_refine.ls_d_res_high                            2.0 
_refine.ls_percent_reflns_obs                    ? 
_refine.ls_R_factor_obs                          ? 
_refine.ls_R_factor_all                          ? 
_refine.ls_R_factor_R_work                       0.1720000 
_refine.ls_R_factor_R_free                       ? 
_refine.ls_R_factor_R_free_error                 ? 
_refine.ls_R_factor_R_free_error_details         ? 
_refine.ls_percent_reflns_R_free                 ? 
_refine.ls_number_reflns_R_free                  ? 
_refine.ls_number_parameters                     ? 
_refine.ls_number_restraints                     ? 
_refine.occupancy_min                            ? 
_refine.occupancy_max                            ? 
_refine.B_iso_mean                               ? 
_refine.aniso_B[1][1]                            ? 
_refine.aniso_B[2][2]                            ? 
_refine.aniso_B[3][3]                            ? 
_refine.aniso_B[1][2]                            ? 
_refine.aniso_B[1][3]                            ? 
_refine.aniso_B[2][3]                            ? 
_refine.solvent_model_details                    ? 
_refine.solvent_model_param_ksol                 ? 
_refine.solvent_model_param_bsol                 ? 
_refine.pdbx_ls_cross_valid_method               ? 
_refine.details                                  ? 
_refine.pdbx_starting_model                      ? 
_refine.pdbx_method_to_determine_struct          ? 
_refine.pdbx_isotropic_thermal_model             ? 
_refine.pdbx_stereochemistry_target_values       ? 
_refine.pdbx_stereochem_target_val_spec_case     ? 
_refine.pdbx_R_Free_selection_details            ? 
_refine.pdbx_overall_ESU_R                       ? 
_refine.pdbx_overall_ESU_R_Free                  ? 
_refine.overall_SU_ML                            ? 
_refine.overall_SU_B                             ? 
_refine.pdbx_refine_id                           'X-RAY DIFFRACTION' 
_refine.pdbx_diffrn_id                           1 
_refine.pdbx_TLS_residual_ADP_flag               ? 
_refine.correlation_coeff_Fo_to_Fc               ? 
_refine.correlation_coeff_Fo_to_Fc_free          ? 
_refine.pdbx_solvent_vdw_probe_radii             ? 
_refine.pdbx_solvent_ion_probe_radii             ? 
_refine.pdbx_solvent_shrinkage_radii             ? 
_refine.pdbx_overall_phase_error                 ? 
_refine.overall_SU_R_Cruickshank_DPI             ? 
_refine.pdbx_overall_SU_R_free_Cruickshank_DPI   ? 
_refine.pdbx_overall_SU_R_Blow_DPI               ? 
_refine.pdbx_overall_SU_R_free_Blow_DPI          ? 
# 
_refine_hist.pdbx_refine_id                   'X-RAY DIFFRACTION' 
_refine_hist.cycle_id                         LAST 
_refine_hist.pdbx_number_atoms_protein        832 
_refine_hist.pdbx_number_atoms_nucleic_acid   0 
_refine_hist.pdbx_number_atoms_ligand         43 
_refine_hist.number_atoms_solvent             87 
_refine_hist.number_atoms_total               962 
_refine_hist.d_res_high                       2.0 
_refine_hist.d_res_low                        . 
# 
_struct.entry_id                  2C2C 
_struct.title                     'REFINEMENT OF THE CRYSTAL STRUCTURE OF OXIDIZED RHODOSPIRILLUM RUBRUM CYTOCHROME C2' 
_struct.pdbx_model_details        ? 
_struct.pdbx_CASP_flag            ? 
_struct.pdbx_model_type_details   ? 
# 
_struct_keywords.entry_id        2C2C 
_struct_keywords.pdbx_keywords   'ELECTRON TRANSPORT PROTEIN (CYTOCHROME)' 
_struct_keywords.text            'ELECTRON TRANSPORT PROTEIN (CYTOCHROME)' 
# 
loop_
_struct_asym.id 
_struct_asym.pdbx_blank_PDB_chainid_flag 
_struct_asym.pdbx_modified 
_struct_asym.entity_id 
_struct_asym.details 
A N N 1 ? 
B N N 2 ? 
C N N 3 ? 
# 
_struct_ref.id                         1 
_struct_ref.db_name                    UNP 
_struct_ref.db_code                    CYC2_RHORU 
_struct_ref.entity_id                  1 
_struct_ref.pdbx_db_accession          P00092 
_struct_ref.pdbx_align_begin           1 
_struct_ref.pdbx_seq_one_letter_code   
;MKKGFLAAGVFAAVAFASGAALAEGDAAAGEKVSKKCLACHTFDQGGANKVGPNLFGVFENTAAHKDDYAYSESYTEMKA
KGLTWTEANLAAYVKDPKAFVLEKSGDPKAKSKMTFKLTKDDEIENVIAYLKTLK
;
_struct_ref.pdbx_db_isoform            ? 
# 
_struct_ref_seq.align_id                      1 
_struct_ref_seq.ref_id                        1 
_struct_ref_seq.pdbx_PDB_id_code              2C2C 
_struct_ref_seq.pdbx_strand_id                A 
_struct_ref_seq.seq_align_beg                 1 
_struct_ref_seq.pdbx_seq_align_beg_ins_code   ? 
_struct_ref_seq.seq_align_end                 112 
_struct_ref_seq.pdbx_seq_align_end_ins_code   ? 
_struct_ref_seq.pdbx_db_accession             P00092 
_struct_ref_seq.db_align_beg                  24 
_struct_ref_seq.pdbx_db_align_beg_ins_code    ? 
_struct_ref_seq.db_align_end                  135 
_struct_ref_seq.pdbx_db_align_end_ins_code    ? 
_struct_ref_seq.pdbx_auth_seq_align_beg       1 
_struct_ref_seq.pdbx_auth_seq_align_end       112 
# 
loop_
_struct_ref_seq_dif.align_id 
_struct_ref_seq_dif.pdbx_pdb_id_code 
_struct_ref_seq_dif.mon_id 
_struct_ref_seq_dif.pdbx_pdb_strand_id 
_struct_ref_seq_dif.seq_num 
_struct_ref_seq_dif.pdbx_pdb_ins_code 
_struct_ref_seq_dif.pdbx_seq_db_name 
_struct_ref_seq_dif.pdbx_seq_db_accession_code 
_struct_ref_seq_dif.db_mon_id 
_struct_ref_seq_dif.pdbx_seq_db_seq_num 
_struct_ref_seq_dif.details 
_struct_ref_seq_dif.pdbx_auth_seq_num 
_struct_ref_seq_dif.pdbx_ordinal 
1 2C2C ASN A 45 ? UNP P00092 ASP 68 conflict 45 1 
1 2C2C ASN A 73 ? UNP P00092 ASP 96 conflict 73 2 
# 
_pdbx_struct_assembly.id                   1 
_pdbx_struct_assembly.details              author_defined_assembly 
_pdbx_struct_assembly.method_details       ? 
_pdbx_struct_assembly.oligomeric_details   monomeric 
_pdbx_struct_assembly.oligomeric_count     1 
# 
_pdbx_struct_assembly_gen.assembly_id       1 
_pdbx_struct_assembly_gen.oper_expression   1 
_pdbx_struct_assembly_gen.asym_id_list      A,B,C 
# 
_pdbx_struct_oper_list.id                   1 
_pdbx_struct_oper_list.type                 'identity operation' 
_pdbx_struct_oper_list.name                 1_555 
_pdbx_struct_oper_list.symmetry_operation   x,y,z 
_pdbx_struct_oper_list.matrix[1][1]         1.0000000000 
_pdbx_struct_oper_list.matrix[1][2]         0.0000000000 
_pdbx_struct_oper_list.matrix[1][3]         0.0000000000 
_pdbx_struct_oper_list.vector[1]            0.0000000000 
_pdbx_struct_oper_list.matrix[2][1]         0.0000000000 
_pdbx_struct_oper_list.matrix[2][2]         1.0000000000 
_pdbx_struct_oper_list.matrix[2][3]         0.0000000000 
_pdbx_struct_oper_list.vector[2]            0.0000000000 
_pdbx_struct_oper_list.matrix[3][1]         0.0000000000 
_pdbx_struct_oper_list.matrix[3][2]         0.0000000000 
_pdbx_struct_oper_list.matrix[3][3]         1.0000000000 
_pdbx_struct_oper_list.vector[3]            0.0000000000 
# 
_struct_biol.id   1 
# 
loop_
_struct_conf.conf_type_id 
_struct_conf.id 
_struct_conf.pdbx_PDB_helix_id 
_struct_conf.beg_label_comp_id 
_struct_conf.beg_label_asym_id 
_struct_conf.beg_label_seq_id 
_struct_conf.pdbx_beg_PDB_ins_code 
_struct_conf.end_label_comp_id 
_struct_conf.end_label_asym_id 
_struct_conf.end_label_seq_id 
_struct_conf.pdbx_end_PDB_ins_code 
_struct_conf.beg_auth_comp_id 
_struct_conf.beg_auth_asym_id 
_struct_conf.beg_auth_seq_id 
_struct_conf.end_auth_comp_id 
_struct_conf.end_auth_asym_id 
_struct_conf.end_auth_seq_id 
_struct_conf.pdbx_PDB_helix_class 
_struct_conf.details 
_struct_conf.pdbx_PDB_helix_length 
HELX_P HELX_P1 A   ASP A 3  ? SER A 11  ? ASP A 3  SER A 11  1 ?                9  
HELX_P HELX_P2 310 SER A 11 ? CYS A 14  ? SER A 11 CYS A 14  5 ?                4  
HELX_P HELX_P3 A1  CYS A 14 ? HIS A 18  ? CYS A 14 HIS A 18  1 ?                5  
HELX_P HELX_P4 B   GLU A 50 ? LYS A 58  ? GLU A 50 LYS A 58  1 ?                9  
HELX_P HELX_P5 C   THR A 63 ? GLY A 83  ? THR A 63 GLY A 83  1 'BENT AT PRO 74' 21 
HELX_P HELX_P6 D   LYS A 97 ? LYS A 109 ? LYS A 97 LYS A 109 1 ?                13 
# 
_struct_conf_type.id          HELX_P 
_struct_conf_type.criteria    ? 
_struct_conf_type.reference   ? 
# 
loop_
_struct_conn.id 
_struct_conn.conn_type_id 
_struct_conn.pdbx_leaving_atom_flag 
_struct_conn.pdbx_PDB_id 
_struct_conn.ptnr1_label_asym_id 
_struct_conn.ptnr1_label_comp_id 
_struct_conn.ptnr1_label_seq_id 
_struct_conn.ptnr1_label_atom_id 
_struct_conn.pdbx_ptnr1_label_alt_id 
_struct_conn.pdbx_ptnr1_PDB_ins_code 
_struct_conn.pdbx_ptnr1_standard_comp_id 
_struct_conn.ptnr1_symmetry 
_struct_conn.ptnr2_label_asym_id 
_struct_conn.ptnr2_label_comp_id 
_struct_conn.ptnr2_label_seq_id 
_struct_conn.ptnr2_label_atom_id 
_struct_conn.pdbx_ptnr2_label_alt_id 
_struct_conn.pdbx_ptnr2_PDB_ins_code 
_struct_conn.ptnr1_auth_asym_id 
_struct_conn.ptnr1_auth_comp_id 
_struct_conn.ptnr1_auth_seq_id 
_struct_conn.ptnr2_auth_asym_id 
_struct_conn.ptnr2_auth_comp_id 
_struct_conn.ptnr2_auth_seq_id 
_struct_conn.ptnr2_symmetry 
_struct_conn.pdbx_ptnr3_label_atom_id 
_struct_conn.pdbx_ptnr3_label_seq_id 
_struct_conn.pdbx_ptnr3_label_comp_id 
_struct_conn.pdbx_ptnr3_label_asym_id 
_struct_conn.pdbx_ptnr3_label_alt_id 
_struct_conn.pdbx_ptnr3_PDB_ins_code 
_struct_conn.details 
_struct_conn.pdbx_dist_value 
_struct_conn.pdbx_value_order 
_struct_conn.pdbx_role 
covale1 covale none ? A CYS 14 SG  ? ? ? 1_555 B HEC . CAB ? ? A CYS 14 A HEC 113 1_555 ? ? ? ? ? ? ? 1.953 ? ? 
metalc1 metalc ?    ? A HIS 18 NE2 ? ? ? 1_555 B HEC . FE  ? ? A HIS 18 A HEC 113 1_555 ? ? ? ? ? ? ? 1.993 ? ? 
metalc2 metalc ?    ? A MET 91 SD  ? ? ? 1_555 B HEC . FE  ? ? A MET 91 A HEC 113 1_555 ? ? ? ? ? ? ? 2.376 ? ? 
# 
loop_
_struct_conn_type.id 
_struct_conn_type.criteria 
_struct_conn_type.reference 
covale ? ? 
metalc ? ? 
# 
loop_
_pdbx_struct_conn_angle.id 
_pdbx_struct_conn_angle.ptnr1_label_atom_id 
_pdbx_struct_conn_angle.ptnr1_label_alt_id 
_pdbx_struct_conn_angle.ptnr1_label_asym_id 
_pdbx_struct_conn_angle.ptnr1_label_comp_id 
_pdbx_struct_conn_angle.ptnr1_label_seq_id 
_pdbx_struct_conn_angle.ptnr1_auth_atom_id 
_pdbx_struct_conn_angle.ptnr1_auth_asym_id 
_pdbx_struct_conn_angle.ptnr1_auth_comp_id 
_pdbx_struct_conn_angle.ptnr1_auth_seq_id 
_pdbx_struct_conn_angle.ptnr1_PDB_ins_code 
_pdbx_struct_conn_angle.ptnr1_symmetry 
_pdbx_struct_conn_angle.ptnr2_label_atom_id 
_pdbx_struct_conn_angle.ptnr2_label_alt_id 
_pdbx_struct_conn_angle.ptnr2_label_asym_id 
_pdbx_struct_conn_angle.ptnr2_label_comp_id 
_pdbx_struct_conn_angle.ptnr2_label_seq_id 
_pdbx_struct_conn_angle.ptnr2_auth_atom_id 
_pdbx_struct_conn_angle.ptnr2_auth_asym_id 
_pdbx_struct_conn_angle.ptnr2_auth_comp_id 
_pdbx_struct_conn_angle.ptnr2_auth_seq_id 
_pdbx_struct_conn_angle.ptnr2_PDB_ins_code 
_pdbx_struct_conn_angle.ptnr2_symmetry 
_pdbx_struct_conn_angle.ptnr3_label_atom_id 
_pdbx_struct_conn_angle.ptnr3_label_alt_id 
_pdbx_struct_conn_angle.ptnr3_label_asym_id 
_pdbx_struct_conn_angle.ptnr3_label_comp_id 
_pdbx_struct_conn_angle.ptnr3_label_seq_id 
_pdbx_struct_conn_angle.ptnr3_auth_atom_id 
_pdbx_struct_conn_angle.ptnr3_auth_asym_id 
_pdbx_struct_conn_angle.ptnr3_auth_comp_id 
_pdbx_struct_conn_angle.ptnr3_auth_seq_id 
_pdbx_struct_conn_angle.ptnr3_PDB_ins_code 
_pdbx_struct_conn_angle.ptnr3_symmetry 
_pdbx_struct_conn_angle.value 
_pdbx_struct_conn_angle.value_esd 
1  NE2 ? A HIS 18 ? A HIS 18  ? 1_555 FE ? B HEC . ? A HEC 113 ? 1_555 NA ? B HEC .  ? A HEC 113 ? 1_555 94.9  ? 
2  NE2 ? A HIS 18 ? A HIS 18  ? 1_555 FE ? B HEC . ? A HEC 113 ? 1_555 NB ? B HEC .  ? A HEC 113 ? 1_555 90.4  ? 
3  NA  ? B HEC .  ? A HEC 113 ? 1_555 FE ? B HEC . ? A HEC 113 ? 1_555 NB ? B HEC .  ? A HEC 113 ? 1_555 89.9  ? 
4  NE2 ? A HIS 18 ? A HIS 18  ? 1_555 FE ? B HEC . ? A HEC 113 ? 1_555 NC ? B HEC .  ? A HEC 113 ? 1_555 85.1  ? 
5  NA  ? B HEC .  ? A HEC 113 ? 1_555 FE ? B HEC . ? A HEC 113 ? 1_555 NC ? B HEC .  ? A HEC 113 ? 1_555 178.7 ? 
6  NB  ? B HEC .  ? A HEC 113 ? 1_555 FE ? B HEC . ? A HEC 113 ? 1_555 NC ? B HEC .  ? A HEC 113 ? 1_555 88.8  ? 
7  NE2 ? A HIS 18 ? A HIS 18  ? 1_555 FE ? B HEC . ? A HEC 113 ? 1_555 ND ? B HEC .  ? A HEC 113 ? 1_555 92.3  ? 
8  NA  ? B HEC .  ? A HEC 113 ? 1_555 FE ? B HEC . ? A HEC 113 ? 1_555 ND ? B HEC .  ? A HEC 113 ? 1_555 91.4  ? 
9  NB  ? B HEC .  ? A HEC 113 ? 1_555 FE ? B HEC . ? A HEC 113 ? 1_555 ND ? B HEC .  ? A HEC 113 ? 1_555 176.9 ? 
10 NC  ? B HEC .  ? A HEC 113 ? 1_555 FE ? B HEC . ? A HEC 113 ? 1_555 ND ? B HEC .  ? A HEC 113 ? 1_555 89.8  ? 
11 NE2 ? A HIS 18 ? A HIS 18  ? 1_555 FE ? B HEC . ? A HEC 113 ? 1_555 SD ? A MET 91 ? A MET 91  ? 1_555 179.3 ? 
12 NA  ? B HEC .  ? A HEC 113 ? 1_555 FE ? B HEC . ? A HEC 113 ? 1_555 SD ? A MET 91 ? A MET 91  ? 1_555 85.8  ? 
13 NB  ? B HEC .  ? A HEC 113 ? 1_555 FE ? B HEC . ? A HEC 113 ? 1_555 SD ? A MET 91 ? A MET 91  ? 1_555 89.8  ? 
14 NC  ? B HEC .  ? A HEC 113 ? 1_555 FE ? B HEC . ? A HEC 113 ? 1_555 SD ? A MET 91 ? A MET 91  ? 1_555 94.2  ? 
15 ND  ? B HEC .  ? A HEC 113 ? 1_555 FE ? B HEC . ? A HEC 113 ? 1_555 SD ? A MET 91 ? A MET 91  ? 1_555 87.5  ? 
# 
_pdbx_modification_feature.ordinal                            1 
_pdbx_modification_feature.label_comp_id                      HEC 
_pdbx_modification_feature.label_asym_id                      B 
_pdbx_modification_feature.label_seq_id                       . 
_pdbx_modification_feature.label_alt_id                       ? 
_pdbx_modification_feature.modified_residue_label_comp_id     CYS 
_pdbx_modification_feature.modified_residue_label_asym_id     A 
_pdbx_modification_feature.modified_residue_label_seq_id      14 
_pdbx_modification_feature.modified_residue_label_alt_id      ? 
_pdbx_modification_feature.auth_comp_id                       HEC 
_pdbx_modification_feature.auth_asym_id                       A 
_pdbx_modification_feature.auth_seq_id                        113 
_pdbx_modification_feature.PDB_ins_code                       ? 
_pdbx_modification_feature.symmetry                           1_555 
_pdbx_modification_feature.modified_residue_auth_comp_id      CYS 
_pdbx_modification_feature.modified_residue_auth_asym_id      A 
_pdbx_modification_feature.modified_residue_auth_seq_id       14 
_pdbx_modification_feature.modified_residue_PDB_ins_code      ? 
_pdbx_modification_feature.modified_residue_symmetry          1_555 
_pdbx_modification_feature.comp_id_linking_atom               CAB 
_pdbx_modification_feature.modified_residue_id_linking_atom   SG 
_pdbx_modification_feature.modified_residue_id                CYS 
_pdbx_modification_feature.ref_pcm_id                         2 
_pdbx_modification_feature.ref_comp_id                        HEC 
_pdbx_modification_feature.type                               None 
_pdbx_modification_feature.category                           Heme/heme-like 
# 
_struct_site.id                   AC1 
_struct_site.pdbx_evidence_code   Software 
_struct_site.pdbx_auth_asym_id    A 
_struct_site.pdbx_auth_comp_id    HEC 
_struct_site.pdbx_auth_seq_id     113 
_struct_site.pdbx_auth_ins_code   ? 
_struct_site.pdbx_num_residues    16 
_struct_site.details              'BINDING SITE FOR RESIDUE HEC A 113' 
# 
loop_
_struct_site_gen.id 
_struct_site_gen.site_id 
_struct_site_gen.pdbx_num_res 
_struct_site_gen.label_comp_id 
_struct_site_gen.label_asym_id 
_struct_site_gen.label_seq_id 
_struct_site_gen.pdbx_auth_ins_code 
_struct_site_gen.auth_comp_id 
_struct_site_gen.auth_asym_id 
_struct_site_gen.auth_seq_id 
_struct_site_gen.label_atom_id 
_struct_site_gen.label_alt_id 
_struct_site_gen.symmetry 
_struct_site_gen.details 
1  AC1 16 CYS A 14 ? CYS A 14 . ? 1_555 ? 
2  AC1 16 CYS A 17 ? CYS A 17 . ? 1_555 ? 
3  AC1 16 HIS A 18 ? HIS A 18 . ? 1_555 ? 
4  AC1 16 ALA A 40 ? ALA A 40 . ? 1_555 ? 
5  AC1 16 ALA A 41 ? ALA A 41 . ? 1_555 ? 
6  AC1 16 HIS A 42 ? HIS A 42 . ? 1_555 ? 
7  AC1 16 TYR A 46 ? TYR A 46 . ? 1_555 ? 
8  AC1 16 TYR A 48 ? TYR A 48 . ? 1_555 ? 
9  AC1 16 SER A 49 ? SER A 49 . ? 1_555 ? 
10 AC1 16 TYR A 52 ? TYR A 52 . ? 1_555 ? 
11 AC1 16 TRP A 62 ? TRP A 62 . ? 1_555 ? 
12 AC1 16 TYR A 70 ? TYR A 70 . ? 1_555 ? 
13 AC1 16 SER A 89 ? SER A 89 . ? 1_555 ? 
14 AC1 16 LYS A 90 ? LYS A 90 . ? 1_555 ? 
15 AC1 16 MET A 91 ? MET A 91 . ? 1_555 ? 
16 AC1 16 PHE A 93 ? PHE A 93 . ? 1_555 ? 
# 
_pdbx_entry_details.entry_id                   2C2C 
_pdbx_entry_details.compound_details           ? 
_pdbx_entry_details.source_details             ? 
_pdbx_entry_details.nonpolymer_details         ? 
_pdbx_entry_details.sequence_details           ? 
_pdbx_entry_details.has_ligand_of_interest     ? 
_pdbx_entry_details.has_protein_modification   Y 
# 
loop_
_pdbx_validate_close_contact.id 
_pdbx_validate_close_contact.PDB_model_num 
_pdbx_validate_close_contact.auth_atom_id_1 
_pdbx_validate_close_contact.auth_asym_id_1 
_pdbx_validate_close_contact.auth_comp_id_1 
_pdbx_validate_close_contact.auth_seq_id_1 
_pdbx_validate_close_contact.PDB_ins_code_1 
_pdbx_validate_close_contact.label_alt_id_1 
_pdbx_validate_close_contact.auth_atom_id_2 
_pdbx_validate_close_contact.auth_asym_id_2 
_pdbx_validate_close_contact.auth_comp_id_2 
_pdbx_validate_close_contact.auth_seq_id_2 
_pdbx_validate_close_contact.PDB_ins_code_2 
_pdbx_validate_close_contact.label_alt_id_2 
_pdbx_validate_close_contact.dist 
1 1 O   A HOH 183 ? ? O   A HOH 194 ? ? 1.89 
2 1 CB  A LYS 88  ? ? O   A HOH 185 ? ? 1.95 
3 1 OD1 A ASN 73  ? ? O   A HOH 201 ? ? 2.00 
4 1 O   A HOH 146 ? ? O   A HOH 173 ? ? 2.05 
5 1 SG  A CYS 17  ? ? CAC A HEC 113 ? ? 2.13 
# 
loop_
_pdbx_validate_symm_contact.id 
_pdbx_validate_symm_contact.PDB_model_num 
_pdbx_validate_symm_contact.auth_atom_id_1 
_pdbx_validate_symm_contact.auth_asym_id_1 
_pdbx_validate_symm_contact.auth_comp_id_1 
_pdbx_validate_symm_contact.auth_seq_id_1 
_pdbx_validate_symm_contact.PDB_ins_code_1 
_pdbx_validate_symm_contact.label_alt_id_1 
_pdbx_validate_symm_contact.site_symmetry_1 
_pdbx_validate_symm_contact.auth_atom_id_2 
_pdbx_validate_symm_contact.auth_asym_id_2 
_pdbx_validate_symm_contact.auth_comp_id_2 
_pdbx_validate_symm_contact.auth_seq_id_2 
_pdbx_validate_symm_contact.PDB_ins_code_2 
_pdbx_validate_symm_contact.label_alt_id_2 
_pdbx_validate_symm_contact.site_symmetry_2 
_pdbx_validate_symm_contact.dist 
1  1 CE  A LYS 90  ? ? 1_555 O A HOH 134 ? ? 4_556 1.20 
2  1 CB  A THR 63  ? ? 1_555 O A HOH 203 ? ? 3_745 1.29 
3  1 NZ  A LYS 90  ? ? 1_555 O A HOH 134 ? ? 4_556 1.32 
4  1 CB  A LYS 112 ? ? 1_555 O A HOH 181 ? ? 4_456 1.43 
5  1 OE2 A GLU 64  ? ? 1_555 O A HOH 200 ? ? 3_745 1.47 
6  1 CB  A LYS 112 ? ? 1_555 O A HOH 182 ? ? 4_456 1.50 
7  1 CB  A GLU 64  ? ? 1_555 O A HOH 200 ? ? 3_745 1.67 
8  1 CG  A GLU 64  ? ? 1_555 O A HOH 200 ? ? 3_745 1.87 
9  1 CD  A GLU 64  ? ? 1_555 O A HOH 200 ? ? 3_745 2.00 
10 1 CB  A ASP 21  ? ? 1_555 O A HOH 183 ? ? 4_456 2.05 
11 1 CB  A ASP 21  ? ? 1_555 O A HOH 194 ? ? 4_456 2.08 
# 
loop_
_pdbx_validate_rmsd_bond.id 
_pdbx_validate_rmsd_bond.PDB_model_num 
_pdbx_validate_rmsd_bond.auth_atom_id_1 
_pdbx_validate_rmsd_bond.auth_asym_id_1 
_pdbx_validate_rmsd_bond.auth_comp_id_1 
_pdbx_validate_rmsd_bond.auth_seq_id_1 
_pdbx_validate_rmsd_bond.PDB_ins_code_1 
_pdbx_validate_rmsd_bond.label_alt_id_1 
_pdbx_validate_rmsd_bond.auth_atom_id_2 
_pdbx_validate_rmsd_bond.auth_asym_id_2 
_pdbx_validate_rmsd_bond.auth_comp_id_2 
_pdbx_validate_rmsd_bond.auth_seq_id_2 
_pdbx_validate_rmsd_bond.PDB_ins_code_2 
_pdbx_validate_rmsd_bond.label_alt_id_2 
_pdbx_validate_rmsd_bond.bond_value 
_pdbx_validate_rmsd_bond.bond_target_value 
_pdbx_validate_rmsd_bond.bond_deviation 
_pdbx_validate_rmsd_bond.bond_standard_deviation 
_pdbx_validate_rmsd_bond.linker_flag 
1  1 CA A GLU 1   ? ? CB  A GLU 1   ? ? 1.750 1.535 0.215  0.022 N 
2  1 C  A GLU 1   ? ? O   A GLU 1   ? ? 1.402 1.229 0.173  0.019 N 
3  1 CG A GLU 8   ? ? CD  A GLU 8   ? ? 1.618 1.515 0.103  0.015 N 
4  1 CD A LYS 9   ? ? CE  A LYS 9   ? ? 1.680 1.508 0.172  0.025 N 
5  1 CE A LYS 9   ? ? NZ  A LYS 9   ? ? 1.639 1.486 0.153  0.025 N 
6  1 CG A ASP 21  ? ? OD1 A ASP 21  ? ? 1.437 1.249 0.188  0.023 N 
7  1 C  A LYS 27  ? ? O   A LYS 27  ? ? 1.377 1.229 0.148  0.019 N 
8  1 CA A GLY 29  ? ? C   A GLY 29  ? ? 1.615 1.514 0.101  0.016 N 
9  1 CD A GLU 37  ? ? OE1 A GLU 37  ? ? 1.356 1.252 0.104  0.011 N 
10 1 CD A GLU 50  ? ? OE1 A GLU 50  ? ? 1.383 1.252 0.131  0.011 N 
11 1 C  A GLY 59  ? ? O   A GLY 59  ? ? 1.337 1.232 0.105  0.016 N 
12 1 CA A THR 63  ? ? CB  A THR 63  ? ? 1.736 1.529 0.207  0.026 N 
13 1 CD A GLU 64  ? ? OE1 A GLU 64  ? ? 1.322 1.252 0.070  0.011 N 
14 1 CB A VAL 78  ? ? CG1 A VAL 78  ? ? 1.386 1.524 -0.138 0.021 N 
15 1 CE A LYS 81  ? ? NZ  A LYS 81  ? ? 1.657 1.486 0.171  0.025 N 
16 1 CA A PRO 85  ? ? C   A PRO 85  ? ? 1.646 1.524 0.122  0.020 N 
17 1 CE A LYS 90  ? ? NZ  A LYS 90  ? ? 1.643 1.486 0.157  0.025 N 
18 1 C  A MET 91  ? ? O   A MET 91  ? ? 1.440 1.229 0.211  0.019 N 
19 1 N  A THR 92  ? ? CA  A THR 92  ? ? 1.582 1.459 0.123  0.020 N 
20 1 CA A THR 92  ? ? CB  A THR 92  ? ? 1.688 1.529 0.159  0.026 N 
21 1 CB A ASP 98  ? ? CG  A ASP 98  ? ? 1.655 1.513 0.142  0.021 N 
22 1 CD A GLU 100 ? ? OE2 A GLU 100 ? ? 1.318 1.252 0.066  0.011 N 
23 1 C  A LYS 112 ? ? O   A LYS 112 ? ? 1.492 1.229 0.263  0.019 N 
# 
loop_
_pdbx_validate_rmsd_angle.id 
_pdbx_validate_rmsd_angle.PDB_model_num 
_pdbx_validate_rmsd_angle.auth_atom_id_1 
_pdbx_validate_rmsd_angle.auth_asym_id_1 
_pdbx_validate_rmsd_angle.auth_comp_id_1 
_pdbx_validate_rmsd_angle.auth_seq_id_1 
_pdbx_validate_rmsd_angle.PDB_ins_code_1 
_pdbx_validate_rmsd_angle.label_alt_id_1 
_pdbx_validate_rmsd_angle.auth_atom_id_2 
_pdbx_validate_rmsd_angle.auth_asym_id_2 
_pdbx_validate_rmsd_angle.auth_comp_id_2 
_pdbx_validate_rmsd_angle.auth_seq_id_2 
_pdbx_validate_rmsd_angle.PDB_ins_code_2 
_pdbx_validate_rmsd_angle.label_alt_id_2 
_pdbx_validate_rmsd_angle.auth_atom_id_3 
_pdbx_validate_rmsd_angle.auth_asym_id_3 
_pdbx_validate_rmsd_angle.auth_comp_id_3 
_pdbx_validate_rmsd_angle.auth_seq_id_3 
_pdbx_validate_rmsd_angle.PDB_ins_code_3 
_pdbx_validate_rmsd_angle.label_alt_id_3 
_pdbx_validate_rmsd_angle.angle_value 
_pdbx_validate_rmsd_angle.angle_target_value 
_pdbx_validate_rmsd_angle.angle_deviation 
_pdbx_validate_rmsd_angle.angle_standard_deviation 
_pdbx_validate_rmsd_angle.linker_flag 
1  1 CA  A GLU 1   ? ? C   A GLU 1   ? ? O   A GLU 1   ? ? 102.59 120.10 -17.51 2.10 N 
2  1 O   A GLU 1   ? ? C   A GLU 1   ? ? N   A GLY 2   ? ? 142.46 123.20 19.26  1.70 Y 
3  1 C   A GLU 1   ? ? N   A GLY 2   ? ? CA  A GLY 2   ? ? 99.58  122.30 -22.72 2.10 Y 
4  1 CB  A ASP 3   ? ? CG  A ASP 3   ? ? OD1 A ASP 3   ? ? 125.75 118.30 7.45   0.90 N 
5  1 CB  A ASP 3   ? ? CG  A ASP 3   ? ? OD2 A ASP 3   ? ? 105.36 118.30 -12.94 0.90 N 
6  1 CD  A LYS 9   ? ? CE  A LYS 9   ? ? NZ  A LYS 9   ? ? 92.23  111.70 -19.47 2.30 N 
7  1 CA  A LYS 12  ? ? CB  A LYS 12  ? ? CG  A LYS 12  ? ? 128.38 113.40 14.98  2.20 N 
8  1 CB  A LYS 12  ? ? CG  A LYS 12  ? ? CD  A LYS 12  ? ? 143.45 111.60 31.85  2.60 N 
9  1 CB  A LEU 15  ? ? CG  A LEU 15  ? ? CD1 A LEU 15  ? ? 123.99 111.00 12.99  1.70 N 
10 1 CB  A ASP 21  ? ? CG  A ASP 21  ? ? OD2 A ASP 21  ? ? 124.91 118.30 6.61   0.90 N 
11 1 O   A GLY 23  ? ? C   A GLY 23  ? ? N   A GLY 24  ? ? 112.93 123.20 -10.27 1.70 Y 
12 1 CB  A PHE 33  ? ? CG  A PHE 33  ? ? CD1 A PHE 33  ? ? 112.88 120.80 -7.92  0.70 N 
13 1 OE1 A GLU 37  ? ? CD  A GLU 37  ? ? OE2 A GLU 37  ? ? 144.15 123.30 20.85  1.20 N 
14 1 CG  A GLU 37  ? ? CD  A GLU 37  ? ? OE2 A GLU 37  ? ? 105.06 118.30 -13.24 2.00 N 
15 1 CB  A ASN 38  ? ? CG  A ASN 38  ? ? OD1 A ASN 38  ? ? 138.68 121.60 17.08  2.00 N 
16 1 CA  A THR 39  ? ? CB  A THR 39  ? ? CG2 A THR 39  ? ? 128.44 112.40 16.04  1.40 N 
17 1 N   A ALA 40  ? ? CA  A ALA 40  ? ? CB  A ALA 40  ? ? 99.84  110.10 -10.26 1.40 N 
18 1 CB  A ASP 44  ? ? CG  A ASP 44  ? ? OD1 A ASP 44  ? ? 135.43 118.30 17.13  0.90 N 
19 1 CB  A ASP 44  ? ? CG  A ASP 44  ? ? OD2 A ASP 44  ? ? 106.69 118.30 -11.61 0.90 N 
20 1 CB  A TYR 48  ? ? CG  A TYR 48  ? ? CD2 A TYR 48  ? ? 115.51 121.00 -5.49  0.60 N 
21 1 OE1 A GLU 50  ? ? CD  A GLU 50  ? ? OE2 A GLU 50  ? ? 145.56 123.30 22.26  1.20 N 
22 1 N   A THR 53  ? ? CA  A THR 53  ? ? CB  A THR 53  ? ? 98.43  110.30 -11.87 1.90 N 
23 1 OE1 A GLU 54  ? ? CD  A GLU 54  ? ? OE2 A GLU 54  ? ? 111.46 123.30 -11.84 1.20 N 
24 1 CG  A GLU 54  ? ? CD  A GLU 54  ? ? OE1 A GLU 54  ? ? 130.85 118.30 12.55  2.00 N 
25 1 CA  A GLU 54  ? ? C   A GLU 54  ? ? O   A GLU 54  ? ? 104.98 120.10 -15.12 2.10 N 
26 1 CA  A GLU 54  ? ? C   A GLU 54  ? ? N   A MET 55  ? ? 135.18 117.20 17.98  2.20 Y 
27 1 O   A ALA 57  ? ? C   A ALA 57  ? ? N   A LYS 58  ? ? 109.29 122.70 -13.41 1.60 Y 
28 1 O   A TRP 62  ? ? C   A TRP 62  ? ? N   A THR 63  ? ? 113.08 122.70 -9.62  1.60 Y 
29 1 OG1 A THR 63  ? ? CB  A THR 63  ? ? CG2 A THR 63  ? ? 83.43  110.00 -26.57 2.30 N 
30 1 CA  A THR 63  ? ? CB  A THR 63  ? ? OG1 A THR 63  ? ? 93.67  109.00 -15.33 2.10 N 
31 1 CA  A THR 63  ? ? CB  A THR 63  ? ? CG2 A THR 63  ? ? 88.97  112.40 -23.43 1.40 N 
32 1 CA  A GLU 64  ? ? CB  A GLU 64  ? ? CG  A GLU 64  ? ? 128.93 113.40 15.53  2.20 N 
33 1 OE1 A GLU 64  ? ? CD  A GLU 64  ? ? OE2 A GLU 64  ? ? 132.33 123.30 9.03   1.20 N 
34 1 CG  A GLU 64  ? ? CD  A GLU 64  ? ? OE2 A GLU 64  ? ? 105.66 118.30 -12.64 2.00 N 
35 1 N   A ALA 65  ? ? CA  A ALA 65  ? ? CB  A ALA 65  ? ? 100.97 110.10 -9.13  1.40 N 
36 1 CD1 A TYR 70  ? ? CG  A TYR 70  ? ? CD2 A TYR 70  ? ? 111.08 117.90 -6.82  1.10 N 
37 1 CB  A TYR 70  ? ? CG  A TYR 70  ? ? CD1 A TYR 70  ? ? 124.71 121.00 3.71   0.60 N 
38 1 CG  A TYR 70  ? ? CD1 A TYR 70  ? ? CE1 A TYR 70  ? ? 129.69 121.30 8.39   0.80 N 
39 1 CB  A LYS 72  ? ? CA  A LYS 72  ? ? C   A LYS 72  ? ? 97.91  110.40 -12.49 2.00 N 
40 1 N   A LYS 72  ? ? CA  A LYS 72  ? ? CB  A LYS 72  ? ? 121.66 110.60 11.06  1.80 N 
41 1 N   A LYS 75  ? ? CA  A LYS 75  ? ? CB  A LYS 75  ? ? 122.50 110.60 11.90  1.80 N 
42 1 CA  A VAL 78  ? ? CB  A VAL 78  ? ? CG1 A VAL 78  ? ? 128.95 110.90 18.05  1.50 N 
43 1 CA  A VAL 78  ? ? C   A VAL 78  ? ? O   A VAL 78  ? ? 106.96 120.10 -13.14 2.10 N 
44 1 CA  A LEU 79  ? ? CB  A LEU 79  ? ? CG  A LEU 79  ? ? 132.65 115.30 17.35  2.30 N 
45 1 CB  A LEU 79  ? ? CG  A LEU 79  ? ? CD2 A LEU 79  ? ? 130.37 111.00 19.37  1.70 N 
46 1 CA  A GLU 80  ? ? CB  A GLU 80  ? ? CG  A GLU 80  ? ? 129.00 113.40 15.60  2.20 N 
47 1 CB  A ASP 84  ? ? CG  A ASP 84  ? ? OD1 A ASP 84  ? ? 112.35 118.30 -5.95  0.90 N 
48 1 CB  A ASP 84  ? ? CG  A ASP 84  ? ? OD2 A ASP 84  ? ? 127.32 118.30 9.02   0.90 N 
49 1 CA  A PRO 85  ? ? N   A PRO 85  ? ? CD  A PRO 85  ? ? 103.20 111.70 -8.50  1.40 N 
50 1 O   A PRO 85  ? ? C   A PRO 85  ? ? N   A LYS 86  ? ? 141.00 122.70 18.30  1.60 Y 
51 1 CB  A LYS 86  ? ? CA  A LYS 86  ? ? C   A LYS 86  ? ? 124.12 110.40 13.72  2.00 N 
52 1 CA  A LYS 86  ? ? CB  A LYS 86  ? ? CG  A LYS 86  ? ? 151.35 113.40 37.95  2.20 N 
53 1 O   A LYS 88  ? ? C   A LYS 88  ? ? N   A SER 89  ? ? 112.36 122.70 -10.34 1.60 Y 
54 1 CB  A LYS 90  ? ? CG  A LYS 90  ? ? CD  A LYS 90  ? ? 128.06 111.60 16.46  2.60 N 
55 1 N   A THR 92  ? ? CA  A THR 92  ? ? CB  A THR 92  ? ? 122.14 110.30 11.84  1.90 N 
56 1 CA  A THR 92  ? ? C   A THR 92  ? ? O   A THR 92  ? ? 106.11 120.10 -13.99 2.10 N 
57 1 CA  A THR 92  ? ? C   A THR 92  ? ? N   A PHE 93  ? ? 131.59 117.20 14.39  2.20 Y 
58 1 CB  A PHE 93  ? ? CG  A PHE 93  ? ? CD2 A PHE 93  ? ? 111.87 120.80 -8.93  0.70 N 
59 1 CB  A PHE 93  ? ? CG  A PHE 93  ? ? CD1 A PHE 93  ? ? 126.26 120.80 5.46   0.70 N 
60 1 CB  A LYS 97  ? ? CG  A LYS 97  ? ? CD  A LYS 97  ? ? 147.20 111.60 35.60  2.60 N 
61 1 CD  A LYS 97  ? ? CE  A LYS 97  ? ? NZ  A LYS 97  ? ? 95.44  111.70 -16.26 2.30 N 
62 1 CB  A ASP 98  ? ? CG  A ASP 98  ? ? OD1 A ASP 98  ? ? 138.36 118.30 20.06  0.90 N 
63 1 CB  A ASP 98  ? ? CG  A ASP 98  ? ? OD2 A ASP 98  ? ? 96.38  118.30 -21.92 0.90 N 
64 1 OD1 A ASP 99  ? ? CG  A ASP 99  ? ? OD2 A ASP 99  ? ? 103.47 123.30 -19.83 1.90 N 
65 1 CB  A ASP 99  ? ? CG  A ASP 99  ? ? OD1 A ASP 99  ? ? 110.76 118.30 -7.54  0.90 N 
66 1 CB  A ASP 99  ? ? CG  A ASP 99  ? ? OD2 A ASP 99  ? ? 145.47 118.30 27.17  0.90 N 
67 1 OE1 A GLU 100 ? ? CD  A GLU 100 ? ? OE2 A GLU 100 ? ? 115.42 123.30 -7.88  1.20 N 
68 1 CA  A VAL 104 ? ? CB  A VAL 104 ? ? CG1 A VAL 104 ? ? 101.80 110.90 -9.10  1.50 N 
69 1 CB  A LYS 112 ? ? CA  A LYS 112 ? ? C   A LYS 112 ? ? 131.94 110.40 21.54  2.00 N 
70 1 CA  A LYS 112 ? ? C   A LYS 112 ? ? O   A LYS 112 ? ? 137.49 120.10 17.39  2.10 N 
# 
loop_
_pdbx_validate_torsion.id 
_pdbx_validate_torsion.PDB_model_num 
_pdbx_validate_torsion.auth_comp_id 
_pdbx_validate_torsion.auth_asym_id 
_pdbx_validate_torsion.auth_seq_id 
_pdbx_validate_torsion.PDB_ins_code 
_pdbx_validate_torsion.label_alt_id 
_pdbx_validate_torsion.phi 
_pdbx_validate_torsion.psi 
1 1 VAL A 28 ? ? -121.33 -52.76 
2 1 ASN A 73 ? ? -171.34 80.04  
3 1 MET A 91 ? ? -69.78  -75.11 
4 1 THR A 92 ? ? 73.37   -59.57 
5 1 PHE A 93 ? ? -34.08  133.09 
# 
loop_
_pdbx_validate_chiral.id 
_pdbx_validate_chiral.PDB_model_num 
_pdbx_validate_chiral.auth_atom_id 
_pdbx_validate_chiral.label_alt_id 
_pdbx_validate_chiral.auth_asym_id 
_pdbx_validate_chiral.auth_comp_id 
_pdbx_validate_chiral.auth_seq_id 
_pdbx_validate_chiral.PDB_ins_code 
_pdbx_validate_chiral.details 
_pdbx_validate_chiral.omega 
1 1 CB ? A THR 39  ? 'WRONG HAND' . 
2 1 CB ? A THR 110 ? 'WRONG HAND' . 
3 1 CA ? A LYS 112 ? PLANAR       . 
# 
loop_
_pdbx_validate_main_chain_plane.id 
_pdbx_validate_main_chain_plane.PDB_model_num 
_pdbx_validate_main_chain_plane.auth_comp_id 
_pdbx_validate_main_chain_plane.auth_asym_id 
_pdbx_validate_main_chain_plane.auth_seq_id 
_pdbx_validate_main_chain_plane.PDB_ins_code 
_pdbx_validate_main_chain_plane.label_alt_id 
_pdbx_validate_main_chain_plane.improper_torsion_angle 
1 1 LYS A 27 ? ? 14.10 
2 1 ALA A 68 ? ? 16.57 
3 1 PHE A 77 ? ? 14.17 
# 
loop_
_pdbx_distant_solvent_atoms.id 
_pdbx_distant_solvent_atoms.PDB_model_num 
_pdbx_distant_solvent_atoms.auth_atom_id 
_pdbx_distant_solvent_atoms.label_alt_id 
_pdbx_distant_solvent_atoms.auth_asym_id 
_pdbx_distant_solvent_atoms.auth_comp_id 
_pdbx_distant_solvent_atoms.auth_seq_id 
_pdbx_distant_solvent_atoms.PDB_ins_code 
_pdbx_distant_solvent_atoms.neighbor_macromolecule_distance 
_pdbx_distant_solvent_atoms.neighbor_ligand_distance 
1 1 O ? A HOH 168 ? 9.18 . 
2 1 O ? A HOH 170 ? 6.55 . 
3 1 O ? A HOH 181 ? 7.17 . 
4 1 O ? A HOH 182 ? 6.14 . 
5 1 O ? A HOH 187 ? 6.54 . 
6 1 O ? A HOH 193 ? 7.17 . 
7 1 O ? A HOH 198 ? 9.50 . 
8 1 O ? A HOH 205 ? 6.18 . 
9 1 O ? A HOH 206 ? 6.37 . 
# 
loop_
_chem_comp_atom.comp_id 
_chem_comp_atom.atom_id 
_chem_comp_atom.type_symbol 
_chem_comp_atom.pdbx_aromatic_flag 
_chem_comp_atom.pdbx_stereo_config 
_chem_comp_atom.pdbx_ordinal 
ALA N    N  N N 1   
ALA CA   C  N S 2   
ALA C    C  N N 3   
ALA O    O  N N 4   
ALA CB   C  N N 5   
ALA OXT  O  N N 6   
ALA H    H  N N 7   
ALA H2   H  N N 8   
ALA HA   H  N N 9   
ALA HB1  H  N N 10  
ALA HB2  H  N N 11  
ALA HB3  H  N N 12  
ALA HXT  H  N N 13  
ASN N    N  N N 14  
ASN CA   C  N S 15  
ASN C    C  N N 16  
ASN O    O  N N 17  
ASN CB   C  N N 18  
ASN CG   C  N N 19  
ASN OD1  O  N N 20  
ASN ND2  N  N N 21  
ASN OXT  O  N N 22  
ASN H    H  N N 23  
ASN H2   H  N N 24  
ASN HA   H  N N 25  
ASN HB2  H  N N 26  
ASN HB3  H  N N 27  
ASN HD21 H  N N 28  
ASN HD22 H  N N 29  
ASN HXT  H  N N 30  
ASP N    N  N N 31  
ASP CA   C  N S 32  
ASP C    C  N N 33  
ASP O    O  N N 34  
ASP CB   C  N N 35  
ASP CG   C  N N 36  
ASP OD1  O  N N 37  
ASP OD2  O  N N 38  
ASP OXT  O  N N 39  
ASP H    H  N N 40  
ASP H2   H  N N 41  
ASP HA   H  N N 42  
ASP HB2  H  N N 43  
ASP HB3  H  N N 44  
ASP HD2  H  N N 45  
ASP HXT  H  N N 46  
CYS N    N  N N 47  
CYS CA   C  N R 48  
CYS C    C  N N 49  
CYS O    O  N N 50  
CYS CB   C  N N 51  
CYS SG   S  N N 52  
CYS OXT  O  N N 53  
CYS H    H  N N 54  
CYS H2   H  N N 55  
CYS HA   H  N N 56  
CYS HB2  H  N N 57  
CYS HB3  H  N N 58  
CYS HG   H  N N 59  
CYS HXT  H  N N 60  
GLN N    N  N N 61  
GLN CA   C  N S 62  
GLN C    C  N N 63  
GLN O    O  N N 64  
GLN CB   C  N N 65  
GLN CG   C  N N 66  
GLN CD   C  N N 67  
GLN OE1  O  N N 68  
GLN NE2  N  N N 69  
GLN OXT  O  N N 70  
GLN H    H  N N 71  
GLN H2   H  N N 72  
GLN HA   H  N N 73  
GLN HB2  H  N N 74  
GLN HB3  H  N N 75  
GLN HG2  H  N N 76  
GLN HG3  H  N N 77  
GLN HE21 H  N N 78  
GLN HE22 H  N N 79  
GLN HXT  H  N N 80  
GLU N    N  N N 81  
GLU CA   C  N S 82  
GLU C    C  N N 83  
GLU O    O  N N 84  
GLU CB   C  N N 85  
GLU CG   C  N N 86  
GLU CD   C  N N 87  
GLU OE1  O  N N 88  
GLU OE2  O  N N 89  
GLU OXT  O  N N 90  
GLU H    H  N N 91  
GLU H2   H  N N 92  
GLU HA   H  N N 93  
GLU HB2  H  N N 94  
GLU HB3  H  N N 95  
GLU HG2  H  N N 96  
GLU HG3  H  N N 97  
GLU HE2  H  N N 98  
GLU HXT  H  N N 99  
GLY N    N  N N 100 
GLY CA   C  N N 101 
GLY C    C  N N 102 
GLY O    O  N N 103 
GLY OXT  O  N N 104 
GLY H    H  N N 105 
GLY H2   H  N N 106 
GLY HA2  H  N N 107 
GLY HA3  H  N N 108 
GLY HXT  H  N N 109 
HEC FE   FE N N 110 
HEC CHA  C  N N 111 
HEC CHB  C  N N 112 
HEC CHC  C  N N 113 
HEC CHD  C  N N 114 
HEC NA   N  Y N 115 
HEC C1A  C  Y N 116 
HEC C2A  C  Y N 117 
HEC C3A  C  Y N 118 
HEC C4A  C  Y N 119 
HEC CMA  C  N N 120 
HEC CAA  C  N N 121 
HEC CBA  C  N N 122 
HEC CGA  C  N N 123 
HEC O1A  O  N N 124 
HEC O2A  O  N N 125 
HEC NB   N  Y N 126 
HEC C1B  C  Y N 127 
HEC C2B  C  Y N 128 
HEC C3B  C  Y N 129 
HEC C4B  C  Y N 130 
HEC CMB  C  N N 131 
HEC CAB  C  N N 132 
HEC CBB  C  N N 133 
HEC NC   N  Y N 134 
HEC C1C  C  Y N 135 
HEC C2C  C  Y N 136 
HEC C3C  C  Y N 137 
HEC C4C  C  Y N 138 
HEC CMC  C  N N 139 
HEC CAC  C  N N 140 
HEC CBC  C  N N 141 
HEC ND   N  Y N 142 
HEC C1D  C  Y N 143 
HEC C2D  C  Y N 144 
HEC C3D  C  Y N 145 
HEC C4D  C  Y N 146 
HEC CMD  C  N N 147 
HEC CAD  C  N N 148 
HEC CBD  C  N N 149 
HEC CGD  C  N N 150 
HEC O1D  O  N N 151 
HEC O2D  O  N N 152 
HEC HHA  H  N N 153 
HEC HHB  H  N N 154 
HEC HHC  H  N N 155 
HEC HHD  H  N N 156 
HEC HMA1 H  N N 157 
HEC HMA2 H  N N 158 
HEC HMA3 H  N N 159 
HEC HAA1 H  N N 160 
HEC HAA2 H  N N 161 
HEC HBA1 H  N N 162 
HEC HBA2 H  N N 163 
HEC H2A  H  N N 164 
HEC HMB1 H  N N 165 
HEC HMB2 H  N N 166 
HEC HMB3 H  N N 167 
HEC HAB  H  N N 168 
HEC HBB1 H  N N 169 
HEC HBB2 H  N N 170 
HEC HBB3 H  N N 171 
HEC HMC1 H  N N 172 
HEC HMC2 H  N N 173 
HEC HMC3 H  N N 174 
HEC HAC  H  N N 175 
HEC HBC1 H  N N 176 
HEC HBC2 H  N N 177 
HEC HBC3 H  N N 178 
HEC HMD1 H  N N 179 
HEC HMD2 H  N N 180 
HEC HMD3 H  N N 181 
HEC HAD1 H  N N 182 
HEC HAD2 H  N N 183 
HEC HBD1 H  N N 184 
HEC HBD2 H  N N 185 
HEC H2D  H  N N 186 
HIS N    N  N N 187 
HIS CA   C  N S 188 
HIS C    C  N N 189 
HIS O    O  N N 190 
HIS CB   C  N N 191 
HIS CG   C  Y N 192 
HIS ND1  N  Y N 193 
HIS CD2  C  Y N 194 
HIS CE1  C  Y N 195 
HIS NE2  N  Y N 196 
HIS OXT  O  N N 197 
HIS H    H  N N 198 
HIS H2   H  N N 199 
HIS HA   H  N N 200 
HIS HB2  H  N N 201 
HIS HB3  H  N N 202 
HIS HD1  H  N N 203 
HIS HD2  H  N N 204 
HIS HE1  H  N N 205 
HIS HE2  H  N N 206 
HIS HXT  H  N N 207 
HOH O    O  N N 208 
HOH H1   H  N N 209 
HOH H2   H  N N 210 
ILE N    N  N N 211 
ILE CA   C  N S 212 
ILE C    C  N N 213 
ILE O    O  N N 214 
ILE CB   C  N S 215 
ILE CG1  C  N N 216 
ILE CG2  C  N N 217 
ILE CD1  C  N N 218 
ILE OXT  O  N N 219 
ILE H    H  N N 220 
ILE H2   H  N N 221 
ILE HA   H  N N 222 
ILE HB   H  N N 223 
ILE HG12 H  N N 224 
ILE HG13 H  N N 225 
ILE HG21 H  N N 226 
ILE HG22 H  N N 227 
ILE HG23 H  N N 228 
ILE HD11 H  N N 229 
ILE HD12 H  N N 230 
ILE HD13 H  N N 231 
ILE HXT  H  N N 232 
LEU N    N  N N 233 
LEU CA   C  N S 234 
LEU C    C  N N 235 
LEU O    O  N N 236 
LEU CB   C  N N 237 
LEU CG   C  N N 238 
LEU CD1  C  N N 239 
LEU CD2  C  N N 240 
LEU OXT  O  N N 241 
LEU H    H  N N 242 
LEU H2   H  N N 243 
LEU HA   H  N N 244 
LEU HB2  H  N N 245 
LEU HB3  H  N N 246 
LEU HG   H  N N 247 
LEU HD11 H  N N 248 
LEU HD12 H  N N 249 
LEU HD13 H  N N 250 
LEU HD21 H  N N 251 
LEU HD22 H  N N 252 
LEU HD23 H  N N 253 
LEU HXT  H  N N 254 
LYS N    N  N N 255 
LYS CA   C  N S 256 
LYS C    C  N N 257 
LYS O    O  N N 258 
LYS CB   C  N N 259 
LYS CG   C  N N 260 
LYS CD   C  N N 261 
LYS CE   C  N N 262 
LYS NZ   N  N N 263 
LYS OXT  O  N N 264 
LYS H    H  N N 265 
LYS H2   H  N N 266 
LYS HA   H  N N 267 
LYS HB2  H  N N 268 
LYS HB3  H  N N 269 
LYS HG2  H  N N 270 
LYS HG3  H  N N 271 
LYS HD2  H  N N 272 
LYS HD3  H  N N 273 
LYS HE2  H  N N 274 
LYS HE3  H  N N 275 
LYS HZ1  H  N N 276 
LYS HZ2  H  N N 277 
LYS HZ3  H  N N 278 
LYS HXT  H  N N 279 
MET N    N  N N 280 
MET CA   C  N S 281 
MET C    C  N N 282 
MET O    O  N N 283 
MET CB   C  N N 284 
MET CG   C  N N 285 
MET SD   S  N N 286 
MET CE   C  N N 287 
MET OXT  O  N N 288 
MET H    H  N N 289 
MET H2   H  N N 290 
MET HA   H  N N 291 
MET HB2  H  N N 292 
MET HB3  H  N N 293 
MET HG2  H  N N 294 
MET HG3  H  N N 295 
MET HE1  H  N N 296 
MET HE2  H  N N 297 
MET HE3  H  N N 298 
MET HXT  H  N N 299 
PHE N    N  N N 300 
PHE CA   C  N S 301 
PHE C    C  N N 302 
PHE O    O  N N 303 
PHE CB   C  N N 304 
PHE CG   C  Y N 305 
PHE CD1  C  Y N 306 
PHE CD2  C  Y N 307 
PHE CE1  C  Y N 308 
PHE CE2  C  Y N 309 
PHE CZ   C  Y N 310 
PHE OXT  O  N N 311 
PHE H    H  N N 312 
PHE H2   H  N N 313 
PHE HA   H  N N 314 
PHE HB2  H  N N 315 
PHE HB3  H  N N 316 
PHE HD1  H  N N 317 
PHE HD2  H  N N 318 
PHE HE1  H  N N 319 
PHE HE2  H  N N 320 
PHE HZ   H  N N 321 
PHE HXT  H  N N 322 
PRO N    N  N N 323 
PRO CA   C  N S 324 
PRO C    C  N N 325 
PRO O    O  N N 326 
PRO CB   C  N N 327 
PRO CG   C  N N 328 
PRO CD   C  N N 329 
PRO OXT  O  N N 330 
PRO H    H  N N 331 
PRO HA   H  N N 332 
PRO HB2  H  N N 333 
PRO HB3  H  N N 334 
PRO HG2  H  N N 335 
PRO HG3  H  N N 336 
PRO HD2  H  N N 337 
PRO HD3  H  N N 338 
PRO HXT  H  N N 339 
SER N    N  N N 340 
SER CA   C  N S 341 
SER C    C  N N 342 
SER O    O  N N 343 
SER CB   C  N N 344 
SER OG   O  N N 345 
SER OXT  O  N N 346 
SER H    H  N N 347 
SER H2   H  N N 348 
SER HA   H  N N 349 
SER HB2  H  N N 350 
SER HB3  H  N N 351 
SER HG   H  N N 352 
SER HXT  H  N N 353 
THR N    N  N N 354 
THR CA   C  N S 355 
THR C    C  N N 356 
THR O    O  N N 357 
THR CB   C  N R 358 
THR OG1  O  N N 359 
THR CG2  C  N N 360 
THR OXT  O  N N 361 
THR H    H  N N 362 
THR H2   H  N N 363 
THR HA   H  N N 364 
THR HB   H  N N 365 
THR HG1  H  N N 366 
THR HG21 H  N N 367 
THR HG22 H  N N 368 
THR HG23 H  N N 369 
THR HXT  H  N N 370 
TRP N    N  N N 371 
TRP CA   C  N S 372 
TRP C    C  N N 373 
TRP O    O  N N 374 
TRP CB   C  N N 375 
TRP CG   C  Y N 376 
TRP CD1  C  Y N 377 
TRP CD2  C  Y N 378 
TRP NE1  N  Y N 379 
TRP CE2  C  Y N 380 
TRP CE3  C  Y N 381 
TRP CZ2  C  Y N 382 
TRP CZ3  C  Y N 383 
TRP CH2  C  Y N 384 
TRP OXT  O  N N 385 
TRP H    H  N N 386 
TRP H2   H  N N 387 
TRP HA   H  N N 388 
TRP HB2  H  N N 389 
TRP HB3  H  N N 390 
TRP HD1  H  N N 391 
TRP HE1  H  N N 392 
TRP HE3  H  N N 393 
TRP HZ2  H  N N 394 
TRP HZ3  H  N N 395 
TRP HH2  H  N N 396 
TRP HXT  H  N N 397 
TYR N    N  N N 398 
TYR CA   C  N S 399 
TYR C    C  N N 400 
TYR O    O  N N 401 
TYR CB   C  N N 402 
TYR CG   C  Y N 403 
TYR CD1  C  Y N 404 
TYR CD2  C  Y N 405 
TYR CE1  C  Y N 406 
TYR CE2  C  Y N 407 
TYR CZ   C  Y N 408 
TYR OH   O  N N 409 
TYR OXT  O  N N 410 
TYR H    H  N N 411 
TYR H2   H  N N 412 
TYR HA   H  N N 413 
TYR HB2  H  N N 414 
TYR HB3  H  N N 415 
TYR HD1  H  N N 416 
TYR HD2  H  N N 417 
TYR HE1  H  N N 418 
TYR HE2  H  N N 419 
TYR HH   H  N N 420 
TYR HXT  H  N N 421 
VAL N    N  N N 422 
VAL CA   C  N S 423 
VAL C    C  N N 424 
VAL O    O  N N 425 
VAL CB   C  N N 426 
VAL CG1  C  N N 427 
VAL CG2  C  N N 428 
VAL OXT  O  N N 429 
VAL H    H  N N 430 
VAL H2   H  N N 431 
VAL HA   H  N N 432 
VAL HB   H  N N 433 
VAL HG11 H  N N 434 
VAL HG12 H  N N 435 
VAL HG13 H  N N 436 
VAL HG21 H  N N 437 
VAL HG22 H  N N 438 
VAL HG23 H  N N 439 
VAL HXT  H  N N 440 
# 
loop_
_chem_comp_bond.comp_id 
_chem_comp_bond.atom_id_1 
_chem_comp_bond.atom_id_2 
_chem_comp_bond.value_order 
_chem_comp_bond.pdbx_aromatic_flag 
_chem_comp_bond.pdbx_stereo_config 
_chem_comp_bond.pdbx_ordinal 
ALA N   CA   sing N N 1   
ALA N   H    sing N N 2   
ALA N   H2   sing N N 3   
ALA CA  C    sing N N 4   
ALA CA  CB   sing N N 5   
ALA CA  HA   sing N N 6   
ALA C   O    doub N N 7   
ALA C   OXT  sing N N 8   
ALA CB  HB1  sing N N 9   
ALA CB  HB2  sing N N 10  
ALA CB  HB3  sing N N 11  
ALA OXT HXT  sing N N 12  
ASN N   CA   sing N N 13  
ASN N   H    sing N N 14  
ASN N   H2   sing N N 15  
ASN CA  C    sing N N 16  
ASN CA  CB   sing N N 17  
ASN CA  HA   sing N N 18  
ASN C   O    doub N N 19  
ASN C   OXT  sing N N 20  
ASN CB  CG   sing N N 21  
ASN CB  HB2  sing N N 22  
ASN CB  HB3  sing N N 23  
ASN CG  OD1  doub N N 24  
ASN CG  ND2  sing N N 25  
ASN ND2 HD21 sing N N 26  
ASN ND2 HD22 sing N N 27  
ASN OXT HXT  sing N N 28  
ASP N   CA   sing N N 29  
ASP N   H    sing N N 30  
ASP N   H2   sing N N 31  
ASP CA  C    sing N N 32  
ASP CA  CB   sing N N 33  
ASP CA  HA   sing N N 34  
ASP C   O    doub N N 35  
ASP C   OXT  sing N N 36  
ASP CB  CG   sing N N 37  
ASP CB  HB2  sing N N 38  
ASP CB  HB3  sing N N 39  
ASP CG  OD1  doub N N 40  
ASP CG  OD2  sing N N 41  
ASP OD2 HD2  sing N N 42  
ASP OXT HXT  sing N N 43  
CYS N   CA   sing N N 44  
CYS N   H    sing N N 45  
CYS N   H2   sing N N 46  
CYS CA  C    sing N N 47  
CYS CA  CB   sing N N 48  
CYS CA  HA   sing N N 49  
CYS C   O    doub N N 50  
CYS C   OXT  sing N N 51  
CYS CB  SG   sing N N 52  
CYS CB  HB2  sing N N 53  
CYS CB  HB3  sing N N 54  
CYS SG  HG   sing N N 55  
CYS OXT HXT  sing N N 56  
GLN N   CA   sing N N 57  
GLN N   H    sing N N 58  
GLN N   H2   sing N N 59  
GLN CA  C    sing N N 60  
GLN CA  CB   sing N N 61  
GLN CA  HA   sing N N 62  
GLN C   O    doub N N 63  
GLN C   OXT  sing N N 64  
GLN CB  CG   sing N N 65  
GLN CB  HB2  sing N N 66  
GLN CB  HB3  sing N N 67  
GLN CG  CD   sing N N 68  
GLN CG  HG2  sing N N 69  
GLN CG  HG3  sing N N 70  
GLN CD  OE1  doub N N 71  
GLN CD  NE2  sing N N 72  
GLN NE2 HE21 sing N N 73  
GLN NE2 HE22 sing N N 74  
GLN OXT HXT  sing N N 75  
GLU N   CA   sing N N 76  
GLU N   H    sing N N 77  
GLU N   H2   sing N N 78  
GLU CA  C    sing N N 79  
GLU CA  CB   sing N N 80  
GLU CA  HA   sing N N 81  
GLU C   O    doub N N 82  
GLU C   OXT  sing N N 83  
GLU CB  CG   sing N N 84  
GLU CB  HB2  sing N N 85  
GLU CB  HB3  sing N N 86  
GLU CG  CD   sing N N 87  
GLU CG  HG2  sing N N 88  
GLU CG  HG3  sing N N 89  
GLU CD  OE1  doub N N 90  
GLU CD  OE2  sing N N 91  
GLU OE2 HE2  sing N N 92  
GLU OXT HXT  sing N N 93  
GLY N   CA   sing N N 94  
GLY N   H    sing N N 95  
GLY N   H2   sing N N 96  
GLY CA  C    sing N N 97  
GLY CA  HA2  sing N N 98  
GLY CA  HA3  sing N N 99  
GLY C   O    doub N N 100 
GLY C   OXT  sing N N 101 
GLY OXT HXT  sing N N 102 
HEC FE  NA   sing N N 103 
HEC FE  NB   sing N N 104 
HEC FE  NC   sing N N 105 
HEC FE  ND   sing N N 106 
HEC CHA C1A  doub N N 107 
HEC CHA C4D  sing N N 108 
HEC CHA HHA  sing N N 109 
HEC CHB C4A  doub N N 110 
HEC CHB C1B  sing N N 111 
HEC CHB HHB  sing N N 112 
HEC CHC C4B  doub N N 113 
HEC CHC C1C  sing N N 114 
HEC CHC HHC  sing N N 115 
HEC CHD C4C  doub N N 116 
HEC CHD C1D  sing N N 117 
HEC CHD HHD  sing N N 118 
HEC NA  C1A  sing Y N 119 
HEC NA  C4A  sing Y N 120 
HEC C1A C2A  sing Y N 121 
HEC C2A C3A  doub Y N 122 
HEC C2A CAA  sing N N 123 
HEC C3A C4A  sing Y N 124 
HEC C3A CMA  sing N N 125 
HEC CMA HMA1 sing N N 126 
HEC CMA HMA2 sing N N 127 
HEC CMA HMA3 sing N N 128 
HEC CAA CBA  sing N N 129 
HEC CAA HAA1 sing N N 130 
HEC CAA HAA2 sing N N 131 
HEC CBA CGA  sing N N 132 
HEC CBA HBA1 sing N N 133 
HEC CBA HBA2 sing N N 134 
HEC CGA O1A  doub N N 135 
HEC CGA O2A  sing N N 136 
HEC O2A H2A  sing N N 137 
HEC NB  C1B  sing Y N 138 
HEC NB  C4B  sing Y N 139 
HEC C1B C2B  doub Y N 140 
HEC C2B C3B  sing Y N 141 
HEC C2B CMB  sing N N 142 
HEC C3B C4B  sing Y N 143 
HEC C3B CAB  doub N E 144 
HEC CMB HMB1 sing N N 145 
HEC CMB HMB2 sing N N 146 
HEC CMB HMB3 sing N N 147 
HEC CAB CBB  sing N N 148 
HEC CAB HAB  sing N N 149 
HEC CBB HBB1 sing N N 150 
HEC CBB HBB2 sing N N 151 
HEC CBB HBB3 sing N N 152 
HEC NC  C1C  sing Y N 153 
HEC NC  C4C  sing Y N 154 
HEC C1C C2C  doub Y N 155 
HEC C2C C3C  sing Y N 156 
HEC C2C CMC  sing N N 157 
HEC C3C C4C  sing Y N 158 
HEC C3C CAC  doub N E 159 
HEC CMC HMC1 sing N N 160 
HEC CMC HMC2 sing N N 161 
HEC CMC HMC3 sing N N 162 
HEC CAC CBC  sing N N 163 
HEC CAC HAC  sing N N 164 
HEC CBC HBC1 sing N N 165 
HEC CBC HBC2 sing N N 166 
HEC CBC HBC3 sing N N 167 
HEC ND  C1D  sing Y N 168 
HEC ND  C4D  sing Y N 169 
HEC C1D C2D  doub Y N 170 
HEC C2D C3D  sing Y N 171 
HEC C2D CMD  sing N N 172 
HEC C3D C4D  doub Y N 173 
HEC C3D CAD  sing N N 174 
HEC CMD HMD1 sing N N 175 
HEC CMD HMD2 sing N N 176 
HEC CMD HMD3 sing N N 177 
HEC CAD CBD  sing N N 178 
HEC CAD HAD1 sing N N 179 
HEC CAD HAD2 sing N N 180 
HEC CBD CGD  sing N N 181 
HEC CBD HBD1 sing N N 182 
HEC CBD HBD2 sing N N 183 
HEC CGD O1D  doub N N 184 
HEC CGD O2D  sing N N 185 
HEC O2D H2D  sing N N 186 
HIS N   CA   sing N N 187 
HIS N   H    sing N N 188 
HIS N   H2   sing N N 189 
HIS CA  C    sing N N 190 
HIS CA  CB   sing N N 191 
HIS CA  HA   sing N N 192 
HIS C   O    doub N N 193 
HIS C   OXT  sing N N 194 
HIS CB  CG   sing N N 195 
HIS CB  HB2  sing N N 196 
HIS CB  HB3  sing N N 197 
HIS CG  ND1  sing Y N 198 
HIS CG  CD2  doub Y N 199 
HIS ND1 CE1  doub Y N 200 
HIS ND1 HD1  sing N N 201 
HIS CD2 NE2  sing Y N 202 
HIS CD2 HD2  sing N N 203 
HIS CE1 NE2  sing Y N 204 
HIS CE1 HE1  sing N N 205 
HIS NE2 HE2  sing N N 206 
HIS OXT HXT  sing N N 207 
HOH O   H1   sing N N 208 
HOH O   H2   sing N N 209 
ILE N   CA   sing N N 210 
ILE N   H    sing N N 211 
ILE N   H2   sing N N 212 
ILE CA  C    sing N N 213 
ILE CA  CB   sing N N 214 
ILE CA  HA   sing N N 215 
ILE C   O    doub N N 216 
ILE C   OXT  sing N N 217 
ILE CB  CG1  sing N N 218 
ILE CB  CG2  sing N N 219 
ILE CB  HB   sing N N 220 
ILE CG1 CD1  sing N N 221 
ILE CG1 HG12 sing N N 222 
ILE CG1 HG13 sing N N 223 
ILE CG2 HG21 sing N N 224 
ILE CG2 HG22 sing N N 225 
ILE CG2 HG23 sing N N 226 
ILE CD1 HD11 sing N N 227 
ILE CD1 HD12 sing N N 228 
ILE CD1 HD13 sing N N 229 
ILE OXT HXT  sing N N 230 
LEU N   CA   sing N N 231 
LEU N   H    sing N N 232 
LEU N   H2   sing N N 233 
LEU CA  C    sing N N 234 
LEU CA  CB   sing N N 235 
LEU CA  HA   sing N N 236 
LEU C   O    doub N N 237 
LEU C   OXT  sing N N 238 
LEU CB  CG   sing N N 239 
LEU CB  HB2  sing N N 240 
LEU CB  HB3  sing N N 241 
LEU CG  CD1  sing N N 242 
LEU CG  CD2  sing N N 243 
LEU CG  HG   sing N N 244 
LEU CD1 HD11 sing N N 245 
LEU CD1 HD12 sing N N 246 
LEU CD1 HD13 sing N N 247 
LEU CD2 HD21 sing N N 248 
LEU CD2 HD22 sing N N 249 
LEU CD2 HD23 sing N N 250 
LEU OXT HXT  sing N N 251 
LYS N   CA   sing N N 252 
LYS N   H    sing N N 253 
LYS N   H2   sing N N 254 
LYS CA  C    sing N N 255 
LYS CA  CB   sing N N 256 
LYS CA  HA   sing N N 257 
LYS C   O    doub N N 258 
LYS C   OXT  sing N N 259 
LYS CB  CG   sing N N 260 
LYS CB  HB2  sing N N 261 
LYS CB  HB3  sing N N 262 
LYS CG  CD   sing N N 263 
LYS CG  HG2  sing N N 264 
LYS CG  HG3  sing N N 265 
LYS CD  CE   sing N N 266 
LYS CD  HD2  sing N N 267 
LYS CD  HD3  sing N N 268 
LYS CE  NZ   sing N N 269 
LYS CE  HE2  sing N N 270 
LYS CE  HE3  sing N N 271 
LYS NZ  HZ1  sing N N 272 
LYS NZ  HZ2  sing N N 273 
LYS NZ  HZ3  sing N N 274 
LYS OXT HXT  sing N N 275 
MET N   CA   sing N N 276 
MET N   H    sing N N 277 
MET N   H2   sing N N 278 
MET CA  C    sing N N 279 
MET CA  CB   sing N N 280 
MET CA  HA   sing N N 281 
MET C   O    doub N N 282 
MET C   OXT  sing N N 283 
MET CB  CG   sing N N 284 
MET CB  HB2  sing N N 285 
MET CB  HB3  sing N N 286 
MET CG  SD   sing N N 287 
MET CG  HG2  sing N N 288 
MET CG  HG3  sing N N 289 
MET SD  CE   sing N N 290 
MET CE  HE1  sing N N 291 
MET CE  HE2  sing N N 292 
MET CE  HE3  sing N N 293 
MET OXT HXT  sing N N 294 
PHE N   CA   sing N N 295 
PHE N   H    sing N N 296 
PHE N   H2   sing N N 297 
PHE CA  C    sing N N 298 
PHE CA  CB   sing N N 299 
PHE CA  HA   sing N N 300 
PHE C   O    doub N N 301 
PHE C   OXT  sing N N 302 
PHE CB  CG   sing N N 303 
PHE CB  HB2  sing N N 304 
PHE CB  HB3  sing N N 305 
PHE CG  CD1  doub Y N 306 
PHE CG  CD2  sing Y N 307 
PHE CD1 CE1  sing Y N 308 
PHE CD1 HD1  sing N N 309 
PHE CD2 CE2  doub Y N 310 
PHE CD2 HD2  sing N N 311 
PHE CE1 CZ   doub Y N 312 
PHE CE1 HE1  sing N N 313 
PHE CE2 CZ   sing Y N 314 
PHE CE2 HE2  sing N N 315 
PHE CZ  HZ   sing N N 316 
PHE OXT HXT  sing N N 317 
PRO N   CA   sing N N 318 
PRO N   CD   sing N N 319 
PRO N   H    sing N N 320 
PRO CA  C    sing N N 321 
PRO CA  CB   sing N N 322 
PRO CA  HA   sing N N 323 
PRO C   O    doub N N 324 
PRO C   OXT  sing N N 325 
PRO CB  CG   sing N N 326 
PRO CB  HB2  sing N N 327 
PRO CB  HB3  sing N N 328 
PRO CG  CD   sing N N 329 
PRO CG  HG2  sing N N 330 
PRO CG  HG3  sing N N 331 
PRO CD  HD2  sing N N 332 
PRO CD  HD3  sing N N 333 
PRO OXT HXT  sing N N 334 
SER N   CA   sing N N 335 
SER N   H    sing N N 336 
SER N   H2   sing N N 337 
SER CA  C    sing N N 338 
SER CA  CB   sing N N 339 
SER CA  HA   sing N N 340 
SER C   O    doub N N 341 
SER C   OXT  sing N N 342 
SER CB  OG   sing N N 343 
SER CB  HB2  sing N N 344 
SER CB  HB3  sing N N 345 
SER OG  HG   sing N N 346 
SER OXT HXT  sing N N 347 
THR N   CA   sing N N 348 
THR N   H    sing N N 349 
THR N   H2   sing N N 350 
THR CA  C    sing N N 351 
THR CA  CB   sing N N 352 
THR CA  HA   sing N N 353 
THR C   O    doub N N 354 
THR C   OXT  sing N N 355 
THR CB  OG1  sing N N 356 
THR CB  CG2  sing N N 357 
THR CB  HB   sing N N 358 
THR OG1 HG1  sing N N 359 
THR CG2 HG21 sing N N 360 
THR CG2 HG22 sing N N 361 
THR CG2 HG23 sing N N 362 
THR OXT HXT  sing N N 363 
TRP N   CA   sing N N 364 
TRP N   H    sing N N 365 
TRP N   H2   sing N N 366 
TRP CA  C    sing N N 367 
TRP CA  CB   sing N N 368 
TRP CA  HA   sing N N 369 
TRP C   O    doub N N 370 
TRP C   OXT  sing N N 371 
TRP CB  CG   sing N N 372 
TRP CB  HB2  sing N N 373 
TRP CB  HB3  sing N N 374 
TRP CG  CD1  doub Y N 375 
TRP CG  CD2  sing Y N 376 
TRP CD1 NE1  sing Y N 377 
TRP CD1 HD1  sing N N 378 
TRP CD2 CE2  doub Y N 379 
TRP CD2 CE3  sing Y N 380 
TRP NE1 CE2  sing Y N 381 
TRP NE1 HE1  sing N N 382 
TRP CE2 CZ2  sing Y N 383 
TRP CE3 CZ3  doub Y N 384 
TRP CE3 HE3  sing N N 385 
TRP CZ2 CH2  doub Y N 386 
TRP CZ2 HZ2  sing N N 387 
TRP CZ3 CH2  sing Y N 388 
TRP CZ3 HZ3  sing N N 389 
TRP CH2 HH2  sing N N 390 
TRP OXT HXT  sing N N 391 
TYR N   CA   sing N N 392 
TYR N   H    sing N N 393 
TYR N   H2   sing N N 394 
TYR CA  C    sing N N 395 
TYR CA  CB   sing N N 396 
TYR CA  HA   sing N N 397 
TYR C   O    doub N N 398 
TYR C   OXT  sing N N 399 
TYR CB  CG   sing N N 400 
TYR CB  HB2  sing N N 401 
TYR CB  HB3  sing N N 402 
TYR CG  CD1  doub Y N 403 
TYR CG  CD2  sing Y N 404 
TYR CD1 CE1  sing Y N 405 
TYR CD1 HD1  sing N N 406 
TYR CD2 CE2  doub Y N 407 
TYR CD2 HD2  sing N N 408 
TYR CE1 CZ   doub Y N 409 
TYR CE1 HE1  sing N N 410 
TYR CE2 CZ   sing Y N 411 
TYR CE2 HE2  sing N N 412 
TYR CZ  OH   sing N N 413 
TYR OH  HH   sing N N 414 
TYR OXT HXT  sing N N 415 
VAL N   CA   sing N N 416 
VAL N   H    sing N N 417 
VAL N   H2   sing N N 418 
VAL CA  C    sing N N 419 
VAL CA  CB   sing N N 420 
VAL CA  HA   sing N N 421 
VAL C   O    doub N N 422 
VAL C   OXT  sing N N 423 
VAL CB  CG1  sing N N 424 
VAL CB  CG2  sing N N 425 
VAL CB  HB   sing N N 426 
VAL CG1 HG11 sing N N 427 
VAL CG1 HG12 sing N N 428 
VAL CG1 HG13 sing N N 429 
VAL CG2 HG21 sing N N 430 
VAL CG2 HG22 sing N N 431 
VAL CG2 HG23 sing N N 432 
VAL OXT HXT  sing N N 433 
# 
_atom_sites.entry_id                    2C2C 
_atom_sites.fract_transf_matrix[1][1]   0.01182941 
_atom_sites.fract_transf_matrix[1][2]   0.00870528 
_atom_sites.fract_transf_matrix[1][3]   -0.02734188 
_atom_sites.fract_transf_matrix[2][1]   0.01216470 
_atom_sites.fract_transf_matrix[2][2]   0.02068966 
_atom_sites.fract_transf_matrix[2][3]   0.01185034 
_atom_sites.fract_transf_matrix[3][1]   0.00951473 
_atom_sites.fract_transf_matrix[3][2]   -0.00672560 
_atom_sites.fract_transf_matrix[3][3]   0.00197519 
_atom_sites.fract_transf_vector[1]      1.080523 
_atom_sites.fract_transf_vector[2]      0.030413 
_atom_sites.fract_transf_vector[3]      0.389792 
# 
loop_
_atom_type.symbol 
C  
FE 
N  
O  
S  
# 
loop_
_atom_site.group_PDB 
_atom_site.id 
_atom_site.type_symbol 
_atom_site.label_atom_id 
_atom_site.label_alt_id 
_atom_site.label_comp_id 
_atom_site.label_asym_id 
_atom_site.label_entity_id 
_atom_site.label_seq_id 
_atom_site.pdbx_PDB_ins_code 
_atom_site.Cartn_x 
_atom_site.Cartn_y 
_atom_site.Cartn_z 
_atom_site.occupancy 
_atom_site.B_iso_or_equiv 
_atom_site.pdbx_formal_charge 
_atom_site.auth_seq_id 
_atom_site.auth_comp_id 
_atom_site.auth_asym_id 
_atom_site.auth_atom_id 
_atom_site.pdbx_PDB_model_num 
ATOM   1   N  N   . GLU A 1 1   ? -12.284 -12.410 -0.929  1.00 45.90 ? 1   GLU A N   1 
ATOM   2   C  CA  . GLU A 1 1   ? -11.701 -12.890 -2.203  1.00 56.00 ? 1   GLU A CA  1 
ATOM   3   C  C   . GLU A 1 1   ? -10.136 -13.190 -2.087  1.00 36.10 ? 1   GLU A C   1 
ATOM   4   O  O   . GLU A 1 1   ? -9.638  -12.005 -1.529  1.00 51.40 ? 1   GLU A O   1 
ATOM   5   C  CB  . GLU A 1 1   ? -11.655 -11.533 -3.307  1.00 66.70 ? 1   GLU A CB  1 
ATOM   6   N  N   . GLY A 1 2   ? -9.784  -14.258 -2.570  1.00 29.00 ? 2   GLY A N   1 
ATOM   7   C  CA  . GLY A 1 2   ? -8.357  -14.023 -2.661  1.00 18.60 ? 2   GLY A CA  1 
ATOM   8   C  C   . GLY A 1 2   ? -7.648  -15.227 -2.102  1.00 24.20 ? 2   GLY A C   1 
ATOM   9   O  O   . GLY A 1 2   ? -8.213  -15.662 -1.100  1.00 26.70 ? 2   GLY A O   1 
ATOM   10  N  N   . ASP A 1 3   ? -6.608  -15.741 -2.701  1.00 15.20 ? 3   ASP A N   1 
ATOM   11  C  CA  . ASP A 1 3   ? -5.946  -16.915 -2.164  1.00 17.30 ? 3   ASP A CA  1 
ATOM   12  C  C   . ASP A 1 3   ? -4.711  -16.301 -1.480  1.00 24.00 ? 3   ASP A C   1 
ATOM   13  O  O   . ASP A 1 3   ? -3.937  -15.761 -2.290  1.00 20.60 ? 3   ASP A O   1 
ATOM   14  C  CB  . ASP A 1 3   ? -5.708  -17.744 -3.381  1.00 14.80 ? 3   ASP A CB  1 
ATOM   15  C  CG  . ASP A 1 3   ? -4.790  -18.799 -2.843  1.00 18.70 ? 3   ASP A CG  1 
ATOM   16  O  OD1 . ASP A 1 3   ? -4.355  -18.852 -1.707  1.00 20.30 ? 3   ASP A OD1 1 
ATOM   17  O  OD2 . ASP A 1 3   ? -4.592  -19.593 -3.805  1.00 23.70 ? 3   ASP A OD2 1 
ATOM   18  N  N   . ALA A 1 4   ? -4.428  -16.181 -0.218  1.00 13.70 ? 4   ALA A N   1 
ATOM   19  C  CA  . ALA A 1 4   ? -3.331  -15.523 0.330   1.00 10.10 ? 4   ALA A CA  1 
ATOM   20  C  C   . ALA A 1 4   ? -2.098  -16.404 -0.053  1.00 9.40  ? 4   ALA A C   1 
ATOM   21  O  O   . ALA A 1 4   ? -0.986  -15.750 0.103   1.00 11.40 ? 4   ALA A O   1 
ATOM   22  C  CB  . ALA A 1 4   ? -3.411  -15.481 1.875   1.00 14.80 ? 4   ALA A CB  1 
ATOM   23  N  N   . ALA A 1 5   ? -2.211  -17.588 -0.490  1.00 9.40  ? 5   ALA A N   1 
ATOM   24  C  CA  . ALA A 1 5   ? -0.991  -18.328 -0.811  1.00 10.10 ? 5   ALA A CA  1 
ATOM   25  C  C   . ALA A 1 5   ? -0.477  -17.899 -2.246  1.00 9.30  ? 5   ALA A C   1 
ATOM   26  O  O   . ALA A 1 5   ? 0.663   -17.576 -2.331  1.00 12.90 ? 5   ALA A O   1 
ATOM   27  C  CB  . ALA A 1 5   ? -1.278  -19.822 -0.866  1.00 16.70 ? 5   ALA A CB  1 
ATOM   28  N  N   . ALA A 1 6   ? -1.495  -17.578 -3.072  1.00 12.80 ? 6   ALA A N   1 
ATOM   29  C  CA  . ALA A 1 6   ? -1.101  -16.960 -4.419  1.00 11.90 ? 6   ALA A CA  1 
ATOM   30  C  C   . ALA A 1 6   ? -0.684  -15.553 -4.210  1.00 14.10 ? 6   ALA A C   1 
ATOM   31  O  O   . ALA A 1 6   ? 0.247   -15.054 -4.840  1.00 11.40 ? 6   ALA A O   1 
ATOM   32  C  CB  . ALA A 1 6   ? -2.098  -17.108 -5.442  1.00 11.10 ? 6   ALA A CB  1 
ATOM   33  N  N   . GLY A 1 7   ? -1.231  -14.790 -3.284  1.00 12.40 ? 7   GLY A N   1 
ATOM   34  C  CA  . GLY A 1 7   ? -0.839  -13.448 -2.937  1.00 8.50  ? 7   GLY A CA  1 
ATOM   35  C  C   . GLY A 1 7   ? 0.614   -13.386 -2.482  1.00 7.70  ? 7   GLY A C   1 
ATOM   36  O  O   . GLY A 1 7   ? 1.223   -12.353 -2.741  1.00 12.80 ? 7   GLY A O   1 
ATOM   37  N  N   . GLU A 1 8   ? 1.177   -14.366 -1.710  1.00 8.30  ? 8   GLU A N   1 
ATOM   38  C  CA  . GLU A 1 8   ? 2.556   -14.284 -1.258  1.00 8.60  ? 8   GLU A CA  1 
ATOM   39  C  C   . GLU A 1 8   ? 3.572   -14.369 -2.491  1.00 13.80 ? 8   GLU A C   1 
ATOM   40  O  O   . GLU A 1 8   ? 4.564   -13.710 -2.511  1.00 12.50 ? 8   GLU A O   1 
ATOM   41  C  CB  . GLU A 1 8   ? 2.787   -15.511 -0.323  1.00 10.30 ? 8   GLU A CB  1 
ATOM   42  C  CG  . GLU A 1 8   ? 4.117   -15.242 0.350   1.00 11.70 ? 8   GLU A CG  1 
ATOM   43  C  CD  . GLU A 1 8   ? 4.410   -16.214 1.609   1.00 22.60 ? 8   GLU A CD  1 
ATOM   44  O  OE1 . GLU A 1 8   ? 5.290   -15.956 2.378   1.00 31.70 ? 8   GLU A OE1 1 
ATOM   45  O  OE2 . GLU A 1 8   ? 3.896   -17.300 1.347   1.00 34.90 ? 8   GLU A OE2 1 
ATOM   46  N  N   . LYS A 1 9   ? 3.097   -15.219 -3.456  1.00 11.40 ? 9   LYS A N   1 
ATOM   47  C  CA  . LYS A 1 9   ? 3.863   -15.292 -4.703  1.00 15.10 ? 9   LYS A CA  1 
ATOM   48  C  C   . LYS A 1 9   ? 3.912   -13.928 -5.439  1.00 11.30 ? 9   LYS A C   1 
ATOM   49  O  O   . LYS A 1 9   ? 4.983   -13.414 -5.856  1.00 12.60 ? 9   LYS A O   1 
ATOM   50  C  CB  . LYS A 1 9   ? 3.251   -16.363 -5.638  1.00 14.60 ? 9   LYS A CB  1 
ATOM   51  C  CG  . LYS A 1 9   ? 3.321   -17.797 -5.235  1.00 18.80 ? 9   LYS A CG  1 
ATOM   52  C  CD  . LYS A 1 9   ? 4.596   -18.393 -4.851  1.00 23.40 ? 9   LYS A CD  1 
ATOM   53  C  CE  . LYS A 1 9   ? 4.365   -20.042 -4.624  1.00 22.50 ? 9   LYS A CE  1 
ATOM   54  N  NZ  . LYS A 1 9   ? 5.911   -20.255 -4.125  1.00 38.10 ? 9   LYS A NZ  1 
ATOM   55  N  N   . VAL A 1 10  ? 2.783   -13.310 -5.674  1.00 10.60 ? 10  VAL A N   1 
ATOM   56  C  CA  . VAL A 1 10  ? 2.591   -12.062 -6.302  1.00 11.60 ? 10  VAL A CA  1 
ATOM   57  C  C   . VAL A 1 10  ? 3.418   -11.004 -5.607  1.00 12.60 ? 10  VAL A C   1 
ATOM   58  O  O   . VAL A 1 10  ? 4.069   -10.117 -6.201  1.00 13.00 ? 10  VAL A O   1 
ATOM   59  C  CB  . VAL A 1 10  ? 1.104   -11.543 -6.405  1.00 15.80 ? 10  VAL A CB  1 
ATOM   60  C  CG1 . VAL A 1 10  ? 1.113   -10.079 -7.093  1.00 16.90 ? 10  VAL A CG1 1 
ATOM   61  C  CG2 . VAL A 1 10  ? 0.267   -12.389 -7.230  1.00 21.20 ? 10  VAL A CG2 1 
ATOM   62  N  N   . SER A 1 11  ? 3.467   -11.044 -4.304  1.00 10.60 ? 11  SER A N   1 
ATOM   63  C  CA  . SER A 1 11  ? 4.123   -10.025 -3.458  1.00 7.30  ? 11  SER A CA  1 
ATOM   64  C  C   . SER A 1 11  ? 5.632   -9.896  -3.763  1.00 6.00  ? 11  SER A C   1 
ATOM   65  O  O   . SER A 1 11  ? 6.254   -8.963  -3.344  1.00 6.90  ? 11  SER A O   1 
ATOM   66  C  CB  . SER A 1 11  ? 3.944   -10.341 -1.933  1.00 12.90 ? 11  SER A CB  1 
ATOM   67  O  OG  . SER A 1 11  ? 4.801   -11.352 -1.430  1.00 14.40 ? 11  SER A OG  1 
ATOM   68  N  N   . LYS A 1 12  ? 6.119   -10.946 -4.420  1.00 8.50  ? 12  LYS A N   1 
ATOM   69  C  CA  . LYS A 1 12  ? 7.567   -10.982 -4.759  1.00 9.70  ? 12  LYS A CA  1 
ATOM   70  C  C   . LYS A 1 12  ? 7.850   -9.778  -5.728  1.00 7.60  ? 12  LYS A C   1 
ATOM   71  O  O   . LYS A 1 12  ? 8.922   -9.188  -5.713  1.00 9.80  ? 12  LYS A O   1 
ATOM   72  C  CB  . LYS A 1 12  ? 8.136   -12.352 -5.164  1.00 8.50  ? 12  LYS A CB  1 
ATOM   73  C  CG  . LYS A 1 12  ? 8.011   -13.640 -4.459  1.00 23.90 ? 12  LYS A CG  1 
ATOM   74  C  CD  . LYS A 1 12  ? 8.268   -14.394 -2.999  1.00 39.60 ? 12  LYS A CD  1 
ATOM   75  N  N   . LYS A 1 13  ? 6.833   -9.282  -6.385  1.00 6.10  ? 13  LYS A N   1 
ATOM   76  C  CA  . LYS A 1 13  ? 6.851   -8.127  -7.202  1.00 5.10  ? 13  LYS A CA  1 
ATOM   77  C  C   . LYS A 1 13  ? 7.077   -6.898  -6.440  1.00 11.10 ? 13  LYS A C   1 
ATOM   78  O  O   . LYS A 1 13  ? 7.385   -5.860  -6.964  1.00 13.10 ? 13  LYS A O   1 
ATOM   79  C  CB  . LYS A 1 13  ? 5.648   -7.986  -8.109  1.00 8.30  ? 13  LYS A CB  1 
ATOM   80  C  CG  . LYS A 1 13  ? 5.731   -9.198  -9.105  1.00 14.20 ? 13  LYS A CG  1 
ATOM   81  C  CD  . LYS A 1 13  ? 4.845   -8.815  -10.355 1.00 16.40 ? 13  LYS A CD  1 
ATOM   82  C  CE  . LYS A 1 13  ? 3.470   -9.300  -10.105 1.00 11.90 ? 13  LYS A CE  1 
ATOM   83  N  NZ  . LYS A 1 13  ? 2.791   -9.671  -11.448 1.00 15.10 ? 13  LYS A NZ  1 
ATOM   84  N  N   . CYS A 1 14  ? 6.797   -6.883  -5.160  1.00 7.90  ? 14  CYS A N   1 
ATOM   85  C  CA  . CYS A 1 14  ? 7.011   -5.679  -4.366  1.00 8.60  ? 14  CYS A CA  1 
ATOM   86  C  C   . CYS A 1 14  ? 8.385   -5.649  -3.638  1.00 7.30  ? 14  CYS A C   1 
ATOM   87  O  O   . CYS A 1 14  ? 8.702   -4.709  -2.985  1.00 9.90  ? 14  CYS A O   1 
ATOM   88  C  CB  . CYS A 1 14  ? 5.983   -5.705  -3.151  1.00 6.10  ? 14  CYS A CB  1 
ATOM   89  S  SG  . CYS A 1 14  ? 4.277   -6.180  -3.734  1.00 10.00 ? 14  CYS A SG  1 
ATOM   90  N  N   . LEU A 1 15  ? 9.052   -6.843  -3.502  1.00 5.60  ? 15  LEU A N   1 
ATOM   91  C  CA  . LEU A 1 15  ? 10.164  -6.996  -2.616  1.00 5.70  ? 15  LEU A CA  1 
ATOM   92  C  C   . LEU A 1 15  ? 11.385  -6.088  -3.013  1.00 12.60 ? 15  LEU A C   1 
ATOM   93  O  O   . LEU A 1 15  ? 12.143  -5.832  -2.025  1.00 14.20 ? 15  LEU A O   1 
ATOM   94  C  CB  . LEU A 1 15  ? 10.589  -8.407  -2.711  1.00 9.10  ? 15  LEU A CB  1 
ATOM   95  C  CG  . LEU A 1 15  ? 10.504  -9.395  -1.712  1.00 22.10 ? 15  LEU A CG  1 
ATOM   96  C  CD1 . LEU A 1 15  ? 9.520   -9.377  -0.621  1.00 18.30 ? 15  LEU A CD1 1 
ATOM   97  C  CD2 . LEU A 1 15  ? 10.615  -10.738 -2.215  1.00 21.90 ? 15  LEU A CD2 1 
ATOM   98  N  N   . ALA A 1 16  ? 11.526  -5.545  -4.175  1.00 7.90  ? 16  ALA A N   1 
ATOM   99  C  CA  . ALA A 1 16  ? 12.732  -4.694  -4.279  1.00 10.30 ? 16  ALA A CA  1 
ATOM   100 C  C   . ALA A 1 16  ? 12.543  -3.450  -3.500  1.00 12.10 ? 16  ALA A C   1 
ATOM   101 O  O   . ALA A 1 16  ? 13.533  -2.803  -3.252  1.00 11.50 ? 16  ALA A O   1 
ATOM   102 C  CB  . ALA A 1 16  ? 12.913  -4.369  -5.778  1.00 10.20 ? 16  ALA A CB  1 
ATOM   103 N  N   . CYS A 1 17  ? 11.293  -3.138  -3.237  1.00 8.50  ? 17  CYS A N   1 
ATOM   104 C  CA  . CYS A 1 17  ? 11.106  -1.803  -2.575  1.00 7.30  ? 17  CYS A CA  1 
ATOM   105 C  C   . CYS A 1 17  ? 10.629  -1.957  -1.162  1.00 5.40  ? 17  CYS A C   1 
ATOM   106 O  O   . CYS A 1 17  ? 10.675  -1.022  -0.356  1.00 10.50 ? 17  CYS A O   1 
ATOM   107 C  CB  . CYS A 1 17  ? 10.075  -0.925  -3.298  1.00 6.70  ? 17  CYS A CB  1 
ATOM   108 S  SG  . CYS A 1 17  ? 10.722  -0.600  -5.004  1.00 8.80  ? 17  CYS A SG  1 
ATOM   109 N  N   . HIS A 1 18  ? 9.957   -3.070  -0.877  1.00 8.10  ? 18  HIS A N   1 
ATOM   110 C  CA  . HIS A 1 18  ? 9.322   -3.178  0.438   1.00 7.60  ? 18  HIS A CA  1 
ATOM   111 C  C   . HIS A 1 18  ? 9.766   -4.490  1.188   1.00 10.50 ? 18  HIS A C   1 
ATOM   112 O  O   . HIS A 1 18  ? 9.889   -5.528  0.593   1.00 11.20 ? 18  HIS A O   1 
ATOM   113 C  CB  . HIS A 1 18  ? 7.777   -3.280  0.236   1.00 7.60  ? 18  HIS A CB  1 
ATOM   114 C  CG  . HIS A 1 18  ? 7.077   -1.980  -0.163  1.00 6.80  ? 18  HIS A CG  1 
ATOM   115 N  ND1 . HIS A 1 18  ? 6.744   -1.035  0.765   1.00 5.50  ? 18  HIS A ND1 1 
ATOM   116 C  CD2 . HIS A 1 18  ? 6.533   -1.789  -1.383  1.00 3.50  ? 18  HIS A CD2 1 
ATOM   117 C  CE1 . HIS A 1 18  ? 6.143   -0.165  0.044   1.00 5.60  ? 18  HIS A CE1 1 
ATOM   118 N  NE2 . HIS A 1 18  ? 6.009   -0.527  -1.264  1.00 5.10  ? 18  HIS A NE2 1 
ATOM   119 N  N   . THR A 1 19  ? 9.776   -4.451  2.533   1.00 7.30  ? 19  THR A N   1 
ATOM   120 C  CA  . THR A 1 19  ? 9.942   -5.688  3.324   1.00 9.70  ? 19  THR A CA  1 
ATOM   121 C  C   . THR A 1 19  ? 8.540   -5.997  4.061   1.00 8.40  ? 19  THR A C   1 
ATOM   122 O  O   . THR A 1 19  ? 7.748   -5.081  4.111   1.00 9.10  ? 19  THR A O   1 
ATOM   123 C  CB  . THR A 1 19  ? 11.119  -5.591  4.386   1.00 8.70  ? 19  THR A CB  1 
ATOM   124 O  OG1 . THR A 1 19  ? 10.696  -4.462  5.244   1.00 8.30  ? 19  THR A OG1 1 
ATOM   125 C  CG2 . THR A 1 19  ? 12.380  -5.116  3.641   1.00 5.50  ? 19  THR A CG2 1 
ATOM   126 N  N   . PHE A 1 20  ? 8.240   -7.143  4.474   1.00 6.80  ? 20  PHE A N   1 
ATOM   127 C  CA  . PHE A 1 20  ? 7.025   -7.589  4.918   1.00 3.50  ? 20  PHE A CA  1 
ATOM   128 C  C   . PHE A 1 20  ? 7.103   -8.152  6.340   1.00 11.80 ? 20  PHE A C   1 
ATOM   129 O  O   . PHE A 1 20  ? 6.131   -8.644  6.954   1.00 12.70 ? 20  PHE A O   1 
ATOM   130 C  CB  . PHE A 1 20  ? 6.474   -8.676  3.993   1.00 6.90  ? 20  PHE A CB  1 
ATOM   131 C  CG  . PHE A 1 20  ? 6.057   -8.110  2.665   1.00 12.70 ? 20  PHE A CG  1 
ATOM   132 C  CD1 . PHE A 1 20  ? 6.851   -8.236  1.459   1.00 25.30 ? 20  PHE A CD1 1 
ATOM   133 C  CD2 . PHE A 1 20  ? 4.852   -7.417  2.512   1.00 13.50 ? 20  PHE A CD2 1 
ATOM   134 C  CE1 . PHE A 1 20  ? 6.377   -7.767  0.314   1.00 19.70 ? 20  PHE A CE1 1 
ATOM   135 C  CE2 . PHE A 1 20  ? 4.449   -6.960  1.223   1.00 14.60 ? 20  PHE A CE2 1 
ATOM   136 C  CZ  . PHE A 1 20  ? 5.246   -7.044  0.145   1.00 12.20 ? 20  PHE A CZ  1 
ATOM   137 N  N   . ASP A 1 21  ? 8.398   -8.224  6.854   1.00 10.10 ? 21  ASP A N   1 
ATOM   138 C  CA  . ASP A 1 21  ? 8.532   -8.837  8.193   1.00 8.70  ? 21  ASP A CA  1 
ATOM   139 C  C   . ASP A 1 21  ? 8.350   -7.747  9.187   1.00 7.10  ? 21  ASP A C   1 
ATOM   140 O  O   . ASP A 1 21  ? 8.691   -6.625  9.091   1.00 6.90  ? 21  ASP A O   1 
ATOM   141 C  CB  . ASP A 1 21  ? 10.029  -9.276  8.280   1.00 16.90 ? 21  ASP A CB  1 
ATOM   142 C  CG  . ASP A 1 21  ? 10.299  -10.582 7.618   1.00 32.50 ? 21  ASP A CG  1 
ATOM   143 O  OD1 . ASP A 1 21  ? 9.271   -11.322 6.938   1.00 45.40 ? 21  ASP A OD1 1 
ATOM   144 O  OD2 . ASP A 1 21  ? 11.522  -11.177 7.538   1.00 44.90 ? 21  ASP A OD2 1 
ATOM   145 N  N   . GLN A 1 22  ? 7.928   -8.197  10.405  1.00 7.10  ? 22  GLN A N   1 
ATOM   146 C  CA  . GLN A 1 22  ? 7.778   -7.245  11.495  1.00 4.70  ? 22  GLN A CA  1 
ATOM   147 C  C   . GLN A 1 22  ? 9.070   -6.664  11.864  1.00 7.50  ? 22  GLN A C   1 
ATOM   148 O  O   . GLN A 1 22  ? 10.110  -7.383  12.120  1.00 10.20 ? 22  GLN A O   1 
ATOM   149 C  CB  . GLN A 1 22  ? 7.132   -7.969  12.744  1.00 5.00  ? 22  GLN A CB  1 
ATOM   150 C  CG  . GLN A 1 22  ? 6.885   -6.921  13.789  1.00 8.90  ? 22  GLN A CG  1 
ATOM   151 C  CD  . GLN A 1 22  ? 5.918   -7.347  14.847  1.00 10.90 ? 22  GLN A CD  1 
ATOM   152 O  OE1 . GLN A 1 22  ? 4.984   -6.628  15.273  1.00 15.40 ? 22  GLN A OE1 1 
ATOM   153 N  NE2 . GLN A 1 22  ? 5.824   -8.590  15.193  1.00 13.10 ? 22  GLN A NE2 1 
ATOM   154 N  N   . GLY A 1 23  ? 9.236   -5.330  11.895  1.00 7.00  ? 23  GLY A N   1 
ATOM   155 C  CA  . GLY A 1 23  ? 10.514  -4.663  12.377  1.00 5.30  ? 23  GLY A CA  1 
ATOM   156 C  C   . GLY A 1 23  ? 11.417  -4.515  11.282  1.00 9.00  ? 23  GLY A C   1 
ATOM   157 O  O   . GLY A 1 23  ? 12.399  -3.878  11.354  1.00 12.20 ? 23  GLY A O   1 
ATOM   158 N  N   . GLY A 1 24  ? 11.068  -4.834  9.963   1.00 8.90  ? 24  GLY A N   1 
ATOM   159 C  CA  . GLY A 1 24  ? 11.894  -4.857  8.837   1.00 4.20  ? 24  GLY A CA  1 
ATOM   160 C  C   . GLY A 1 24  ? 12.236  -3.477  8.358   1.00 9.30  ? 24  GLY A C   1 
ATOM   161 O  O   . GLY A 1 24  ? 11.660  -2.452  8.764   1.00 11.10 ? 24  GLY A O   1 
ATOM   162 N  N   . ALA A 1 25  ? 13.199  -3.394  7.473   1.00 9.80  ? 25  ALA A N   1 
ATOM   163 C  CA  . ALA A 1 25  ? 13.864  -2.082  7.122   1.00 12.60 ? 25  ALA A CA  1 
ATOM   164 C  C   . ALA A 1 25  ? 12.984  -1.459  6.123   1.00 11.40 ? 25  ALA A C   1 
ATOM   165 O  O   . ALA A 1 25  ? 12.156  -1.989  5.436   1.00 14.40 ? 25  ALA A O   1 
ATOM   166 C  CB  . ALA A 1 25  ? 15.109  -2.369  6.366   1.00 13.70 ? 25  ALA A CB  1 
ATOM   167 N  N   . ASN A 1 26  ? 13.159  -0.115  5.968   1.00 16.20 ? 26  ASN A N   1 
ATOM   168 C  CA  . ASN A 1 26  ? 12.471  0.751   5.049   1.00 13.30 ? 26  ASN A CA  1 
ATOM   169 C  C   . ASN A 1 26  ? 13.493  0.793   3.859   1.00 11.30 ? 26  ASN A C   1 
ATOM   170 O  O   . ASN A 1 26  ? 14.286  1.706   3.868   1.00 20.60 ? 26  ASN A O   1 
ATOM   171 C  CB  . ASN A 1 26  ? 12.122  2.119   5.527   1.00 12.40 ? 26  ASN A CB  1 
ATOM   172 C  CG  . ASN A 1 26  ? 11.057  2.185   6.574   1.00 10.50 ? 26  ASN A CG  1 
ATOM   173 O  OD1 . ASN A 1 26  ? 10.192  1.322   6.663   1.00 8.10  ? 26  ASN A OD1 1 
ATOM   174 N  ND2 . ASN A 1 26  ? 11.321  3.162   7.374   1.00 11.70 ? 26  ASN A ND2 1 
ATOM   175 N  N   . LYS A 1 27  ? 13.373  -0.122  2.937   1.00 12.50 ? 27  LYS A N   1 
ATOM   176 C  CA  . LYS A 1 27  ? 14.323  -0.116  1.794   1.00 15.00 ? 27  LYS A CA  1 
ATOM   177 C  C   . LYS A 1 27  ? 14.124  0.996   0.734   1.00 20.70 ? 27  LYS A C   1 
ATOM   178 O  O   . LYS A 1 27  ? 15.323  1.535   0.323   1.00 24.60 ? 27  LYS A O   1 
ATOM   179 C  CB  . LYS A 1 27  ? 14.147  -1.359  0.982   1.00 17.40 ? 27  LYS A CB  1 
ATOM   180 C  CG  . LYS A 1 27  ? 14.307  -2.585  1.716   1.00 22.60 ? 27  LYS A CG  1 
ATOM   181 C  CD  . LYS A 1 27  ? 14.765  -3.530  0.660   1.00 20.30 ? 27  LYS A CD  1 
ATOM   182 C  CE  . LYS A 1 27  ? 13.830  -4.204  -0.118  1.00 17.60 ? 27  LYS A CE  1 
ATOM   183 N  NZ  . LYS A 1 27  ? 14.510  -5.461  -0.496  1.00 17.60 ? 27  LYS A NZ  1 
ATOM   184 N  N   . VAL A 1 28  ? 13.142  1.177   -0.019  1.00 15.60 ? 28  VAL A N   1 
ATOM   185 C  CA  . VAL A 1 28  ? 12.840  2.274   -0.879  1.00 10.40 ? 28  VAL A CA  1 
ATOM   186 C  C   . VAL A 1 28  ? 11.457  2.817   -0.385  1.00 9.90  ? 28  VAL A C   1 
ATOM   187 O  O   . VAL A 1 28  ? 11.378  3.989   -0.023  1.00 12.10 ? 28  VAL A O   1 
ATOM   188 C  CB  . VAL A 1 28  ? 12.716  1.784   -2.246  1.00 16.70 ? 28  VAL A CB  1 
ATOM   189 C  CG1 . VAL A 1 28  ? 12.073  2.728   -3.234  1.00 14.30 ? 28  VAL A CG1 1 
ATOM   190 C  CG2 . VAL A 1 28  ? 14.132  1.070   -2.701  1.00 13.40 ? 28  VAL A CG2 1 
ATOM   191 N  N   . GLY A 1 29  ? 10.463  1.860   -0.291  1.00 7.90  ? 29  GLY A N   1 
ATOM   192 C  CA  . GLY A 1 29  ? 9.194   2.202   0.347   1.00 8.10  ? 29  GLY A CA  1 
ATOM   193 C  C   . GLY A 1 29  ? 9.176   1.696   1.881   1.00 7.70  ? 29  GLY A C   1 
ATOM   194 O  O   . GLY A 1 29  ? 10.109  1.096   2.287   1.00 6.70  ? 29  GLY A O   1 
ATOM   195 N  N   . PRO A 1 30  ? 8.103   2.047   2.618   1.00 7.60  ? 30  PRO A N   1 
ATOM   196 C  CA  . PRO A 1 30  ? 8.070   1.722   4.010   1.00 6.40  ? 30  PRO A CA  1 
ATOM   197 C  C   . PRO A 1 30  ? 7.859   0.195   4.136   1.00 8.90  ? 30  PRO A C   1 
ATOM   198 O  O   . PRO A 1 30  ? 7.258   -0.452  3.330   1.00 8.70  ? 30  PRO A O   1 
ATOM   199 C  CB  . PRO A 1 30  ? 6.822   2.465   4.535   1.00 9.20  ? 30  PRO A CB  1 
ATOM   200 C  CG  . PRO A 1 30  ? 6.047   2.463   3.235   1.00 10.30 ? 30  PRO A CG  1 
ATOM   201 C  CD  . PRO A 1 30  ? 6.945   2.882   2.190   1.00 5.70  ? 30  PRO A CD  1 
ATOM   202 N  N   . ASN A 1 31  ? 8.334   -0.395  5.221   1.00 5.90  ? 31  ASN A N   1 
ATOM   203 C  CA  . ASN A 1 31  ? 7.951   -1.784  5.510   1.00 4.10  ? 31  ASN A CA  1 
ATOM   204 C  C   . ASN A 1 31  ? 6.386   -1.971  5.591   1.00 5.40  ? 31  ASN A C   1 
ATOM   205 O  O   . ASN A 1 31  ? 5.754   -0.979  6.087   1.00 8.90  ? 31  ASN A O   1 
ATOM   206 C  CB  . ASN A 1 31  ? 8.496   -2.025  6.907   1.00 6.80  ? 31  ASN A CB  1 
ATOM   207 C  CG  . ASN A 1 31  ? 8.082   -3.382  7.510   1.00 11.90 ? 31  ASN A CG  1 
ATOM   208 O  OD1 . ASN A 1 31  ? 7.110   -3.289  8.322   1.00 12.40 ? 31  ASN A OD1 1 
ATOM   209 N  ND2 . ASN A 1 31  ? 8.770   -4.453  7.251   1.00 9.70  ? 31  ASN A ND2 1 
ATOM   210 N  N   . LEU A 1 32  ? 5.807   -3.061  5.265   1.00 4.40  ? 32  LEU A N   1 
ATOM   211 C  CA  . LEU A 1 32  ? 4.383   -3.134  5.114   1.00 6.10  ? 32  LEU A CA  1 
ATOM   212 C  C   . LEU A 1 32  ? 3.854   -4.154  6.105   1.00 6.10  ? 32  LEU A C   1 
ATOM   213 O  O   . LEU A 1 32  ? 2.672   -4.397  6.004   1.00 10.70 ? 32  LEU A O   1 
ATOM   214 C  CB  . LEU A 1 32  ? 4.081   -3.612  3.685   1.00 8.20  ? 32  LEU A CB  1 
ATOM   215 C  CG  . LEU A 1 32  ? 4.357   -2.513  2.565   1.00 7.20  ? 32  LEU A CG  1 
ATOM   216 C  CD1 . LEU A 1 32  ? 4.182   -3.212  1.211   1.00 9.20  ? 32  LEU A CD1 1 
ATOM   217 C  CD2 . LEU A 1 32  ? 3.526   -1.357  2.846   1.00 10.60 ? 32  LEU A CD2 1 
ATOM   218 N  N   . PHE A 1 33  ? 4.671   -4.492  7.122   1.00 6.00  ? 33  PHE A N   1 
ATOM   219 C  CA  . PHE A 1 33  ? 3.966   -5.376  8.102   1.00 5.60  ? 33  PHE A CA  1 
ATOM   220 C  C   . PHE A 1 33  ? 2.974   -4.480  8.934   1.00 9.30  ? 33  PHE A C   1 
ATOM   221 O  O   . PHE A 1 33  ? 3.330   -3.375  9.304   1.00 13.20 ? 33  PHE A O   1 
ATOM   222 C  CB  . PHE A 1 33  ? 4.973   -5.975  9.108   1.00 10.70 ? 33  PHE A CB  1 
ATOM   223 C  CG  . PHE A 1 33  ? 4.343   -6.929  10.155  1.00 9.80  ? 33  PHE A CG  1 
ATOM   224 C  CD1 . PHE A 1 33  ? 4.316   -8.250  9.734   1.00 8.90  ? 33  PHE A CD1 1 
ATOM   225 C  CD2 . PHE A 1 33  ? 3.782   -6.459  11.288  1.00 10.20 ? 33  PHE A CD2 1 
ATOM   226 C  CE1 . PHE A 1 33  ? 3.706   -9.151  10.443  1.00 12.30 ? 33  PHE A CE1 1 
ATOM   227 C  CE2 . PHE A 1 33  ? 3.221   -7.450  12.171  1.00 9.70  ? 33  PHE A CE2 1 
ATOM   228 C  CZ  . PHE A 1 33  ? 3.289   -8.717  11.717  1.00 12.30 ? 33  PHE A CZ  1 
ATOM   229 N  N   . GLY A 1 34  ? 1.795   -5.028  9.158   1.00 9.70  ? 34  GLY A N   1 
ATOM   230 C  CA  . GLY A 1 34  ? 0.822   -4.228  9.866   1.00 12.40 ? 34  GLY A CA  1 
ATOM   231 C  C   . GLY A 1 34  ? -0.018  -3.227  9.004   1.00 10.30 ? 34  GLY A C   1 
ATOM   232 O  O   . GLY A 1 34  ? -0.633  -2.428  9.662   1.00 12.10 ? 34  GLY A O   1 
ATOM   233 N  N   . VAL A 1 35  ? 0.114   -3.246  7.704   1.00 8.20  ? 35  VAL A N   1 
ATOM   234 C  CA  . VAL A 1 35  ? -0.478  -2.152  6.922   1.00 8.60  ? 35  VAL A CA  1 
ATOM   235 C  C   . VAL A 1 35  ? -1.998  -2.272  6.839   1.00 10.60 ? 35  VAL A C   1 
ATOM   236 O  O   . VAL A 1 35  ? -2.709  -1.370  6.694   1.00 8.70  ? 35  VAL A O   1 
ATOM   237 C  CB  . VAL A 1 35  ? 0.259   -1.958  5.532   1.00 7.40  ? 35  VAL A CB  1 
ATOM   238 C  CG1 . VAL A 1 35  ? -0.019  -3.007  4.556   1.00 10.30 ? 35  VAL A CG1 1 
ATOM   239 C  CG2 . VAL A 1 35  ? -0.059  -0.609  4.950   1.00 9.00  ? 35  VAL A CG2 1 
ATOM   240 N  N   . PHE A 1 36  ? -2.432  -3.493  6.865   1.00 11.50 ? 36  PHE A N   1 
ATOM   241 C  CA  . PHE A 1 36  ? -3.837  -3.787  6.651   1.00 12.00 ? 36  PHE A CA  1 
ATOM   242 C  C   . PHE A 1 36  ? -4.667  -3.083  7.720   1.00 12.20 ? 36  PHE A C   1 
ATOM   243 O  O   . PHE A 1 36  ? -4.443  -3.354  8.888   1.00 14.30 ? 36  PHE A O   1 
ATOM   244 C  CB  . PHE A 1 36  ? -4.264  -5.281  6.490   1.00 18.80 ? 36  PHE A CB  1 
ATOM   245 C  CG  . PHE A 1 36  ? -5.735  -5.588  6.188   1.00 13.70 ? 36  PHE A CG  1 
ATOM   246 C  CD1 . PHE A 1 36  ? -6.187  -5.298  4.926   1.00 14.70 ? 36  PHE A CD1 1 
ATOM   247 C  CD2 . PHE A 1 36  ? -6.567  -6.049  7.191   1.00 16.60 ? 36  PHE A CD2 1 
ATOM   248 C  CE1 . PHE A 1 36  ? -7.557  -5.485  4.603   1.00 11.30 ? 36  PHE A CE1 1 
ATOM   249 C  CE2 . PHE A 1 36  ? -7.903  -6.292  6.932   1.00 21.70 ? 36  PHE A CE2 1 
ATOM   250 C  CZ  . PHE A 1 36  ? -8.307  -5.872  5.643   1.00 16.10 ? 36  PHE A CZ  1 
ATOM   251 N  N   . GLU A 1 37  ? -5.666  -2.343  7.273   1.00 11.30 ? 37  GLU A N   1 
ATOM   252 C  CA  . GLU A 1 37  ? -6.541  -1.640  8.254   1.00 11.80 ? 37  GLU A CA  1 
ATOM   253 C  C   . GLU A 1 37  ? -5.824  -0.621  8.991   1.00 17.30 ? 37  GLU A C   1 
ATOM   254 O  O   . GLU A 1 37  ? -6.326  -0.088  9.931   1.00 19.30 ? 37  GLU A O   1 
ATOM   255 C  CB  . GLU A 1 37  ? -7.449  -2.533  9.052   1.00 16.10 ? 37  GLU A CB  1 
ATOM   256 C  CG  . GLU A 1 37  ? -8.532  -2.976  8.091   1.00 16.90 ? 37  GLU A CG  1 
ATOM   257 C  CD  . GLU A 1 37  ? -9.699  -3.889  8.510   1.00 35.30 ? 37  GLU A CD  1 
ATOM   258 O  OE1 . GLU A 1 37  ? -10.726 -3.791  7.631   1.00 39.80 ? 37  GLU A OE1 1 
ATOM   259 O  OE2 . GLU A 1 37  ? -9.296  -4.472  9.611   1.00 30.00 ? 37  GLU A OE2 1 
ATOM   260 N  N   . ASN A 1 38  ? -4.587  -0.256  8.643   1.00 9.50  ? 38  ASN A N   1 
ATOM   261 C  CA  . ASN A 1 38  ? -3.852  0.794   9.397   1.00 12.50 ? 38  ASN A CA  1 
ATOM   262 C  C   . ASN A 1 38  ? -4.063  2.095   8.562   1.00 13.40 ? 38  ASN A C   1 
ATOM   263 O  O   . ASN A 1 38  ? -4.663  2.089   7.540   1.00 12.30 ? 38  ASN A O   1 
ATOM   264 C  CB  . ASN A 1 38  ? -2.417  0.306   9.500   1.00 11.20 ? 38  ASN A CB  1 
ATOM   265 C  CG  . ASN A 1 38  ? -1.763  1.024   10.647  1.00 15.40 ? 38  ASN A CG  1 
ATOM   266 O  OD1 . ASN A 1 38  ? -1.834  2.069   11.199  1.00 12.90 ? 38  ASN A OD1 1 
ATOM   267 N  ND2 . ASN A 1 38  ? -0.761  0.271   11.091  1.00 14.90 ? 38  ASN A ND2 1 
ATOM   268 N  N   . THR A 1 39  ? -3.649  3.242   9.095   1.00 14.90 ? 39  THR A N   1 
ATOM   269 C  CA  . THR A 1 39  ? -3.775  4.542   8.445   1.00 12.70 ? 39  THR A CA  1 
ATOM   270 C  C   . THR A 1 39  ? -2.961  4.633   7.225   1.00 10.50 ? 39  THR A C   1 
ATOM   271 O  O   . THR A 1 39  ? -1.939  3.938   7.117   1.00 14.10 ? 39  THR A O   1 
ATOM   272 C  CB  . THR A 1 39  ? -3.175  5.600   9.393   1.00 11.40 ? 39  THR A CB  1 
ATOM   273 O  OG1 . THR A 1 39  ? -3.932  5.535   10.668  1.00 29.00 ? 39  THR A OG1 1 
ATOM   274 C  CG2 . THR A 1 39  ? -1.812  5.802   9.741   1.00 5.90  ? 39  THR A CG2 1 
ATOM   275 N  N   . ALA A 1 40  ? -3.137  5.668   6.389   1.00 10.00 ? 40  ALA A N   1 
ATOM   276 C  CA  . ALA A 1 40  ? -2.163  5.952   5.300   1.00 6.50  ? 40  ALA A CA  1 
ATOM   277 C  C   . ALA A 1 40  ? -1.008  6.519   6.037   1.00 9.80  ? 40  ALA A C   1 
ATOM   278 O  O   . ALA A 1 40  ? -1.191  7.040   7.191   1.00 12.90 ? 40  ALA A O   1 
ATOM   279 C  CB  . ALA A 1 40  ? -2.827  7.145   4.666   1.00 10.40 ? 40  ALA A CB  1 
ATOM   280 N  N   . ALA A 1 41  ? 0.158   6.485   5.509   1.00 7.50  ? 41  ALA A N   1 
ATOM   281 C  CA  . ALA A 1 41  ? 1.351   7.065   6.164   1.00 7.00  ? 41  ALA A CA  1 
ATOM   282 C  C   . ALA A 1 41  ? 1.616   6.376   7.569   1.00 11.40 ? 41  ALA A C   1 
ATOM   283 O  O   . ALA A 1 41  ? 1.849   7.112   8.529   1.00 11.80 ? 41  ALA A O   1 
ATOM   284 C  CB  . ALA A 1 41  ? 1.334   8.527   6.316   1.00 10.80 ? 41  ALA A CB  1 
ATOM   285 N  N   . HIS A 1 42  ? 1.496   5.076   7.546   1.00 8.90  ? 42  HIS A N   1 
ATOM   286 C  CA  . HIS A 1 42  ? 1.443   4.338   8.821   1.00 10.10 ? 42  HIS A CA  1 
ATOM   287 C  C   . HIS A 1 42  ? 2.757   4.207   9.461   1.00 14.80 ? 42  HIS A C   1 
ATOM   288 O  O   . HIS A 1 42  ? 2.767   4.006   10.707  1.00 12.60 ? 42  HIS A O   1 
ATOM   289 C  CB  . HIS A 1 42  ? 0.712   3.047   8.661   1.00 9.70  ? 42  HIS A CB  1 
ATOM   290 C  CG  . HIS A 1 42  ? 1.538   1.995   7.980   1.00 11.20 ? 42  HIS A CG  1 
ATOM   291 N  ND1 . HIS A 1 42  ? 1.838   2.082   6.594   1.00 18.00 ? 42  HIS A ND1 1 
ATOM   292 C  CD2 . HIS A 1 42  ? 2.116   0.852   8.365   1.00 2.60  ? 42  HIS A CD2 1 
ATOM   293 C  CE1 . HIS A 1 42  ? 2.524   0.931   6.251   1.00 8.40  ? 42  HIS A CE1 1 
ATOM   294 N  NE2 . HIS A 1 42  ? 2.666   0.170   7.342   1.00 12.10 ? 42  HIS A NE2 1 
ATOM   295 N  N   . LYS A 1 43  ? 3.911   4.270   8.845   1.00 8.70  ? 43  LYS A N   1 
ATOM   296 C  CA  . LYS A 1 43  ? 5.193   4.020   9.479   1.00 7.70  ? 43  LYS A CA  1 
ATOM   297 C  C   . LYS A 1 43  ? 5.735   5.311   9.943   1.00 15.70 ? 43  LYS A C   1 
ATOM   298 O  O   . LYS A 1 43  ? 6.225   6.123   9.154   1.00 13.80 ? 43  LYS A O   1 
ATOM   299 C  CB  . LYS A 1 43  ? 6.199   3.180   8.648   1.00 10.40 ? 43  LYS A CB  1 
ATOM   300 C  CG  . LYS A 1 43  ? 5.912   1.746   8.442   1.00 11.10 ? 43  LYS A CG  1 
ATOM   301 C  CD  . LYS A 1 43  ? 5.647   1.048   9.797   1.00 13.70 ? 43  LYS A CD  1 
ATOM   302 C  CE  . LYS A 1 43  ? 5.942   -0.392  9.750   1.00 11.30 ? 43  LYS A CE  1 
ATOM   303 N  NZ  . LYS A 1 43  ? 5.011   -1.227  9.001   1.00 10.70 ? 43  LYS A NZ  1 
ATOM   304 N  N   . ASP A 1 44  ? 6.011   5.551   11.229  1.00 11.20 ? 44  ASP A N   1 
ATOM   305 C  CA  . ASP A 1 44  ? 6.489   6.854   11.805  1.00 13.70 ? 44  ASP A CA  1 
ATOM   306 C  C   . ASP A 1 44  ? 7.950   7.170   11.471  1.00 13.70 ? 44  ASP A C   1 
ATOM   307 O  O   . ASP A 1 44  ? 8.345   8.298   11.672  1.00 16.60 ? 44  ASP A O   1 
ATOM   308 C  CB  . ASP A 1 44  ? 6.254   6.929   13.317  1.00 11.90 ? 44  ASP A CB  1 
ATOM   309 C  CG  . ASP A 1 44  ? 4.869   6.943   13.811  1.00 16.50 ? 44  ASP A CG  1 
ATOM   310 O  OD1 . ASP A 1 44  ? 4.350   6.759   14.845  1.00 21.90 ? 44  ASP A OD1 1 
ATOM   311 O  OD2 . ASP A 1 44  ? 4.190   7.523   12.953  1.00 19.00 ? 44  ASP A OD2 1 
ATOM   312 N  N   . ASN A 1 45  ? 8.739   6.100   11.085  1.00 13.20 ? 45  ASN A N   1 
ATOM   313 C  CA  . ASN A 1 45  ? 10.085  6.349   10.714  1.00 12.60 ? 45  ASN A CA  1 
ATOM   314 C  C   . ASN A 1 45  ? 10.302  6.468   9.177   1.00 17.70 ? 45  ASN A C   1 
ATOM   315 O  O   . ASN A 1 45  ? 11.460  6.422   8.767   1.00 14.30 ? 45  ASN A O   1 
ATOM   316 C  CB  . ASN A 1 45  ? 11.025  5.251   11.305  1.00 9.50  ? 45  ASN A CB  1 
ATOM   317 C  CG  . ASN A 1 45  ? 10.842  3.859   10.737  1.00 9.90  ? 45  ASN A CG  1 
ATOM   318 O  OD1 . ASN A 1 45  ? 11.788  3.048   10.775  1.00 15.60 ? 45  ASN A OD1 1 
ATOM   319 N  ND2 . ASN A 1 45  ? 9.739   3.506   10.182  1.00 11.50 ? 45  ASN A ND2 1 
ATOM   320 N  N   . TYR A 1 46  ? 9.266   6.675   8.409   1.00 11.20 ? 46  TYR A N   1 
ATOM   321 C  CA  . TYR A 1 46  ? 9.518   6.763   6.957   1.00 7.90  ? 46  TYR A CA  1 
ATOM   322 C  C   . TYR A 1 46  ? 9.159   8.119   6.541   1.00 10.40 ? 46  TYR A C   1 
ATOM   323 O  O   . TYR A 1 46  ? 8.196   8.661   7.103   1.00 13.60 ? 46  TYR A O   1 
ATOM   324 C  CB  . TYR A 1 46  ? 8.627   5.676   6.293   1.00 9.70  ? 46  TYR A CB  1 
ATOM   325 C  CG  . TYR A 1 46  ? 8.825   5.688   4.782   1.00 5.40  ? 46  TYR A CG  1 
ATOM   326 C  CD1 . TYR A 1 46  ? 9.812   4.948   4.270   1.00 6.60  ? 46  TYR A CD1 1 
ATOM   327 C  CD2 . TYR A 1 46  ? 8.073   6.505   3.945   1.00 6.10  ? 46  TYR A CD2 1 
ATOM   328 C  CE1 . TYR A 1 46  ? 10.111  5.003   2.896   1.00 7.50  ? 46  TYR A CE1 1 
ATOM   329 C  CE2 . TYR A 1 46  ? 8.288   6.461   2.582   1.00 5.00  ? 46  TYR A CE2 1 
ATOM   330 C  CZ  . TYR A 1 46  ? 9.333   5.823   2.014   1.00 10.00 ? 46  TYR A CZ  1 
ATOM   331 O  OH  . TYR A 1 46  ? 9.639   5.779   0.691   1.00 11.20 ? 46  TYR A OH  1 
ATOM   332 N  N   . ALA A 1 47  ? 9.797   8.832   5.659   1.00 11.80 ? 47  ALA A N   1 
ATOM   333 C  CA  . ALA A 1 47  ? 9.320   10.133  5.208   1.00 8.60  ? 47  ALA A CA  1 
ATOM   334 C  C   . ALA A 1 47  ? 8.463   10.013  4.016   1.00 9.90  ? 47  ALA A C   1 
ATOM   335 O  O   . ALA A 1 47  ? 9.014   9.851   2.852   1.00 11.90 ? 47  ALA A O   1 
ATOM   336 C  CB  . ALA A 1 47  ? 10.596  10.815  4.672   1.00 10.30 ? 47  ALA A CB  1 
ATOM   337 N  N   . TYR A 1 48  ? 7.209   9.951   4.169   1.00 9.60  ? 48  TYR A N   1 
ATOM   338 C  CA  . TYR A 1 48  ? 6.244   9.913   3.058   1.00 6.80  ? 48  TYR A CA  1 
ATOM   339 C  C   . TYR A 1 48  ? 6.055   11.192  2.283   1.00 7.20  ? 48  TYR A C   1 
ATOM   340 O  O   . TYR A 1 48  ? 6.270   12.276  2.903   1.00 11.60 ? 48  TYR A O   1 
ATOM   341 C  CB  . TYR A 1 48  ? 4.882   9.608   3.678   1.00 7.30  ? 48  TYR A CB  1 
ATOM   342 C  CG  . TYR A 1 48  ? 4.667   8.204   4.182   1.00 6.70  ? 48  TYR A CG  1 
ATOM   343 C  CD1 . TYR A 1 48  ? 4.345   7.152   3.344   1.00 6.60  ? 48  TYR A CD1 1 
ATOM   344 C  CD2 . TYR A 1 48  ? 4.950   8.001   5.534   1.00 9.20  ? 48  TYR A CD2 1 
ATOM   345 C  CE1 . TYR A 1 48  ? 4.249   5.888   3.933   1.00 9.30  ? 48  TYR A CE1 1 
ATOM   346 C  CE2 . TYR A 1 48  ? 4.912   6.718   6.074   1.00 8.80  ? 48  TYR A CE2 1 
ATOM   347 C  CZ  . TYR A 1 48  ? 4.442   5.710   5.266   1.00 7.30  ? 48  TYR A CZ  1 
ATOM   348 O  OH  . TYR A 1 48  ? 4.188   4.449   5.787   1.00 9.70  ? 48  TYR A OH  1 
ATOM   349 N  N   . SER A 1 49  ? 5.595   11.094  1.053   1.00 12.00 ? 49  SER A N   1 
ATOM   350 C  CA  . SER A 1 49  ? 5.134   12.259  0.237   1.00 10.80 ? 49  SER A CA  1 
ATOM   351 C  C   . SER A 1 49  ? 4.012   12.967  1.056   1.00 15.50 ? 49  SER A C   1 
ATOM   352 O  O   . SER A 1 49  ? 3.307   12.270  1.778   1.00 14.00 ? 49  SER A O   1 
ATOM   353 C  CB  . SER A 1 49  ? 4.506   11.807  -1.086  1.00 10.90 ? 49  SER A CB  1 
ATOM   354 O  OG  . SER A 1 49  ? 5.632   11.348  -1.846  1.00 11.50 ? 49  SER A OG  1 
ATOM   355 N  N   . GLU A 1 50  ? 3.892   14.295  1.007   1.00 12.60 ? 50  GLU A N   1 
ATOM   356 C  CA  . GLU A 1 50  ? 2.891   15.005  1.788   1.00 11.30 ? 50  GLU A CA  1 
ATOM   357 C  C   . GLU A 1 50  ? 1.579   14.482  1.541   1.00 9.50  ? 50  GLU A C   1 
ATOM   358 O  O   . GLU A 1 50  ? 0.742   14.479  2.450   1.00 12.30 ? 50  GLU A O   1 
ATOM   359 C  CB  . GLU A 1 50  ? 3.015   16.447  1.312   1.00 15.30 ? 50  GLU A CB  1 
ATOM   360 C  CG  . GLU A 1 50  ? 2.480   17.255  2.394   1.00 30.80 ? 50  GLU A CG  1 
ATOM   361 C  CD  . GLU A 1 50  ? 2.065   18.725  2.399   1.00 34.90 ? 50  GLU A CD  1 
ATOM   362 O  OE1 . GLU A 1 50  ? 1.568   19.007  3.658   1.00 36.60 ? 50  GLU A OE1 1 
ATOM   363 O  OE2 . GLU A 1 50  ? 2.407   19.192  1.322   1.00 32.60 ? 50  GLU A OE2 1 
ATOM   364 N  N   . SER A 1 51  ? 1.262   13.997  0.342   1.00 10.10 ? 51  SER A N   1 
ATOM   365 C  CA  . SER A 1 51  ? -0.028  13.469  -0.033  1.00 10.30 ? 51  SER A CA  1 
ATOM   366 C  C   . SER A 1 51  ? -0.518  12.373  0.871   1.00 16.10 ? 51  SER A C   1 
ATOM   367 O  O   . SER A 1 51  ? -1.722  12.144  1.106   1.00 15.10 ? 51  SER A O   1 
ATOM   368 C  CB  . SER A 1 51  ? -0.151  12.963  -1.462  1.00 17.70 ? 51  SER A CB  1 
ATOM   369 O  OG  . SER A 1 51  ? 0.669   11.869  -1.659  1.00 17.50 ? 51  SER A OG  1 
ATOM   370 N  N   . TYR A 1 52  ? 0.305   11.500  1.414   1.00 14.10 ? 52  TYR A N   1 
ATOM   371 C  CA  . TYR A 1 52  ? -0.035  10.413  2.283   1.00 11.10 ? 52  TYR A CA  1 
ATOM   372 C  C   . TYR A 1 52  ? -0.285  10.931  3.691   1.00 11.00 ? 52  TYR A C   1 
ATOM   373 O  O   . TYR A 1 52  ? -1.296  10.412  4.166   1.00 13.20 ? 52  TYR A O   1 
ATOM   374 C  CB  . TYR A 1 52  ? 1.135   9.334   2.423   1.00 8.90  ? 52  TYR A CB  1 
ATOM   375 C  CG  . TYR A 1 52  ? 1.248   8.546   1.109   1.00 8.50  ? 52  TYR A CG  1 
ATOM   376 C  CD1 . TYR A 1 52  ? 0.840   7.236   0.946   1.00 7.40  ? 52  TYR A CD1 1 
ATOM   377 C  CD2 . TYR A 1 52  ? 1.864   9.171   -0.027  1.00 14.20 ? 52  TYR A CD2 1 
ATOM   378 C  CE1 . TYR A 1 52  ? 0.936   6.590   -0.216  1.00 10.60 ? 52  TYR A CE1 1 
ATOM   379 C  CE2 . TYR A 1 52  ? 1.912   8.527   -1.255  1.00 10.60 ? 52  TYR A CE2 1 
ATOM   380 C  CZ  . TYR A 1 52  ? 1.480   7.222   -1.403  1.00 10.10 ? 52  TYR A CZ  1 
ATOM   381 O  OH  . TYR A 1 52  ? 1.678   6.549   -2.554  1.00 10.80 ? 52  TYR A OH  1 
ATOM   382 N  N   . THR A 1 53  ? 0.354   11.930  4.138   1.00 10.90 ? 53  THR A N   1 
ATOM   383 C  CA  . THR A 1 53  ? 0.067   12.611  5.388   1.00 8.30  ? 53  THR A CA  1 
ATOM   384 C  C   . THR A 1 53  ? -1.324  13.216  5.354   1.00 19.50 ? 53  THR A C   1 
ATOM   385 O  O   . THR A 1 53  ? -2.030  13.395  6.308   1.00 18.80 ? 53  THR A O   1 
ATOM   386 C  CB  . THR A 1 53  ? 1.256   13.748  5.323   1.00 20.80 ? 53  THR A CB  1 
ATOM   387 O  OG1 . THR A 1 53  ? 2.286   12.964  5.950   1.00 24.20 ? 53  THR A OG1 1 
ATOM   388 C  CG2 . THR A 1 53  ? 0.771   14.949  6.006   1.00 31.80 ? 53  THR A CG2 1 
ATOM   389 N  N   . GLU A 1 54  ? -1.760  13.708  4.220   1.00 21.20 ? 54  GLU A N   1 
ATOM   390 C  CA  . GLU A 1 54  ? -3.070  14.343  3.958   1.00 12.70 ? 54  GLU A CA  1 
ATOM   391 C  C   . GLU A 1 54  ? -3.999  13.210  3.797   1.00 17.90 ? 54  GLU A C   1 
ATOM   392 O  O   . GLU A 1 54  ? -4.983  13.508  4.465   1.00 15.10 ? 54  GLU A O   1 
ATOM   393 C  CB  . GLU A 1 54  ? -3.045  15.035  2.543   1.00 9.40  ? 54  GLU A CB  1 
ATOM   394 C  CG  . GLU A 1 54  ? -2.134  16.248  2.586   1.00 17.10 ? 54  GLU A CG  1 
ATOM   395 C  CD  . GLU A 1 54  ? -1.944  16.988  1.257   1.00 19.70 ? 54  GLU A CD  1 
ATOM   396 O  OE1 . GLU A 1 54  ? -1.579  16.590  0.176   1.00 23.80 ? 54  GLU A OE1 1 
ATOM   397 O  OE2 . GLU A 1 54  ? -2.283  18.235  1.213   1.00 24.40 ? 54  GLU A OE2 1 
ATOM   398 N  N   . MET A 1 55  ? -3.939  12.018  3.217   1.00 12.10 ? 55  MET A N   1 
ATOM   399 C  CA  . MET A 1 55  ? -4.911  11.013  3.282   1.00 10.30 ? 55  MET A CA  1 
ATOM   400 C  C   . MET A 1 55  ? -4.976  10.699  4.800   1.00 12.00 ? 55  MET A C   1 
ATOM   401 O  O   . MET A 1 55  ? -6.170  10.310  5.215   1.00 16.40 ? 55  MET A O   1 
ATOM   402 C  CB  . MET A 1 55  ? -4.486  9.773   2.458   1.00 12.80 ? 55  MET A CB  1 
ATOM   403 C  CG  . MET A 1 55  ? -4.372  10.244  1.000   1.00 11.40 ? 55  MET A CG  1 
ATOM   404 S  SD  . MET A 1 55  ? -4.295  8.757   -0.008  1.00 17.00 ? 55  MET A SD  1 
ATOM   405 C  CE  . MET A 1 55  ? -2.657  8.223   0.395   1.00 18.80 ? 55  MET A CE  1 
ATOM   406 N  N   . LYS A 1 56  ? -3.885  10.623  5.508   1.00 11.50 ? 56  LYS A N   1 
ATOM   407 C  CA  . LYS A 1 56  ? -3.920  10.222  6.944   1.00 13.60 ? 56  LYS A CA  1 
ATOM   408 C  C   . LYS A 1 56  ? -4.818  11.254  7.781   1.00 15.10 ? 56  LYS A C   1 
ATOM   409 O  O   . LYS A 1 56  ? -5.681  10.822  8.495   1.00 16.50 ? 56  LYS A O   1 
ATOM   410 C  CB  . LYS A 1 56  ? -2.623  9.983   7.542   1.00 12.10 ? 56  LYS A CB  1 
ATOM   411 C  CG  . LYS A 1 56  ? -2.620  9.808   9.020   1.00 12.50 ? 56  LYS A CG  1 
ATOM   412 C  CD  . LYS A 1 56  ? -1.326  9.161   9.499   1.00 14.90 ? 56  LYS A CD  1 
ATOM   413 C  CE  . LYS A 1 56  ? -0.731  10.195  10.335  1.00 25.80 ? 56  LYS A CE  1 
ATOM   414 N  NZ  . LYS A 1 56  ? 0.437   9.467   11.086  1.00 35.00 ? 56  LYS A NZ  1 
ATOM   415 N  N   . ALA A 1 57  ? -4.559  12.473  7.577   1.00 11.70 ? 57  ALA A N   1 
ATOM   416 C  CA  . ALA A 1 57  ? -5.485  13.477  8.154   1.00 18.50 ? 57  ALA A CA  1 
ATOM   417 C  C   . ALA A 1 57  ? -6.932  13.338  7.893   1.00 11.90 ? 57  ALA A C   1 
ATOM   418 O  O   . ALA A 1 57  ? -7.860  13.669  8.698   1.00 19.70 ? 57  ALA A O   1 
ATOM   419 C  CB  . ALA A 1 57  ? -5.059  14.820  7.563   1.00 15.20 ? 57  ALA A CB  1 
ATOM   420 N  N   . LYS A 1 58  ? -7.456  12.906  6.791   1.00 17.50 ? 58  LYS A N   1 
ATOM   421 C  CA  . LYS A 1 58  ? -8.731  12.729  6.285   1.00 18.40 ? 58  LYS A CA  1 
ATOM   422 C  C   . LYS A 1 58  ? -9.316  11.427  6.945   1.00 20.40 ? 58  LYS A C   1 
ATOM   423 O  O   . LYS A 1 58  ? -10.467 11.162  6.738   1.00 23.30 ? 58  LYS A O   1 
ATOM   424 C  CB  . LYS A 1 58  ? -8.919  12.642  4.802   1.00 14.00 ? 58  LYS A CB  1 
ATOM   425 C  CG  . LYS A 1 58  ? -9.597  13.751  4.124   1.00 23.30 ? 58  LYS A CG  1 
ATOM   426 C  CD  . LYS A 1 58  ? -9.217  13.744  2.686   1.00 23.50 ? 58  LYS A CD  1 
ATOM   427 C  CE  . LYS A 1 58  ? -10.002 14.591  1.696   1.00 28.40 ? 58  LYS A CE  1 
ATOM   428 N  NZ  . LYS A 1 58  ? -10.393 13.753  0.489   1.00 36.40 ? 58  LYS A NZ  1 
ATOM   429 N  N   . GLY A 1 59  ? -8.415  10.707  7.571   1.00 18.10 ? 59  GLY A N   1 
ATOM   430 C  CA  . GLY A 1 59  ? -8.722  9.411   8.229   1.00 14.90 ? 59  GLY A CA  1 
ATOM   431 C  C   . GLY A 1 59  ? -8.768  8.324   7.261   1.00 18.20 ? 59  GLY A C   1 
ATOM   432 O  O   . GLY A 1 59  ? -9.442  7.249   7.683   1.00 23.30 ? 59  GLY A O   1 
ATOM   433 N  N   . LEU A 1 60  ? -8.049  8.273   6.137   1.00 10.70 ? 60  LEU A N   1 
ATOM   434 C  CA  . LEU A 1 60  ? -8.068  7.106   5.303   1.00 10.00 ? 60  LEU A CA  1 
ATOM   435 C  C   . LEU A 1 60  ? -7.250  6.007   6.000   1.00 11.00 ? 60  LEU A C   1 
ATOM   436 O  O   . LEU A 1 60  ? -6.128  6.176   6.494   1.00 17.00 ? 60  LEU A O   1 
ATOM   437 C  CB  . LEU A 1 60  ? -7.357  7.406   3.981   1.00 11.60 ? 60  LEU A CB  1 
ATOM   438 C  CG  . LEU A 1 60  ? -7.506  6.260   2.950   1.00 15.40 ? 60  LEU A CG  1 
ATOM   439 C  CD1 . LEU A 1 60  ? -7.571  6.863   1.604   1.00 15.70 ? 60  LEU A CD1 1 
ATOM   440 C  CD2 . LEU A 1 60  ? -6.065  5.571   2.991   1.00 20.50 ? 60  LEU A CD2 1 
ATOM   441 N  N   . THR A 1 61  ? -7.819  4.853   5.886   1.00 14.20 ? 61  THR A N   1 
ATOM   442 C  CA  . THR A 1 61  ? -7.257  3.601   6.457   1.00 12.90 ? 61  THR A CA  1 
ATOM   443 C  C   . THR A 1 61  ? -7.119  2.658   5.274   1.00 12.20 ? 61  THR A C   1 
ATOM   444 O  O   . THR A 1 61  ? -7.854  2.637   4.257   1.00 16.20 ? 61  THR A O   1 
ATOM   445 C  CB  . THR A 1 61  ? -8.012  3.058   7.705   1.00 9.10  ? 61  THR A CB  1 
ATOM   446 O  OG1 . THR A 1 61  ? -9.219  2.548   7.237   1.00 12.90 ? 61  THR A OG1 1 
ATOM   447 C  CG2 . THR A 1 61  ? -7.987  3.935   8.836   1.00 16.90 ? 61  THR A CG2 1 
ATOM   448 N  N   . TRP A 1 62  ? -6.210  1.621   5.383   1.00 9.40  ? 62  TRP A N   1 
ATOM   449 C  CA  . TRP A 1 62  ? -6.080  0.651   4.324   1.00 12.90 ? 62  TRP A CA  1 
ATOM   450 C  C   . TRP A 1 62  ? -7.007  -0.535  4.454   1.00 16.20 ? 62  TRP A C   1 
ATOM   451 O  O   . TRP A 1 62  ? -6.686  -1.693  4.587   1.00 14.70 ? 62  TRP A O   1 
ATOM   452 C  CB  . TRP A 1 62  ? -4.597  0.239   4.153   1.00 9.60  ? 62  TRP A CB  1 
ATOM   453 C  CG  . TRP A 1 62  ? -3.601  1.304   3.822   1.00 11.90 ? 62  TRP A CG  1 
ATOM   454 C  CD1 . TRP A 1 62  ? -2.544  1.777   4.646   1.00 7.00  ? 62  TRP A CD1 1 
ATOM   455 C  CD2 . TRP A 1 62  ? -3.595  2.026   2.602   1.00 9.30  ? 62  TRP A CD2 1 
ATOM   456 N  NE1 . TRP A 1 62  ? -1.968  2.784   3.922   1.00 6.70  ? 62  TRP A NE1 1 
ATOM   457 C  CE2 . TRP A 1 62  ? -2.482  2.904   2.682   1.00 7.70  ? 62  TRP A CE2 1 
ATOM   458 C  CE3 . TRP A 1 62  ? -4.409  1.908   1.452   1.00 8.70  ? 62  TRP A CE3 1 
ATOM   459 C  CZ2 . TRP A 1 62  ? -2.175  3.828   1.656   1.00 9.10  ? 62  TRP A CZ2 1 
ATOM   460 C  CZ3 . TRP A 1 62  ? -4.062  2.876   0.445   1.00 8.50  ? 62  TRP A CZ3 1 
ATOM   461 C  CH2 . TRP A 1 62  ? -3.011  3.787   0.577   1.00 8.80  ? 62  TRP A CH2 1 
ATOM   462 N  N   . THR A 1 63  ? -8.253  -0.388  4.075   1.00 12.40 ? 63  THR A N   1 
ATOM   463 C  CA  . THR A 1 63  ? -9.332  -1.322  3.878   1.00 10.80 ? 63  THR A CA  1 
ATOM   464 C  C   . THR A 1 63  ? -8.980  -2.149  2.655   1.00 10.90 ? 63  THR A C   1 
ATOM   465 O  O   . THR A 1 63  ? -8.165  -1.807  1.811   1.00 12.40 ? 63  THR A O   1 
ATOM   466 C  CB  . THR A 1 63  ? -10.595 -0.265  3.328   1.00 12.30 ? 63  THR A CB  1 
ATOM   467 O  OG1 . THR A 1 63  ? -10.821 0.351   4.720   1.00 28.00 ? 63  THR A OG1 1 
ATOM   468 C  CG2 . THR A 1 63  ? -11.715 -1.380  3.850   1.00 32.30 ? 63  THR A CG2 1 
ATOM   469 N  N   . GLU A 1 64  ? -9.647  -3.198  2.418   1.00 9.80  ? 64  GLU A N   1 
ATOM   470 C  CA  . GLU A 1 64  ? -9.502  -3.999  1.204   1.00 9.10  ? 64  GLU A CA  1 
ATOM   471 C  C   . GLU A 1 64  ? -9.938  -3.173  0.075   1.00 14.60 ? 64  GLU A C   1 
ATOM   472 O  O   . GLU A 1 64  ? -9.224  -3.331  -0.971  1.00 12.90 ? 64  GLU A O   1 
ATOM   473 C  CB  . GLU A 1 64  ? -10.335 -5.261  1.100   1.00 12.80 ? 64  GLU A CB  1 
ATOM   474 C  CG  . GLU A 1 64  ? -10.337 -6.275  0.050   1.00 17.60 ? 64  GLU A CG  1 
ATOM   475 C  CD  . GLU A 1 64  ? -11.310 -7.450  0.140   1.00 17.10 ? 64  GLU A CD  1 
ATOM   476 O  OE1 . GLU A 1 64  ? -12.254 -7.628  -0.767  1.00 25.80 ? 64  GLU A OE1 1 
ATOM   477 O  OE2 . GLU A 1 64  ? -11.118 -7.949  1.222   1.00 24.60 ? 64  GLU A OE2 1 
ATOM   478 N  N   . ALA A 1 65  ? -10.960 -2.337  0.183   1.00 16.20 ? 65  ALA A N   1 
ATOM   479 C  CA  . ALA A 1 65  ? -11.271 -1.572  -1.036  1.00 8.70  ? 65  ALA A CA  1 
ATOM   480 C  C   . ALA A 1 65  ? -10.269 -0.489  -1.336  1.00 10.40 ? 65  ALA A C   1 
ATOM   481 O  O   . ALA A 1 65  ? -9.970  -0.111  -2.506  1.00 14.60 ? 65  ALA A O   1 
ATOM   482 C  CB  . ALA A 1 65  ? -12.680 -1.021  -0.687  1.00 15.60 ? 65  ALA A CB  1 
ATOM   483 N  N   . ASN A 1 66  ? -9.730  0.174   -0.358  1.00 8.00  ? 66  ASN A N   1 
ATOM   484 C  CA  . ASN A 1 66  ? -8.748  1.239   -0.628  1.00 10.00 ? 66  ASN A CA  1 
ATOM   485 C  C   . ASN A 1 66  ? -7.424  0.605   -1.085  1.00 10.50 ? 66  ASN A C   1 
ATOM   486 O  O   . ASN A 1 66  ? -6.719  1.150   -1.969  1.00 15.90 ? 66  ASN A O   1 
ATOM   487 C  CB  . ASN A 1 66  ? -8.426  2.015   0.645   1.00 10.70 ? 66  ASN A CB  1 
ATOM   488 C  CG  . ASN A 1 66  ? -9.357  3.220   0.852   1.00 17.30 ? 66  ASN A CG  1 
ATOM   489 O  OD1 . ASN A 1 66  ? -10.036 3.532   -0.080  1.00 18.00 ? 66  ASN A OD1 1 
ATOM   490 N  ND2 . ASN A 1 66  ? -9.585  3.613   2.094   1.00 18.10 ? 66  ASN A ND2 1 
ATOM   491 N  N   . LEU A 1 67  ? -7.004  -0.547  -0.453  1.00 7.90  ? 67  LEU A N   1 
ATOM   492 C  CA  . LEU A 1 67  ? -5.773  -1.158  -1.102  1.00 9.10  ? 67  LEU A CA  1 
ATOM   493 C  C   . LEU A 1 67  ? -5.968  -1.515  -2.515  1.00 12.60 ? 67  LEU A C   1 
ATOM   494 O  O   . LEU A 1 67  ? -5.172  -1.357  -3.358  1.00 11.40 ? 67  LEU A O   1 
ATOM   495 C  CB  . LEU A 1 67  ? -5.506  -2.377  -0.195  1.00 13.20 ? 67  LEU A CB  1 
ATOM   496 C  CG  . LEU A 1 67  ? -4.881  -1.973  1.101   1.00 9.30  ? 67  LEU A CG  1 
ATOM   497 C  CD1 . LEU A 1 67  ? -4.901  -3.188  2.023   1.00 16.30 ? 67  LEU A CD1 1 
ATOM   498 C  CD2 . LEU A 1 67  ? -3.436  -1.582  1.034   1.00 14.60 ? 67  LEU A CD2 1 
ATOM   499 N  N   . ALA A 1 68  ? -7.125  -1.956  -2.929  1.00 8.20  ? 68  ALA A N   1 
ATOM   500 C  CA  . ALA A 1 68  ? -7.456  -2.463  -4.255  1.00 7.40  ? 68  ALA A CA  1 
ATOM   501 C  C   . ALA A 1 68  ? -7.335  -1.249  -5.076  1.00 11.60 ? 68  ALA A C   1 
ATOM   502 O  O   . ALA A 1 68  ? -6.922  -1.510  -6.218  1.00 16.20 ? 68  ALA A O   1 
ATOM   503 C  CB  . ALA A 1 68  ? -8.745  -3.282  -4.370  1.00 9.90  ? 68  ALA A CB  1 
ATOM   504 N  N   . ALA A 1 69  ? -7.991  -0.172  -4.949  1.00 10.60 ? 69  ALA A N   1 
ATOM   505 C  CA  . ALA A 1 69  ? -7.894  1.009   -5.825  1.00 12.70 ? 69  ALA A CA  1 
ATOM   506 C  C   . ALA A 1 69  ? -6.472  1.500   -5.860  1.00 14.10 ? 69  ALA A C   1 
ATOM   507 O  O   . ALA A 1 69  ? -5.987  1.910   -6.915  1.00 16.10 ? 69  ALA A O   1 
ATOM   508 C  CB  . ALA A 1 69  ? -8.897  1.914   -5.267  1.00 13.20 ? 69  ALA A CB  1 
ATOM   509 N  N   . TYR A 1 70  ? -5.810  1.594   -4.715  1.00 11.20 ? 70  TYR A N   1 
ATOM   510 C  CA  . TYR A 1 70  ? -4.471  2.137   -4.712  1.00 8.10  ? 70  TYR A CA  1 
ATOM   511 C  C   . TYR A 1 70  ? -3.522  1.310   -5.575  1.00 10.70 ? 70  TYR A C   1 
ATOM   512 O  O   . TYR A 1 70  ? -2.698  1.923   -6.203  1.00 11.80 ? 70  TYR A O   1 
ATOM   513 C  CB  . TYR A 1 70  ? -3.949  2.071   -3.258  1.00 7.30  ? 70  TYR A CB  1 
ATOM   514 C  CG  . TYR A 1 70  ? -2.530  2.531   -3.145  1.00 10.80 ? 70  TYR A CG  1 
ATOM   515 C  CD1 . TYR A 1 70  ? -2.117  3.876   -3.185  1.00 9.30  ? 70  TYR A CD1 1 
ATOM   516 C  CD2 . TYR A 1 70  ? -1.484  1.698   -2.765  1.00 10.90 ? 70  TYR A CD2 1 
ATOM   517 C  CE1 . TYR A 1 70  ? -0.898  4.400   -3.024  1.00 8.60  ? 70  TYR A CE1 1 
ATOM   518 C  CE2 . TYR A 1 70  ? -0.195  2.139   -2.623  1.00 12.60 ? 70  TYR A CE2 1 
ATOM   519 C  CZ  . TYR A 1 70  ? 0.071   3.512   -2.581  1.00 12.40 ? 70  TYR A CZ  1 
ATOM   520 O  OH  . TYR A 1 70  ? 1.361   3.908   -2.362  1.00 16.30 ? 70  TYR A OH  1 
ATOM   521 N  N   . VAL A 1 71  ? -3.527  0.016   -5.410  1.00 11.20 ? 71  VAL A N   1 
ATOM   522 C  CA  . VAL A 1 71  ? -2.364  -0.700  -6.032  1.00 9.00  ? 71  VAL A CA  1 
ATOM   523 C  C   . VAL A 1 71  ? -2.619  -0.768  -7.548  1.00 19.90 ? 71  VAL A C   1 
ATOM   524 O  O   . VAL A 1 71  ? -1.670  -1.032  -8.289  1.00 17.60 ? 71  VAL A O   1 
ATOM   525 C  CB  . VAL A 1 71  ? -2.206  -2.144  -5.549  1.00 13.40 ? 71  VAL A CB  1 
ATOM   526 C  CG1 . VAL A 1 71  ? -1.853  -2.068  -4.055  1.00 18.60 ? 71  VAL A CG1 1 
ATOM   527 C  CG2 . VAL A 1 71  ? -3.350  -3.076  -5.841  1.00 14.50 ? 71  VAL A CG2 1 
ATOM   528 N  N   . LYS A 1 72  ? -3.783  -0.433  -7.979  1.00 15.80 ? 72  LYS A N   1 
ATOM   529 C  CA  . LYS A 1 72  ? -4.076  -0.420  -9.396  1.00 20.50 ? 72  LYS A CA  1 
ATOM   530 C  C   . LYS A 1 72  ? -3.445  0.829   -10.099 1.00 14.10 ? 72  LYS A C   1 
ATOM   531 O  O   . LYS A 1 72  ? -3.142  0.738   -11.268 1.00 13.90 ? 72  LYS A O   1 
ATOM   532 C  CB  . LYS A 1 72  ? -5.590  -0.247  -9.950  1.00 29.10 ? 72  LYS A CB  1 
ATOM   533 C  CG  . LYS A 1 72  ? -6.619  -0.951  -9.065  1.00 35.10 ? 72  LYS A CG  1 
ATOM   534 C  CD  . LYS A 1 72  ? -7.916  -1.648  -9.678  1.00 31.70 ? 72  LYS A CD  1 
ATOM   535 C  CE  . LYS A 1 72  ? -8.696  -2.064  -8.354  1.00 20.70 ? 72  LYS A CE  1 
ATOM   536 N  NZ  . LYS A 1 72  ? -9.904  -2.853  -8.333  1.00 40.30 ? 72  LYS A NZ  1 
ATOM   537 N  N   . ASN A 1 73  ? -3.240  1.903   -9.339  1.00 13.10 ? 73  ASN A N   1 
ATOM   538 C  CA  . ASN A 1 73  ? -2.725  3.177   -9.879  1.00 8.40  ? 73  ASN A CA  1 
ATOM   539 C  C   . ASN A 1 73  ? -2.433  4.052   -8.725  1.00 7.70  ? 73  ASN A C   1 
ATOM   540 O  O   . ASN A 1 73  ? -3.346  4.833   -8.248  1.00 14.10 ? 73  ASN A O   1 
ATOM   541 C  CB  . ASN A 1 73  ? -3.799  3.785   -10.832 1.00 13.80 ? 73  ASN A CB  1 
ATOM   542 C  CG  . ASN A 1 73  ? -3.236  4.917   -11.601 1.00 17.70 ? 73  ASN A CG  1 
ATOM   543 O  OD1 . ASN A 1 73  ? -2.191  5.503   -11.235 1.00 19.10 ? 73  ASN A OD1 1 
ATOM   544 N  ND2 . ASN A 1 73  ? -4.027  5.320   -12.644 1.00 21.10 ? 73  ASN A ND2 1 
ATOM   545 N  N   . PRO A 1 74  ? -1.346  3.957   -8.002  1.00 10.00 ? 74  PRO A N   1 
ATOM   546 C  CA  . PRO A 1 74  ? -1.114  4.764   -6.850  1.00 9.70  ? 74  PRO A CA  1 
ATOM   547 C  C   . PRO A 1 74  ? -1.253  6.275   -7.019  1.00 11.70 ? 74  PRO A C   1 
ATOM   548 O  O   . PRO A 1 74  ? -1.822  7.037   -6.228  1.00 12.60 ? 74  PRO A O   1 
ATOM   549 C  CB  . PRO A 1 74  ? 0.351   4.506   -6.412  1.00 14.20 ? 74  PRO A CB  1 
ATOM   550 C  CG  . PRO A 1 74  ? 0.537   3.161   -6.919  1.00 10.90 ? 74  PRO A CG  1 
ATOM   551 C  CD  . PRO A 1 74  ? -0.248  3.083   -8.191  1.00 13.60 ? 74  PRO A CD  1 
ATOM   552 N  N   . LYS A 1 75  ? -0.771  6.831   -8.166  1.00 15.80 ? 75  LYS A N   1 
ATOM   553 C  CA  . LYS A 1 75  ? -0.731  8.259   -8.398  1.00 12.50 ? 75  LYS A CA  1 
ATOM   554 C  C   . LYS A 1 75  ? -2.167  8.754   -8.533  1.00 16.10 ? 75  LYS A C   1 
ATOM   555 O  O   . LYS A 1 75  ? -2.510  9.832   -7.940  1.00 19.90 ? 75  LYS A O   1 
ATOM   556 C  CB  . LYS A 1 75  ? 0.066   8.898   -9.586  1.00 20.70 ? 75  LYS A CB  1 
ATOM   557 N  N   . ALA A 1 76  ? -3.047  8.134   -9.281  1.00 18.00 ? 76  ALA A N   1 
ATOM   558 C  CA  . ALA A 1 76  ? -4.487  8.549   -9.363  1.00 15.40 ? 76  ALA A CA  1 
ATOM   559 C  C   . ALA A 1 76  ? -5.177  8.420   -7.977  1.00 14.20 ? 76  ALA A C   1 
ATOM   560 O  O   . ALA A 1 76  ? -5.851  9.305   -7.521  1.00 18.60 ? 76  ALA A O   1 
ATOM   561 C  CB  . ALA A 1 76  ? -5.107  7.818   -10.545 1.00 12.90 ? 76  ALA A CB  1 
ATOM   562 N  N   . PHE A 1 77  ? -4.821  7.291   -7.252  1.00 18.10 ? 77  PHE A N   1 
ATOM   563 C  CA  . PHE A 1 77  ? -5.338  7.199   -5.973  1.00 14.00 ? 77  PHE A CA  1 
ATOM   564 C  C   . PHE A 1 77  ? -4.980  8.471   -5.220  1.00 13.60 ? 77  PHE A C   1 
ATOM   565 O  O   . PHE A 1 77  ? -5.888  8.935   -4.534  1.00 14.50 ? 77  PHE A O   1 
ATOM   566 C  CB  . PHE A 1 77  ? -4.963  5.952   -5.265  1.00 12.20 ? 77  PHE A CB  1 
ATOM   567 C  CG  . PHE A 1 77  ? -5.661  5.620   -3.993  1.00 12.20 ? 77  PHE A CG  1 
ATOM   568 C  CD1 . PHE A 1 77  ? -5.214  5.975   -2.721  1.00 15.00 ? 77  PHE A CD1 1 
ATOM   569 C  CD2 . PHE A 1 77  ? -6.901  4.925   -4.035  1.00 13.10 ? 77  PHE A CD2 1 
ATOM   570 C  CE1 . PHE A 1 77  ? -5.815  5.674   -1.511  1.00 11.30 ? 77  PHE A CE1 1 
ATOM   571 C  CE2 . PHE A 1 77  ? -7.498  4.501   -2.840  1.00 14.80 ? 77  PHE A CE2 1 
ATOM   572 C  CZ  . PHE A 1 77  ? -6.893  4.891   -1.613  1.00 10.40 ? 77  PHE A CZ  1 
ATOM   573 N  N   . VAL A 1 78  ? -3.745  8.802   -4.897  1.00 14.10 ? 78  VAL A N   1 
ATOM   574 C  CA  . VAL A 1 78  ? -3.377  9.893   -3.971  1.00 9.10  ? 78  VAL A CA  1 
ATOM   575 C  C   . VAL A 1 78  ? -3.905  11.231  -4.591  1.00 14.40 ? 78  VAL A C   1 
ATOM   576 O  O   . VAL A 1 78  ? -4.216  11.963  -3.652  1.00 15.20 ? 78  VAL A O   1 
ATOM   577 C  CB  . VAL A 1 78  ? -1.930  9.817   -3.721  1.00 13.20 ? 78  VAL A CB  1 
ATOM   578 C  CG1 . VAL A 1 78  ? -0.966  10.801  -3.876  1.00 23.60 ? 78  VAL A CG1 1 
ATOM   579 C  CG2 . VAL A 1 78  ? -1.561  8.466   -3.163  1.00 13.80 ? 78  VAL A CG2 1 
ATOM   580 N  N   . LEU A 1 79  ? -4.083  11.425  -5.764  1.00 14.10 ? 79  LEU A N   1 
ATOM   581 C  CA  . LEU A 1 79  ? -4.805  12.680  -6.153  1.00 16.20 ? 79  LEU A CA  1 
ATOM   582 C  C   . LEU A 1 79  ? -6.179  12.747  -5.648  1.00 17.60 ? 79  LEU A C   1 
ATOM   583 O  O   . LEU A 1 79  ? -6.649  13.751  -5.112  1.00 18.40 ? 79  LEU A O   1 
ATOM   584 C  CB  . LEU A 1 79  ? -4.829  12.713  -7.720  1.00 21.10 ? 79  LEU A CB  1 
ATOM   585 C  CG  . LEU A 1 79  ? -4.052  13.513  -8.741  1.00 28.70 ? 79  LEU A CG  1 
ATOM   586 C  CD1 . LEU A 1 79  ? -3.341  14.663  -8.067  1.00 29.00 ? 79  LEU A CD1 1 
ATOM   587 C  CD2 . LEU A 1 79  ? -3.149  13.059  -9.846  1.00 22.80 ? 79  LEU A CD2 1 
ATOM   588 N  N   . GLU A 1 80  ? -6.885  11.669  -5.979  1.00 18.70 ? 80  GLU A N   1 
ATOM   589 C  CA  . GLU A 1 80  ? -8.308  11.502  -5.672  1.00 15.70 ? 80  GLU A CA  1 
ATOM   590 C  C   . GLU A 1 80  ? -8.535  11.664  -4.208  1.00 22.10 ? 80  GLU A C   1 
ATOM   591 O  O   . GLU A 1 80  ? -9.348  12.500  -3.727  1.00 19.60 ? 80  GLU A O   1 
ATOM   592 C  CB  . GLU A 1 80  ? -9.007  10.234  -6.264  1.00 19.50 ? 80  GLU A CB  1 
ATOM   593 C  CG  . GLU A 1 80  ? -10.363 9.685   -5.970  1.00 19.80 ? 80  GLU A CG  1 
ATOM   594 C  CD  . GLU A 1 80  ? -10.975 8.560   -6.854  1.00 21.80 ? 80  GLU A CD  1 
ATOM   595 N  N   . LYS A 1 81  ? -7.981  10.920  -3.366  1.00 12.80 ? 81  LYS A N   1 
ATOM   596 C  CA  . LYS A 1 81  ? -8.270  10.738  -1.937  1.00 13.00 ? 81  LYS A CA  1 
ATOM   597 C  C   . LYS A 1 81  ? -7.658  11.798  -1.096  1.00 18.30 ? 81  LYS A C   1 
ATOM   598 O  O   . LYS A 1 81  ? -8.151  12.078  -0.040  1.00 20.00 ? 81  LYS A O   1 
ATOM   599 C  CB  . LYS A 1 81  ? -7.851  9.280   -1.561  1.00 11.00 ? 81  LYS A CB  1 
ATOM   600 C  CG  . LYS A 1 81  ? -8.806  8.275   -2.238  1.00 15.70 ? 81  LYS A CG  1 
ATOM   601 C  CD  . LYS A 1 81  ? -10.252 8.091   -1.764  1.00 21.50 ? 81  LYS A CD  1 
ATOM   602 C  CE  . LYS A 1 81  ? -11.136 7.206   -2.610  1.00 25.80 ? 81  LYS A CE  1 
ATOM   603 N  NZ  . LYS A 1 81  ? -11.973 6.382   -1.441  1.00 38.90 ? 81  LYS A NZ  1 
ATOM   604 N  N   . SER A 1 82  ? -6.552  12.469  -1.505  1.00 13.80 ? 82  SER A N   1 
ATOM   605 C  CA  . SER A 1 82  ? -5.950  13.591  -0.763  1.00 15.80 ? 82  SER A CA  1 
ATOM   606 C  C   . SER A 1 82  ? -6.794  14.890  -1.191  1.00 21.30 ? 82  SER A C   1 
ATOM   607 O  O   . SER A 1 82  ? -6.807  15.652  -0.273  1.00 26.00 ? 82  SER A O   1 
ATOM   608 C  CB  . SER A 1 82  ? -4.460  13.914  -1.161  1.00 16.20 ? 82  SER A CB  1 
ATOM   609 O  OG  . SER A 1 82  ? -4.168  14.401  -2.401  1.00 16.30 ? 82  SER A OG  1 
ATOM   610 N  N   . GLY A 1 83  ? -7.216  15.037  -2.371  1.00 20.80 ? 83  GLY A N   1 
ATOM   611 C  CA  . GLY A 1 83  ? -7.902  16.294  -2.801  1.00 22.20 ? 83  GLY A CA  1 
ATOM   612 C  C   . GLY A 1 83  ? -6.928  17.364  -2.890  1.00 27.30 ? 83  GLY A C   1 
ATOM   613 O  O   . GLY A 1 83  ? -7.313  18.551  -2.917  1.00 22.30 ? 83  GLY A O   1 
ATOM   614 N  N   . ASP A 1 84  ? -5.672  16.987  -3.046  1.00 22.10 ? 84  ASP A N   1 
ATOM   615 C  CA  . ASP A 1 84  ? -4.563  17.972  -3.240  1.00 23.80 ? 84  ASP A CA  1 
ATOM   616 C  C   . ASP A 1 84  ? -4.192  17.856  -4.705  1.00 24.90 ? 84  ASP A C   1 
ATOM   617 O  O   . ASP A 1 84  ? -3.894  16.754  -5.166  1.00 23.10 ? 84  ASP A O   1 
ATOM   618 C  CB  . ASP A 1 84  ? -3.455  17.648  -2.319  1.00 20.10 ? 84  ASP A CB  1 
ATOM   619 C  CG  . ASP A 1 84  ? -2.325  18.613  -2.386  1.00 28.60 ? 84  ASP A CG  1 
ATOM   620 O  OD1 . ASP A 1 84  ? -2.300  19.244  -3.468  1.00 27.90 ? 84  ASP A OD1 1 
ATOM   621 O  OD2 . ASP A 1 84  ? -1.521  18.940  -1.434  1.00 35.20 ? 84  ASP A OD2 1 
ATOM   622 N  N   . PRO A 1 85  ? -4.394  18.938  -5.550  1.00 27.80 ? 85  PRO A N   1 
ATOM   623 C  CA  . PRO A 1 85  ? -4.079  18.680  -7.051  1.00 29.00 ? 85  PRO A CA  1 
ATOM   624 C  C   . PRO A 1 85  ? -2.464  18.542  -7.338  1.00 19.60 ? 85  PRO A C   1 
ATOM   625 O  O   . PRO A 1 85  ? -2.314  18.198  -8.518  1.00 29.90 ? 85  PRO A O   1 
ATOM   626 C  CB  . PRO A 1 85  ? -4.786  19.855  -7.902  1.00 23.30 ? 85  PRO A CB  1 
ATOM   627 C  CG  . PRO A 1 85  ? -4.471  21.016  -6.840  1.00 20.20 ? 85  PRO A CG  1 
ATOM   628 C  CD  . PRO A 1 85  ? -5.098  20.256  -5.571  1.00 19.50 ? 85  PRO A CD  1 
ATOM   629 N  N   . LYS A 1 86  ? -1.793  18.980  -6.329  1.00 21.10 ? 86  LYS A N   1 
ATOM   630 C  CA  . LYS A 1 86  ? -0.305  18.943  -6.685  1.00 21.00 ? 86  LYS A CA  1 
ATOM   631 C  C   . LYS A 1 86  ? 0.253   17.627  -5.954  1.00 24.90 ? 86  LYS A C   1 
ATOM   632 O  O   . LYS A 1 86  ? 1.399   17.502  -5.737  1.00 25.40 ? 86  LYS A O   1 
ATOM   633 C  CB  . LYS A 1 86  ? 0.260   20.350  -6.469  1.00 21.50 ? 86  LYS A CB  1 
ATOM   634 C  CG  . LYS A 1 86  ? 0.306   21.830  -6.796  1.00 32.80 ? 86  LYS A CG  1 
ATOM   635 N  N   . ALA A 1 87  ? -0.639  16.635  -5.634  1.00 16.10 ? 87  ALA A N   1 
ATOM   636 C  CA  . ALA A 1 87  ? -0.230  15.398  -4.932  1.00 20.40 ? 87  ALA A CA  1 
ATOM   637 C  C   . ALA A 1 87  ? 0.808   14.623  -5.751  1.00 15.40 ? 87  ALA A C   1 
ATOM   638 O  O   . ALA A 1 87  ? 0.634   14.322  -6.899  1.00 17.40 ? 87  ALA A O   1 
ATOM   639 C  CB  . ALA A 1 87  ? -1.491  14.557  -4.474  1.00 18.40 ? 87  ALA A CB  1 
ATOM   640 N  N   . LYS A 1 88  ? 1.875   14.125  -5.051  1.00 15.10 ? 88  LYS A N   1 
ATOM   641 C  CA  . LYS A 1 88  ? 2.929   13.360  -5.610  1.00 17.80 ? 88  LYS A CA  1 
ATOM   642 C  C   . LYS A 1 88  ? 2.824   11.987  -4.935  1.00 16.50 ? 88  LYS A C   1 
ATOM   643 O  O   . LYS A 1 88  ? 2.385   11.763  -3.823  1.00 15.20 ? 88  LYS A O   1 
ATOM   644 C  CB  . LYS A 1 88  ? 4.192   14.060  -5.306  1.00 31.10 ? 88  LYS A CB  1 
ATOM   645 N  N   . SER A 1 89  ? 3.318   10.900  -5.510  1.00 16.70 ? 89  SER A N   1 
ATOM   646 C  CA  . SER A 1 89  ? 3.443   9.584   -4.967  1.00 11.60 ? 89  SER A CA  1 
ATOM   647 C  C   . SER A 1 89  ? 4.818   9.129   -5.425  1.00 10.70 ? 89  SER A C   1 
ATOM   648 O  O   . SER A 1 89  ? 5.058   9.072   -6.656  1.00 16.90 ? 89  SER A O   1 
ATOM   649 C  CB  . SER A 1 89  ? 2.465   8.557   -5.490  1.00 12.20 ? 89  SER A CB  1 
ATOM   650 O  OG  . SER A 1 89  ? 2.570   7.288   -4.873  1.00 15.00 ? 89  SER A OG  1 
ATOM   651 N  N   . LYS A 1 90  ? 5.724   8.640   -4.576  1.00 13.10 ? 90  LYS A N   1 
ATOM   652 C  CA  . LYS A 1 90  ? 7.004   8.032   -5.033  1.00 11.20 ? 90  LYS A CA  1 
ATOM   653 C  C   . LYS A 1 90  ? 6.796   6.625   -5.412  1.00 14.20 ? 90  LYS A C   1 
ATOM   654 O  O   . LYS A 1 90  ? 7.726   6.041   -5.956  1.00 12.50 ? 90  LYS A O   1 
ATOM   655 C  CB  . LYS A 1 90  ? 7.933   8.042   -3.788  1.00 10.10 ? 90  LYS A CB  1 
ATOM   656 C  CG  . LYS A 1 90  ? 8.476   9.426   -3.668  1.00 17.60 ? 90  LYS A CG  1 
ATOM   657 C  CD  . LYS A 1 90  ? 9.245   9.986   -2.590  1.00 14.60 ? 90  LYS A CD  1 
ATOM   658 C  CE  . LYS A 1 90  ? 8.773   10.146  -1.210  1.00 24.80 ? 90  LYS A CE  1 
ATOM   659 N  NZ  . LYS A 1 90  ? 9.797   10.998  -0.247  1.00 24.70 ? 90  LYS A NZ  1 
ATOM   660 N  N   . MET A 1 91  ? 5.623   5.975   -5.264  1.00 8.10  ? 91  MET A N   1 
ATOM   661 C  CA  . MET A 1 91  ? 5.390   4.619   -5.705  1.00 11.60 ? 91  MET A CA  1 
ATOM   662 C  C   . MET A 1 91  ? 5.326   4.334   -7.265  1.00 22.10 ? 91  MET A C   1 
ATOM   663 O  O   . MET A 1 91  ? 6.459   3.782   -7.961  1.00 26.80 ? 91  MET A O   1 
ATOM   664 C  CB  . MET A 1 91  ? 4.487   3.820   -4.852  1.00 9.60  ? 91  MET A CB  1 
ATOM   665 C  CG  . MET A 1 91  ? 4.154   2.491   -5.442  1.00 6.40  ? 91  MET A CG  1 
ATOM   666 S  SD  . MET A 1 91  ? 3.350   1.533   -4.052  1.00 8.90  ? 91  MET A SD  1 
ATOM   667 C  CE  . MET A 1 91  ? 2.613   0.282   -5.064  1.00 7.40  ? 91  MET A CE  1 
ATOM   668 N  N   . THR A 1 92  ? 4.232   4.741   -7.734  1.00 17.50 ? 92  THR A N   1 
ATOM   669 C  CA  . THR A 1 92  ? 4.243   4.490   -9.296  1.00 22.50 ? 92  THR A CA  1 
ATOM   670 C  C   . THR A 1 92  ? 4.091   3.094   -9.727  1.00 26.10 ? 92  THR A C   1 
ATOM   671 O  O   . THR A 1 92  ? 3.170   3.095   -10.613 1.00 25.00 ? 92  THR A O   1 
ATOM   672 C  CB  . THR A 1 92  ? 5.390   5.200   -10.311 1.00 23.50 ? 92  THR A CB  1 
ATOM   673 N  N   . PHE A 1 93  ? 4.788   2.058   -9.494  1.00 20.80 ? 93  PHE A N   1 
ATOM   674 C  CA  . PHE A 1 93  ? 4.518   0.668   -9.815  1.00 16.60 ? 93  PHE A CA  1 
ATOM   675 C  C   . PHE A 1 93  ? 3.001   0.337   -9.737  1.00 13.60 ? 93  PHE A C   1 
ATOM   676 O  O   . PHE A 1 93  ? 2.564   0.654   -8.644  1.00 22.20 ? 93  PHE A O   1 
ATOM   677 C  CB  . PHE A 1 93  ? 5.213   -0.324  -8.820  1.00 15.10 ? 93  PHE A CB  1 
ATOM   678 C  CG  . PHE A 1 93  ? 4.978   -1.800  -9.006  1.00 8.60  ? 93  PHE A CG  1 
ATOM   679 C  CD1 . PHE A 1 93  ? 4.089   -2.548  -8.346  1.00 9.40  ? 93  PHE A CD1 1 
ATOM   680 C  CD2 . PHE A 1 93  ? 5.754   -2.324  -10.040 1.00 15.40 ? 93  PHE A CD2 1 
ATOM   681 C  CE1 . PHE A 1 93  ? 3.782   -3.891  -8.690  1.00 16.80 ? 93  PHE A CE1 1 
ATOM   682 C  CE2 . PHE A 1 93  ? 5.614   -3.719  -10.284 1.00 21.70 ? 93  PHE A CE2 1 
ATOM   683 C  CZ  . PHE A 1 93  ? 4.582   -4.481  -9.588  1.00 15.90 ? 93  PHE A CZ  1 
ATOM   684 N  N   . LYS A 1 94  ? 2.317   -0.305  -10.601 1.00 12.50 ? 94  LYS A N   1 
ATOM   685 C  CA  . LYS A 1 94  ? 0.979   -0.724  -10.552 1.00 14.20 ? 94  LYS A CA  1 
ATOM   686 C  C   . LYS A 1 94  ? 0.811   -2.280  -10.734 1.00 18.00 ? 94  LYS A C   1 
ATOM   687 O  O   . LYS A 1 94  ? 1.507   -2.896  -11.571 1.00 15.70 ? 94  LYS A O   1 
ATOM   688 C  CB  . LYS A 1 94  ? 0.361   -0.202  -11.959 1.00 15.00 ? 94  LYS A CB  1 
ATOM   689 C  CG  . LYS A 1 94  ? 0.488   1.204   -12.149 1.00 19.80 ? 94  LYS A CG  1 
ATOM   690 C  CD  . LYS A 1 94  ? -0.123  1.644   -13.510 1.00 19.80 ? 94  LYS A CD  1 
ATOM   691 C  CE  . LYS A 1 94  ? 0.957   2.514   -14.015 1.00 30.90 ? 94  LYS A CE  1 
ATOM   692 N  NZ  . LYS A 1 94  ? 0.628   3.917   -13.460 1.00 31.10 ? 94  LYS A NZ  1 
ATOM   693 N  N   . LEU A 1 95  ? -0.204  -2.846  -10.105 1.00 13.60 ? 95  LEU A N   1 
ATOM   694 C  CA  . LEU A 1 95  ? -0.725  -4.158  -10.442 1.00 15.20 ? 95  LEU A CA  1 
ATOM   695 C  C   . LEU A 1 95  ? -1.890  -3.957  -11.449 1.00 17.90 ? 95  LEU A C   1 
ATOM   696 O  O   . LEU A 1 95  ? -2.745  -3.135  -11.171 1.00 21.80 ? 95  LEU A O   1 
ATOM   697 C  CB  . LEU A 1 95  ? -1.016  -4.963  -9.212  1.00 20.50 ? 95  LEU A CB  1 
ATOM   698 C  CG  . LEU A 1 95  ? -0.094  -5.698  -8.377  1.00 14.30 ? 95  LEU A CG  1 
ATOM   699 C  CD1 . LEU A 1 95  ? -0.802  -6.334  -7.309  1.00 11.80 ? 95  LEU A CD1 1 
ATOM   700 C  CD2 . LEU A 1 95  ? 0.729   -6.639  -9.206  1.00 13.10 ? 95  LEU A CD2 1 
ATOM   701 N  N   . THR A 1 96  ? -1.952  -4.715  -12.592 1.00 20.00 ? 96  THR A N   1 
ATOM   702 C  CA  . THR A 1 96  ? -3.046  -4.477  -13.511 1.00 22.40 ? 96  THR A CA  1 
ATOM   703 C  C   . THR A 1 96  ? -3.933  -5.701  -13.467 1.00 22.70 ? 96  THR A C   1 
ATOM   704 O  O   . THR A 1 96  ? -5.146  -5.440  -13.852 1.00 35.90 ? 96  THR A O   1 
ATOM   705 C  CB  . THR A 1 96  ? -2.633  -4.245  -14.950 1.00 21.20 ? 96  THR A CB  1 
ATOM   706 O  OG1 . THR A 1 96  ? -2.014  -5.371  -15.426 1.00 29.90 ? 96  THR A OG1 1 
ATOM   707 C  CG2 . THR A 1 96  ? -1.629  -3.043  -15.098 1.00 24.50 ? 96  THR A CG2 1 
ATOM   708 N  N   . LYS A 1 97  ? -3.732  -6.824  -12.932 1.00 15.80 ? 97  LYS A N   1 
ATOM   709 C  CA  . LYS A 1 97  ? -4.658  -7.938  -13.108 1.00 15.10 ? 97  LYS A CA  1 
ATOM   710 C  C   . LYS A 1 97  ? -5.464  -8.028  -11.919 1.00 25.80 ? 97  LYS A C   1 
ATOM   711 O  O   . LYS A 1 97  ? -4.916  -8.134  -10.853 1.00 19.40 ? 97  LYS A O   1 
ATOM   712 C  CB  . LYS A 1 97  ? -4.061  -9.263  -13.374 1.00 19.60 ? 97  LYS A CB  1 
ATOM   713 C  CG  . LYS A 1 97  ? -3.025  -9.416  -14.394 1.00 24.70 ? 97  LYS A CG  1 
ATOM   714 C  CD  . LYS A 1 97  ? -2.614  -10.059 -15.635 1.00 34.80 ? 97  LYS A CD  1 
ATOM   715 C  CE  . LYS A 1 97  ? -1.654  -9.159  -16.477 1.00 34.30 ? 97  LYS A CE  1 
ATOM   716 N  NZ  . LYS A 1 97  ? -0.314  -9.883  -16.003 1.00 41.30 ? 97  LYS A NZ  1 
ATOM   717 N  N   . ASP A 1 98  ? -6.720  -8.171  -11.986 1.00 25.60 ? 98  ASP A N   1 
ATOM   718 C  CA  . ASP A 1 98  ? -7.613  -8.237  -10.838 1.00 22.50 ? 98  ASP A CA  1 
ATOM   719 C  C   . ASP A 1 98  ? -7.375  -9.427  -9.934  1.00 16.00 ? 98  ASP A C   1 
ATOM   720 O  O   . ASP A 1 98  ? -7.488  -9.285  -8.666  1.00 19.50 ? 98  ASP A O   1 
ATOM   721 C  CB  . ASP A 1 98  ? -9.139  -8.068  -11.467 1.00 27.00 ? 98  ASP A CB  1 
ATOM   722 C  CG  . ASP A 1 98  ? -9.404  -6.435  -11.448 1.00 36.00 ? 98  ASP A CG  1 
ATOM   723 O  OD1 . ASP A 1 98  ? -8.934  -5.438  -10.916 1.00 34.60 ? 98  ASP A OD1 1 
ATOM   724 O  OD2 . ASP A 1 98  ? -10.318 -6.428  -12.352 1.00 44.80 ? 98  ASP A OD2 1 
ATOM   725 N  N   . ASP A 1 99  ? -6.986  -10.526 -10.467 1.00 19.10 ? 99  ASP A N   1 
ATOM   726 C  CA  . ASP A 1 99  ? -6.867  -11.703 -9.599  1.00 17.30 ? 99  ASP A CA  1 
ATOM   727 C  C   . ASP A 1 99  ? -5.704  -11.365 -8.670  1.00 20.00 ? 99  ASP A C   1 
ATOM   728 O  O   . ASP A 1 99  ? -5.708  -11.743 -7.600  1.00 17.00 ? 99  ASP A O   1 
ATOM   729 C  CB  . ASP A 1 99  ? -6.768  -12.937 -10.391 1.00 21.20 ? 99  ASP A CB  1 
ATOM   730 C  CG  . ASP A 1 99  ? -5.482  -13.110 -11.252 1.00 32.90 ? 99  ASP A CG  1 
ATOM   731 O  OD1 . ASP A 1 99  ? -4.687  -14.067 -10.736 1.00 38.00 ? 99  ASP A OD1 1 
ATOM   732 O  OD2 . ASP A 1 99  ? -4.836  -12.753 -12.425 1.00 39.80 ? 99  ASP A OD2 1 
ATOM   733 N  N   . GLU A 1 100 ? -4.566  -10.881 -9.329  1.00 14.50 ? 100 GLU A N   1 
ATOM   734 C  CA  . GLU A 1 100 ? -3.380  -10.478 -8.585  1.00 14.60 ? 100 GLU A CA  1 
ATOM   735 C  C   . GLU A 1 100 ? -3.641  -9.558  -7.486  1.00 11.30 ? 100 GLU A C   1 
ATOM   736 O  O   . GLU A 1 100 ? -3.094  -9.640  -6.390  1.00 15.40 ? 100 GLU A O   1 
ATOM   737 C  CB  . GLU A 1 100 ? -2.198  -9.930  -9.421  1.00 7.90  ? 100 GLU A CB  1 
ATOM   738 C  CG  . GLU A 1 100 ? -1.629  -11.042 -10.323 1.00 13.40 ? 100 GLU A CG  1 
ATOM   739 C  CD  . GLU A 1 100 ? -0.474  -10.685 -11.140 1.00 15.50 ? 100 GLU A CD  1 
ATOM   740 O  OE1 . GLU A 1 100 ? 0.247   -11.421 -11.857 1.00 22.40 ? 100 GLU A OE1 1 
ATOM   741 O  OE2 . GLU A 1 100 ? -0.015  -9.466  -10.939 1.00 17.00 ? 100 GLU A OE2 1 
ATOM   742 N  N   . ILE A 1 101 ? -4.520  -8.531  -7.653  1.00 11.80 ? 101 ILE A N   1 
ATOM   743 C  CA  . ILE A 1 101 ? -4.801  -7.557  -6.692  1.00 11.20 ? 101 ILE A CA  1 
ATOM   744 C  C   . ILE A 1 101 ? -5.436  -8.228  -5.500  1.00 11.50 ? 101 ILE A C   1 
ATOM   745 O  O   . ILE A 1 101 ? -5.164  -7.926  -4.344  1.00 15.30 ? 101 ILE A O   1 
ATOM   746 C  CB  . ILE A 1 101 ? -5.667  -6.494  -7.455  1.00 13.10 ? 101 ILE A CB  1 
ATOM   747 C  CG1 . ILE A 1 101 ? -4.800  -5.600  -8.350  1.00 12.20 ? 101 ILE A CG1 1 
ATOM   748 C  CG2 . ILE A 1 101 ? -6.262  -5.496  -6.396  1.00 14.20 ? 101 ILE A CG2 1 
ATOM   749 C  CD1 . ILE A 1 101 ? -5.592  -4.642  -9.228  1.00 19.10 ? 101 ILE A CD1 1 
ATOM   750 N  N   . GLU A 1 102 ? -6.553  -8.971  -5.880  1.00 14.30 ? 102 GLU A N   1 
ATOM   751 C  CA  . GLU A 1 102 ? -7.338  -9.614  -4.767  1.00 12.00 ? 102 GLU A CA  1 
ATOM   752 C  C   . GLU A 1 102 ? -6.404  -10.571 -3.964  1.00 15.10 ? 102 GLU A C   1 
ATOM   753 O  O   . GLU A 1 102 ? -6.473  -10.613 -2.758  1.00 15.10 ? 102 GLU A O   1 
ATOM   754 C  CB  . GLU A 1 102 ? -8.564  -10.301 -5.448  1.00 15.80 ? 102 GLU A CB  1 
ATOM   755 N  N   . ASN A 1 103 ? -5.568  -11.384 -4.599  1.00 13.60 ? 103 ASN A N   1 
ATOM   756 C  CA  . ASN A 1 103 ? -4.628  -12.307 -3.953  1.00 7.20  ? 103 ASN A CA  1 
ATOM   757 C  C   . ASN A 1 103 ? -3.644  -11.509 -3.102  1.00 11.70 ? 103 ASN A C   1 
ATOM   758 O  O   . ASN A 1 103 ? -3.423  -11.959 -1.935  1.00 12.40 ? 103 ASN A O   1 
ATOM   759 C  CB  . ASN A 1 103 ? -3.991  -13.056 -5.084  1.00 9.50  ? 103 ASN A CB  1 
ATOM   760 C  CG  . ASN A 1 103 ? -4.931  -14.109 -5.758  1.00 15.40 ? 103 ASN A CG  1 
ATOM   761 O  OD1 . ASN A 1 103 ? -6.095  -14.389 -5.295  1.00 18.00 ? 103 ASN A OD1 1 
ATOM   762 N  ND2 . ASN A 1 103 ? -4.429  -14.801 -6.760  1.00 19.10 ? 103 ASN A ND2 1 
ATOM   763 N  N   . VAL A 1 104 ? -2.969  -10.523 -3.597  1.00 11.40 ? 104 VAL A N   1 
ATOM   764 C  CA  . VAL A 1 104 ? -1.989  -9.716  -2.758  1.00 6.50  ? 104 VAL A CA  1 
ATOM   765 C  C   . VAL A 1 104 ? -2.605  -9.202  -1.510  1.00 8.30  ? 104 VAL A C   1 
ATOM   766 O  O   . VAL A 1 104 ? -2.014  -9.060  -0.403  1.00 12.40 ? 104 VAL A O   1 
ATOM   767 C  CB  . VAL A 1 104 ? -1.314  -8.457  -3.461  1.00 11.60 ? 104 VAL A CB  1 
ATOM   768 C  CG1 . VAL A 1 104 ? 0.152   -8.519  -2.892  1.00 13.40 ? 104 VAL A CG1 1 
ATOM   769 C  CG2 . VAL A 1 104 ? -1.179  -8.854  -4.800  1.00 25.60 ? 104 VAL A CG2 1 
ATOM   770 N  N   . ILE A 1 105 ? -3.887  -8.735  -1.643  1.00 10.80 ? 105 ILE A N   1 
ATOM   771 C  CA  . ILE A 1 105 ? -4.596  -8.204  -0.487  1.00 8.90  ? 105 ILE A CA  1 
ATOM   772 C  C   . ILE A 1 105 ? -4.897  -9.265  0.521   1.00 5.30  ? 105 ILE A C   1 
ATOM   773 O  O   . ILE A 1 105 ? -4.755  -8.952  1.681   1.00 8.30  ? 105 ILE A O   1 
ATOM   774 C  CB  . ILE A 1 105 ? -6.010  -7.478  -0.958  1.00 10.40 ? 105 ILE A CB  1 
ATOM   775 C  CG1 . ILE A 1 105 ? -5.509  -6.161  -1.696  1.00 14.10 ? 105 ILE A CG1 1 
ATOM   776 C  CG2 . ILE A 1 105 ? -6.729  -7.045  0.333   1.00 12.60 ? 105 ILE A CG2 1 
ATOM   777 C  CD1 . ILE A 1 105 ? -6.462  -5.283  -2.612  1.00 20.00 ? 105 ILE A CD1 1 
ATOM   778 N  N   . ALA A 1 106 ? -5.215  -10.419 0.039   1.00 8.70  ? 106 ALA A N   1 
ATOM   779 C  CA  . ALA A 1 106 ? -5.561  -11.551 0.902   1.00 10.30 ? 106 ALA A CA  1 
ATOM   780 C  C   . ALA A 1 106 ? -4.232  -11.822 1.595   1.00 10.50 ? 106 ALA A C   1 
ATOM   781 O  O   . ALA A 1 106 ? -4.317  -12.078 2.805   1.00 11.60 ? 106 ALA A O   1 
ATOM   782 C  CB  . ALA A 1 106 ? -5.926  -12.708 -0.022  1.00 12.60 ? 106 ALA A CB  1 
ATOM   783 N  N   . TYR A 1 107 ? -3.090  -11.676 0.955   1.00 8.10  ? 107 TYR A N   1 
ATOM   784 C  CA  . TYR A 1 107 ? -1.829  -11.950 1.788   1.00 6.00  ? 107 TYR A CA  1 
ATOM   785 C  C   . TYR A 1 107 ? -1.454  -10.782 2.640   1.00 12.00 ? 107 TYR A C   1 
ATOM   786 O  O   . TYR A 1 107 ? -1.066  -11.114 3.769   1.00 9.20  ? 107 TYR A O   1 
ATOM   787 C  CB  . TYR A 1 107 ? -0.706  -12.111 0.736   1.00 8.00  ? 107 TYR A CB  1 
ATOM   788 C  CG  . TYR A 1 107 ? 0.668   -12.147 1.353   1.00 10.30 ? 107 TYR A CG  1 
ATOM   789 C  CD1 . TYR A 1 107 ? 1.120   -13.207 2.153   1.00 14.00 ? 107 TYR A CD1 1 
ATOM   790 C  CD2 . TYR A 1 107 ? 1.576   -11.068 1.135   1.00 9.70  ? 107 TYR A CD2 1 
ATOM   791 C  CE1 . TYR A 1 107 ? 2.378   -13.084 2.793   1.00 11.00 ? 107 TYR A CE1 1 
ATOM   792 C  CE2 . TYR A 1 107 ? 2.874   -11.028 1.721   1.00 12.40 ? 107 TYR A CE2 1 
ATOM   793 C  CZ  . TYR A 1 107 ? 3.256   -12.099 2.453   1.00 14.80 ? 107 TYR A CZ  1 
ATOM   794 O  OH  . TYR A 1 107 ? 4.573   -12.013 2.983   1.00 15.00 ? 107 TYR A OH  1 
ATOM   795 N  N   . LEU A 1 108 ? -1.731  -9.507  2.393   1.00 8.50  ? 108 LEU A N   1 
ATOM   796 C  CA  . LEU A 1 108 ? -1.448  -8.472  3.299   1.00 7.30  ? 108 LEU A CA  1 
ATOM   797 C  C   . LEU A 1 108 ? -2.389  -8.681  4.607   1.00 11.00 ? 108 LEU A C   1 
ATOM   798 O  O   . LEU A 1 108 ? -1.929  -8.132  5.639   1.00 12.60 ? 108 LEU A O   1 
ATOM   799 C  CB  . LEU A 1 108 ? -1.733  -7.131  2.717   1.00 12.10 ? 108 LEU A CB  1 
ATOM   800 C  CG  . LEU A 1 108 ? -0.749  -6.777  1.632   1.00 7.20  ? 108 LEU A CG  1 
ATOM   801 C  CD1 . LEU A 1 108 ? -1.161  -5.553  0.845   1.00 9.40  ? 108 LEU A CD1 1 
ATOM   802 C  CD2 . LEU A 1 108 ? 0.581   -6.683  2.249   1.00 10.90 ? 108 LEU A CD2 1 
ATOM   803 N  N   . LYS A 1 109 ? -3.504  -9.405  4.462   1.00 9.60  ? 109 LYS A N   1 
ATOM   804 C  CA  . LYS A 1 109 ? -4.262  -9.485  5.629   1.00 7.90  ? 109 LYS A CA  1 
ATOM   805 C  C   . LYS A 1 109 ? -3.683  -10.428 6.568   1.00 10.10 ? 109 LYS A C   1 
ATOM   806 O  O   . LYS A 1 109 ? -4.059  -10.296 7.809   1.00 13.20 ? 109 LYS A O   1 
ATOM   807 C  CB  . LYS A 1 109 ? -5.623  -10.105 5.286   1.00 12.60 ? 109 LYS A CB  1 
ATOM   808 C  CG  . LYS A 1 109 ? -6.547  -9.067  4.535   1.00 13.30 ? 109 LYS A CG  1 
ATOM   809 C  CD  . LYS A 1 109 ? -7.980  -9.835  4.455   1.00 18.10 ? 109 LYS A CD  1 
ATOM   810 C  CE  . LYS A 1 109 ? -8.954  -9.051  3.681   1.00 31.80 ? 109 LYS A CE  1 
ATOM   811 N  NZ  . LYS A 1 109 ? -10.169 -9.911  3.313   1.00 28.60 ? 109 LYS A NZ  1 
ATOM   812 N  N   . THR A 1 110 ? -2.712  -11.249 6.215   1.00 8.80  ? 110 THR A N   1 
ATOM   813 C  CA  . THR A 1 110 ? -2.059  -12.178 7.144   1.00 8.40  ? 110 THR A CA  1 
ATOM   814 C  C   . THR A 1 110 ? -0.953  -11.510 7.983   1.00 9.00  ? 110 THR A C   1 
ATOM   815 O  O   . THR A 1 110 ? -0.460  -12.020 8.953   1.00 10.40 ? 110 THR A O   1 
ATOM   816 C  CB  . THR A 1 110 ? -1.468  -13.311 6.301   1.00 6.80  ? 110 THR A CB  1 
ATOM   817 O  OG1 . THR A 1 110 ? -2.429  -14.058 5.455   1.00 16.40 ? 110 THR A OG1 1 
ATOM   818 C  CG2 . THR A 1 110 ? -0.176  -12.991 5.838   1.00 3.50  ? 110 THR A CG2 1 
ATOM   819 N  N   . LEU A 1 111 ? -0.444  -10.341 7.655   1.00 7.10  ? 111 LEU A N   1 
ATOM   820 C  CA  . LEU A 1 111 ? 0.656   -9.647  8.250   1.00 9.20  ? 111 LEU A CA  1 
ATOM   821 C  C   . LEU A 1 111 ? 0.105   -8.587  9.246   1.00 11.00 ? 111 LEU A C   1 
ATOM   822 O  O   . LEU A 1 111 ? 0.301   -7.389  9.213   1.00 12.60 ? 111 LEU A O   1 
ATOM   823 C  CB  . LEU A 1 111 ? 1.409   -8.835  7.030   1.00 10.00 ? 111 LEU A CB  1 
ATOM   824 C  CG  . LEU A 1 111 ? 1.827   -9.636  5.877   1.00 12.60 ? 111 LEU A CG  1 
ATOM   825 C  CD1 . LEU A 1 111 ? 2.643   -8.617  5.000   1.00 12.90 ? 111 LEU A CD1 1 
ATOM   826 C  CD2 . LEU A 1 111 ? 2.832   -10.802 6.338   1.00 13.40 ? 111 LEU A CD2 1 
ATOM   827 N  N   . LYS A 1 112 ? -0.506  -9.111  10.291  1.00 16.00 ? 112 LYS A N   1 
ATOM   828 C  CA  . LYS A 1 112 ? -1.260  -8.345  11.264  1.00 24.30 ? 112 LYS A CA  1 
ATOM   829 C  C   . LYS A 1 112 ? -2.523  -7.595  10.866  1.00 32.00 ? 112 LYS A C   1 
ATOM   830 O  O   . LYS A 1 112 ? -2.920  -6.186  10.575  1.00 27.50 ? 112 LYS A O   1 
ATOM   831 C  CB  . LYS A 1 112 ? -0.697  -8.774  12.654  1.00 25.20 ? 112 LYS A CB  1 
ATOM   832 O  OXT . LYS A 1 112 ? -3.425  -8.111  10.164  1.00 43.00 ? 112 LYS A OXT 1 
HETATM 833 FE FE  . HEC B 2 .   ? 4.786   0.411   -2.527  1.00 6.30  ? 113 HEC A FE  1 
HETATM 834 C  CHA . HEC B 2 .   ? 4.047   3.025   -0.415  1.00 4.90  ? 113 HEC A CHA 1 
HETATM 835 C  CHB . HEC B 2 .   ? 2.064   -1.321  -1.294  1.00 3.80  ? 113 HEC A CHB 1 
HETATM 836 C  CHC . HEC B 2 .   ? 5.332   -2.110  -4.763  1.00 3.70  ? 113 HEC A CHC 1 
HETATM 837 C  CHD . HEC B 2 .   ? 7.598   1.969   -3.528  1.00 4.80  ? 113 HEC A CHD 1 
HETATM 838 N  NA  . HEC B 2 .   ? 3.344   0.763   -1.143  1.00 6.10  ? 113 HEC A NA  1 
HETATM 839 C  C1A . HEC B 2 .   ? 3.240   1.876   -0.380  1.00 8.00  ? 113 HEC A C1A 1 
HETATM 840 C  C2A . HEC B 2 .   ? 2.050   1.784   0.370   1.00 8.50  ? 113 HEC A C2A 1 
HETATM 841 C  C3A . HEC B 2 .   ? 1.510   0.622   0.152   1.00 6.00  ? 113 HEC A C3A 1 
HETATM 842 C  C4A . HEC B 2 .   ? 2.320   -0.058  -0.804  1.00 4.20  ? 113 HEC A C4A 1 
HETATM 843 C  CMA . HEC B 2 .   ? 0.188   0.031   0.800   1.00 5.10  ? 113 HEC A CMA 1 
HETATM 844 C  CAA . HEC B 2 .   ? 1.437   2.915   1.373   1.00 9.20  ? 113 HEC A CAA 1 
HETATM 845 C  CBA . HEC B 2 .   ? 1.880   2.664   2.869   1.00 7.10  ? 113 HEC A CBA 1 
HETATM 846 C  CGA . HEC B 2 .   ? 1.369   3.750   3.823   1.00 6.70  ? 113 HEC A CGA 1 
HETATM 847 O  O1A . HEC B 2 .   ? 0.518   4.572   3.421   1.00 7.40  ? 113 HEC A O1A 1 
HETATM 848 O  O2A . HEC B 2 .   ? 1.891   3.625   4.951   1.00 7.80  ? 113 HEC A O2A 1 
HETATM 849 N  NB  . HEC B 2 .   ? 3.936   -1.276  -2.978  1.00 3.50  ? 113 HEC A NB  1 
HETATM 850 C  C1B . HEC B 2 .   ? 2.925   -1.960  -2.237  1.00 4.20  ? 113 HEC A C1B 1 
HETATM 851 C  C2B . HEC B 2 .   ? 2.642   -3.210  -2.792  1.00 8.30  ? 113 HEC A C2B 1 
HETATM 852 C  C3B . HEC B 2 .   ? 3.592   -3.451  -3.820  1.00 8.40  ? 113 HEC A C3B 1 
HETATM 853 C  C4B . HEC B 2 .   ? 4.276   -2.242  -3.899  1.00 3.50  ? 113 HEC A C4B 1 
HETATM 854 C  CMB . HEC B 2 .   ? 1.583   -4.232  -2.247  1.00 6.90  ? 113 HEC A CMB 1 
HETATM 855 C  CAB . HEC B 2 .   ? 3.670   -4.637  -4.765  1.00 7.30  ? 113 HEC A CAB 1 
HETATM 856 C  CBB . HEC B 2 .   ? 2.428   -5.122  -5.400  1.00 8.40  ? 113 HEC A CBB 1 
HETATM 857 N  NC  . HEC B 2 .   ? 6.190   0.025   -3.905  1.00 5.90  ? 113 HEC A NC  1 
HETATM 858 C  C1C . HEC B 2 .   ? 6.171   -1.050  -4.720  1.00 7.00  ? 113 HEC A C1C 1 
HETATM 859 C  C2C . HEC B 2 .   ? 7.430   -0.950  -5.597  1.00 5.60  ? 113 HEC A C2C 1 
HETATM 860 C  C3C . HEC B 2 .   ? 8.019   0.193   -5.262  1.00 7.10  ? 113 HEC A C3C 1 
HETATM 861 C  C4C . HEC B 2 .   ? 7.287   0.790   -4.129  1.00 5.70  ? 113 HEC A C4C 1 
HETATM 862 C  CMC . HEC B 2 .   ? 7.701   -1.928  -6.699  1.00 5.60  ? 113 HEC A CMC 1 
HETATM 863 C  CAC . HEC B 2 .   ? 9.299   0.806   -5.750  1.00 14.30 ? 113 HEC A CAC 1 
HETATM 864 C  CBC . HEC B 2 .   ? 9.589   0.774   -7.076  1.00 17.00 ? 113 HEC A CBC 1 
HETATM 865 N  ND  . HEC B 2 .   ? 5.604   2.110   -2.177  1.00 5.00  ? 113 HEC A ND  1 
HETATM 866 C  C1D . HEC B 2 .   ? 6.803   2.661   -2.607  1.00 5.30  ? 113 HEC A C1D 1 
HETATM 867 C  C2D . HEC B 2 .   ? 7.040   3.948   -2.117  1.00 5.50  ? 113 HEC A C2D 1 
HETATM 868 C  C3D . HEC B 2 .   ? 6.096   4.208   -1.172  1.00 8.70  ? 113 HEC A C3D 1 
HETATM 869 C  C4D . HEC B 2 .   ? 5.204   3.086   -1.234  1.00 5.40  ? 113 HEC A C4D 1 
HETATM 870 C  CMD . HEC B 2 .   ? 8.411   4.667   -2.385  1.00 11.00 ? 113 HEC A CMD 1 
HETATM 871 C  CAD . HEC B 2 .   ? 5.920   5.518   -0.411  1.00 5.80  ? 113 HEC A CAD 1 
HETATM 872 C  CBD . HEC B 2 .   ? 5.376   6.573   -1.378  1.00 8.80  ? 113 HEC A CBD 1 
HETATM 873 C  CGD . HEC B 2 .   ? 5.516   8.050   -1.096  1.00 13.60 ? 113 HEC A CGD 1 
HETATM 874 O  O1D . HEC B 2 .   ? 5.568   8.350   0.157   1.00 9.30  ? 113 HEC A O1D 1 
HETATM 875 O  O2D . HEC B 2 .   ? 5.279   8.893   -1.986  1.00 12.10 ? 113 HEC A O2D 1 
HETATM 876 O  O   . HOH C 3 .   ? 4.985   -14.503 4.786   1.00 26.00 ? 120 HOH A O   1 
HETATM 877 O  O   . HOH C 3 .   ? 10.727  -1.614  3.064   1.00 11.60 ? 121 HOH A O   1 
HETATM 878 O  O   . HOH C 3 .   ? 7.408   -3.506  11.174  1.00 14.00 ? 122 HOH A O   1 
HETATM 879 O  O   . HOH C 3 .   ? 7.075   -10.897 10.823  1.00 20.30 ? 123 HOH A O   1 
HETATM 880 O  O   . HOH C 3 .   ? -1.051  -6.057  7.100   1.00 18.20 ? 124 HOH A O   1 
HETATM 881 O  O   . HOH C 3 .   ? 5.877   9.166   8.985   1.00 25.90 ? 125 HOH A O   1 
HETATM 882 O  O   . HOH C 3 .   ? 9.439   0.933   9.448   1.00 13.70 ? 126 HOH A O   1 
HETATM 883 O  O   . HOH C 3 .   ? 3.089   -18.893 -1.326  1.00 27.10 ? 127 HOH A O   1 
HETATM 884 O  O   . HOH C 3 .   ? -11.215 3.704   -2.965  1.00 62.20 ? 128 HOH A O   1 
HETATM 885 O  O   . HOH C 3 .   ? -6.870  20.567  -1.539  1.00 22.10 ? 129 HOH A O   1 
HETATM 886 O  O   . HOH C 3 .   ? -5.213  -19.033 -6.268  1.00 35.10 ? 130 HOH A O   1 
HETATM 887 O  O   . HOH C 3 .   ? -4.337  -21.361 0.193   1.00 30.60 ? 131 HOH A O   1 
HETATM 888 O  O   . HOH C 3 .   ? -8.886  -18.808 -0.134  1.00 27.60 ? 132 HOH A O   1 
HETATM 889 O  O   . HOH C 3 .   ? 6.497   -11.630 0.883   1.00 25.10 ? 133 HOH A O   1 
HETATM 890 O  O   . HOH C 3 .   ? 11.974  -8.648  13.431  1.00 31.50 ? 134 HOH A O   1 
HETATM 891 O  O   . HOH C 3 .   ? 9.352   -1.838  10.242  1.00 12.20 ? 135 HOH A O   1 
HETATM 892 O  O   . HOH C 3 .   ? 15.535  -3.452  10.440  1.00 31.00 ? 136 HOH A O   1 
HETATM 893 O  O   . HOH C 3 .   ? 12.392  0.686   10.057  1.00 23.80 ? 137 HOH A O   1 
HETATM 894 O  O   . HOH C 3 .   ? 15.350  3.874   3.373   1.00 32.70 ? 138 HOH A O   1 
HETATM 895 O  O   . HOH C 3 .   ? 5.558   3.408   12.996  1.00 35.30 ? 139 HOH A O   1 
HETATM 896 O  O   . HOH C 3 .   ? 6.318   11.237  6.611   1.00 28.50 ? 140 HOH A O   1 
HETATM 897 O  O   . HOH C 3 .   ? -13.039 -2.707  2.060   1.00 19.90 ? 141 HOH A O   1 
HETATM 898 O  O   . HOH C 3 .   ? 0.679   -1.654  -6.948  1.00 26.90 ? 142 HOH A O   1 
HETATM 899 O  O   . HOH C 3 .   ? 2.334   14.872  -2.265  1.00 21.50 ? 143 HOH A O   1 
HETATM 900 O  O   . HOH C 3 .   ? -2.568  -13.992 -8.547  1.00 25.10 ? 144 HOH A O   1 
HETATM 901 O  O   . HOH C 3 .   ? 14.396  -6.302  6.940   1.00 35.50 ? 145 HOH A O   1 
HETATM 902 O  O   . HOH C 3 .   ? 16.201  1.082   8.255   1.00 33.40 ? 146 HOH A O   1 
HETATM 903 O  O   . HOH C 3 .   ? -6.314  1.444   11.740  1.00 40.40 ? 147 HOH A O   1 
HETATM 904 O  O   . HOH C 3 .   ? 2.067   7.313   11.275  1.00 39.60 ? 148 HOH A O   1 
HETATM 905 O  O   . HOH C 3 .   ? 8.714   13.808  2.688   1.00 43.30 ? 149 HOH A O   1 
HETATM 906 O  O   . HOH C 3 .   ? -10.274 12.884  10.536  1.00 39.50 ? 150 HOH A O   1 
HETATM 907 O  O   . HOH C 3 .   ? -10.763 4.734   5.006   1.00 29.60 ? 151 HOH A O   1 
HETATM 908 O  O   . HOH C 3 .   ? -3.844  -0.020  -13.402 1.00 36.60 ? 152 HOH A O   1 
HETATM 909 O  O   . HOH C 3 .   ? 0.293   5.516   -10.826 1.00 26.70 ? 153 HOH A O   1 
HETATM 910 O  O   . HOH C 3 .   ? 4.074   11.776  -8.741  1.00 44.50 ? 154 HOH A O   1 
HETATM 911 O  O   . HOH C 3 .   ? 6.511   9.403   -8.817  1.00 41.00 ? 155 HOH A O   1 
HETATM 912 O  O   . HOH C 3 .   ? 8.974   4.230   -8.502  1.00 44.40 ? 156 HOH A O   1 
HETATM 913 O  O   . HOH C 3 .   ? 2.255   -2.864  -14.110 1.00 41.60 ? 157 HOH A O   1 
HETATM 914 O  O   . HOH C 3 .   ? -6.970  -10.406 9.136   1.00 40.50 ? 158 HOH A O   1 
HETATM 915 O  O   . HOH C 3 .   ? -6.878  -10.919 -13.576 1.00 42.80 ? 159 HOH A O   1 
HETATM 916 O  O   . HOH C 3 .   ? 0.488   -12.279 11.347  1.00 42.80 ? 160 HOH A O   1 
HETATM 917 O  O   . HOH C 3 .   ? -2.908  -3.031  11.267  1.00 37.60 ? 161 HOH A O   1 
HETATM 918 O  O   . HOH C 3 .   ? 11.531  -9.135  -6.315  1.00 28.90 ? 162 HOH A O   1 
HETATM 919 O  O   . HOH C 3 .   ? 3.954   -10.653 15.385  1.00 28.40 ? 163 HOH A O   1 
HETATM 920 O  O   . HOH C 3 .   ? 1.875   12.098  8.811   1.00 50.00 ? 164 HOH A O   1 
HETATM 921 O  O   . HOH C 3 .   ? -9.729  -12.505 2.712   1.00 64.10 ? 165 HOH A O   1 
HETATM 922 O  O   . HOH C 3 .   ? 12.593  -6.612  0.748   1.00 58.40 ? 166 HOH A O   1 
HETATM 923 O  O   . HOH C 3 .   ? 10.572  -9.036  3.847   1.00 32.40 ? 167 HOH A O   1 
HETATM 924 O  O   . HOH C 3 .   ? 22.811  -9.153  0.795   1.00 63.00 ? 168 HOH A O   1 
HETATM 925 O  O   . HOH C 3 .   ? 5.048   -12.557 12.006  1.00 56.80 ? 169 HOH A O   1 
HETATM 926 O  O   . HOH C 3 .   ? 7.374   -13.702 18.981  1.00 60.30 ? 170 HOH A O   1 
HETATM 927 O  O   . HOH C 3 .   ? 3.495   -0.224  12.240  1.00 54.90 ? 171 HOH A O   1 
HETATM 928 O  O   . HOH C 3 .   ? 13.693  4.848   7.370   1.00 32.30 ? 172 HOH A O   1 
HETATM 929 O  O   . HOH C 3 .   ? 14.324  1.773   7.800   1.00 51.80 ? 173 HOH A O   1 
HETATM 930 O  O   . HOH C 3 .   ? -6.475  7.493   9.181   1.00 45.30 ? 174 HOH A O   1 
HETATM 931 O  O   . HOH C 3 .   ? 15.110  6.855   8.872   1.00 54.70 ? 175 HOH A O   1 
HETATM 932 O  O   . HOH C 3 .   ? -11.633 17.253  -4.416  1.00 61.10 ? 176 HOH A O   1 
HETATM 933 O  O   . HOH C 3 .   ? -8.632  -7.844  10.368  1.00 56.70 ? 177 HOH A O   1 
HETATM 934 O  O   . HOH C 3 .   ? -0.788  -7.365  -12.387 1.00 54.30 ? 178 HOH A O   1 
HETATM 935 O  O   . HOH C 3 .   ? 8.720   -19.572 -2.284  1.00 54.50 ? 179 HOH A O   1 
HETATM 936 O  O   . HOH C 3 .   ? 2.202   -5.706  -12.642 1.00 34.10 ? 180 HOH A O   1 
HETATM 937 O  O   . HOH C 3 .   ? 18.250  8.728   8.681   1.00 39.70 ? 181 HOH A O   1 
HETATM 938 O  O   . HOH C 3 .   ? 17.581  6.661   8.279   1.00 34.20 ? 182 HOH A O   1 
HETATM 939 O  O   . HOH C 3 .   ? 14.260  12.239  -3.403  1.00 28.60 ? 183 HOH A O   1 
HETATM 940 O  O   . HOH C 3 .   ? 6.455   16.126  -1.274  1.00 46.60 ? 184 HOH A O   1 
HETATM 941 O  O   . HOH C 3 .   ? 4.736   15.551  -6.435  1.00 41.40 ? 185 HOH A O   1 
HETATM 942 O  O   . HOH C 3 .   ? 0.190   20.067  8.281   1.00 46.70 ? 186 HOH A O   1 
HETATM 943 O  O   . HOH C 3 .   ? 17.237  8.194   11.263  1.00 44.40 ? 187 HOH A O   1 
HETATM 944 O  O   . HOH C 3 .   ? -1.805  23.270  -8.658  1.00 49.80 ? 188 HOH A O   1 
HETATM 945 O  O   . HOH C 3 .   ? 5.060   18.316  -6.062  1.00 48.50 ? 189 HOH A O   1 
HETATM 946 O  O   . HOH C 3 .   ? 7.483   1.714   -11.140 1.00 43.60 ? 190 HOH A O   1 
HETATM 947 O  O   . HOH C 3 .   ? -2.656  19.692  3.365   1.00 44.70 ? 191 HOH A O   1 
HETATM 948 O  O   . HOH C 3 .   ? 2.941   -12.413 -11.041 1.00 46.80 ? 192 HOH A O   1 
HETATM 949 O  O   . HOH C 3 .   ? 18.474  5.635   10.711  1.00 47.00 ? 193 HOH A O   1 
HETATM 950 O  O   . HOH C 3 .   ? 12.470  12.505  -2.844  1.00 38.20 ? 194 HOH A O   1 
HETATM 951 O  O   . HOH C 3 .   ? 6.387   3.118   -13.528 1.00 51.10 ? 195 HOH A O   1 
HETATM 952 O  O   . HOH C 3 .   ? -6.399  4.417   -8.543  1.00 50.40 ? 196 HOH A O   1 
HETATM 953 O  O   . HOH C 3 .   ? 10.812  -14.395 -7.120  1.00 45.80 ? 197 HOH A O   1 
HETATM 954 O  O   . HOH C 3 .   ? 20.668  6.014   12.383  1.00 52.50 ? 198 HOH A O   1 
HETATM 955 O  O   . HOH C 3 .   ? 6.835   13.015  -2.986  1.00 45.90 ? 199 HOH A O   1 
HETATM 956 O  O   . HOH C 3 .   ? -10.340 18.987  -1.091  1.00 46.40 ? 200 HOH A O   1 
HETATM 957 O  O   . HOH C 3 .   ? -1.537  6.748   -12.656 1.00 55.70 ? 201 HOH A O   1 
HETATM 958 O  O   . HOH C 3 .   ? 1.029   12.139  -9.591  1.00 50.30 ? 202 HOH A O   1 
HETATM 959 O  O   . HOH C 3 .   ? -5.491  20.730  3.559   1.00 42.30 ? 203 HOH A O   1 
HETATM 960 O  O   . HOH C 3 .   ? 4.895   18.786  -9.468  1.00 50.00 ? 204 HOH A O   1 
HETATM 961 O  O   . HOH C 3 .   ? 10.548  -15.071 -1.808  1.00 43.70 ? 205 HOH A O   1 
HETATM 962 O  O   . HOH C 3 .   ? 7.482   16.779  -7.467  1.00 43.40 ? 206 HOH A O   1 
# 
